data_8JNN
# 
_entry.id   8JNN 
# 
_audit_conform.dict_name       mmcif_pdbx.dic 
_audit_conform.dict_version    5.395 
_audit_conform.dict_location   http://mmcif.pdb.org/dictionaries/ascii/mmcif_pdbx.dic 
# 
loop_
_database_2.database_id 
_database_2.database_code 
_database_2.pdbx_database_accession 
_database_2.pdbx_DOI 
PDB   8JNN         pdb_00008jnn 10.2210/pdb8jnn/pdb 
WWPDB D_1300038339 ?            ?                   
EMDB  EMD-33605    ?            ?                   
# 
loop_
_pdbx_audit_revision_history.ordinal 
_pdbx_audit_revision_history.data_content_type 
_pdbx_audit_revision_history.major_revision 
_pdbx_audit_revision_history.minor_revision 
_pdbx_audit_revision_history.revision_date 
1 'Structure model' 1 0 2023-08-02 
2 'Structure model' 1 1 2024-07-03 
# 
_pdbx_audit_revision_details.ordinal             1 
_pdbx_audit_revision_details.revision_ordinal    1 
_pdbx_audit_revision_details.data_content_type   'Structure model' 
_pdbx_audit_revision_details.provider            repository 
_pdbx_audit_revision_details.type                'Initial release' 
_pdbx_audit_revision_details.description         ? 
_pdbx_audit_revision_details.details             ? 
# 
_pdbx_audit_revision_group.ordinal             1 
_pdbx_audit_revision_group.revision_ordinal    2 
_pdbx_audit_revision_group.data_content_type   'Structure model' 
_pdbx_audit_revision_group.group               'Data collection' 
# 
loop_
_pdbx_audit_revision_category.ordinal 
_pdbx_audit_revision_category.revision_ordinal 
_pdbx_audit_revision_category.data_content_type 
_pdbx_audit_revision_category.category 
1 2 'Structure model' chem_comp_atom 
2 2 'Structure model' chem_comp_bond 
# 
_pdbx_database_status.status_code                     REL 
_pdbx_database_status.status_code_sf                  ? 
_pdbx_database_status.status_code_mr                  ? 
_pdbx_database_status.entry_id                        8JNN 
_pdbx_database_status.recvd_initial_deposition_date   2023-06-06 
_pdbx_database_status.SG_entry                        N 
_pdbx_database_status.deposit_site                    PDBJ 
_pdbx_database_status.process_site                    PDBJ 
_pdbx_database_status.status_code_cs                  ? 
_pdbx_database_status.status_code_nmr_data            ? 
_pdbx_database_status.methods_development_category    ? 
_pdbx_database_status.pdb_format_compatible           Y 
# 
_pdbx_database_related.db_name        EMDB 
_pdbx_database_related.details        . 
_pdbx_database_related.db_id          EMD-33605 
_pdbx_database_related.content_type   'associated EM volume' 
# 
_pdbx_contact_author.id                 2 
_pdbx_contact_author.email              youxin0927@126.com 
_pdbx_contact_author.name_first         Xin 
_pdbx_contact_author.name_last          You 
_pdbx_contact_author.name_mi            ? 
_pdbx_contact_author.role               'principal investigator/group leader' 
_pdbx_contact_author.identifier_ORCID   0000-0002-9181-8646 
# 
loop_
_audit_author.name 
_audit_author.pdbx_ordinal 
_audit_author.identifier_ORCID 
'You, X.'    1 ? 
'Zhang, X.'  2 ? 
'Cheng, J.'  3 ? 
'Xiao, Y.N.' 4 ? 
'Sun, S.'    5 ? 
'Sui, S.F.'  6 ? 
# 
_citation.abstract                  ? 
_citation.abstract_id_CAS           ? 
_citation.book_id_ISBN              ? 
_citation.book_publisher            ? 
_citation.book_publisher_city       ? 
_citation.book_title                ? 
_citation.coordinate_linkage        ? 
_citation.country                   ? 
_citation.database_id_Medline       ? 
_citation.details                   ? 
_citation.id                        primary 
_citation.journal_abbrev            'To Be Published' 
_citation.journal_id_ASTM           ? 
_citation.journal_id_CSD            0353 
_citation.journal_id_ISSN           ? 
_citation.journal_full              ? 
_citation.journal_issue             ? 
_citation.journal_volume            ? 
_citation.language                  ? 
_citation.page_first                ? 
_citation.page_last                 ? 
_citation.title                     'Structure of lateral hexamer of PBS-PSII-PSI-LHCs megacomplex at 6.3 Angstroms resolution.' 
_citation.year                      ? 
_citation.database_id_CSD           ? 
_citation.pdbx_database_id_DOI      ? 
_citation.pdbx_database_id_PubMed   ? 
_citation.pdbx_database_id_patent   ? 
_citation.unpublished_flag          ? 
# 
loop_
_citation_author.citation_id 
_citation_author.name 
_citation_author.ordinal 
_citation_author.identifier_ORCID 
primary 'You, X.'    1 ? 
primary 'Zhang, X.'  2 ? 
primary 'Cheng, J.'  3 ? 
primary 'Xiao, Y.N.' 4 ? 
primary 'Sun, S.'    5 ? 
primary 'Sui, S.F.'  6 ? 
# 
_entity.id                         1 
_entity.type                       polymer 
_entity.src_method                 man 
_entity.pdbx_description           LPP1 
_entity.formula_weight             30910.266 
_entity.pdbx_number_of_molecules   1 
_entity.pdbx_ec                    ? 
_entity.pdbx_mutation              ? 
_entity.pdbx_fragment              ? 
_entity.details                    ? 
# 
_entity_poly.entity_id                      1 
_entity_poly.type                           'polypeptide(L)' 
_entity_poly.nstd_linkage                   no 
_entity_poly.nstd_monomer                   no 
_entity_poly.pdbx_seq_one_letter_code       
;MEAFVPGVGPLLGAPAAPLAAVDVRCRHASVARRARVAVRMADDGFADLQPGDPGYKPKAKEMVKVSELGVSPFSDDANS
VTRLGEGRLDEIAKDIMEGKKTGAEIKADLKKQAPAKPAAPAKKPEKKSGLASAKDAAGSAMGAVQRAVGSGKRGLDLLR
EDFLQTGPERAGVGRQDKTVDAPPQFGEPGYVTPAYQRVKVSSLGISVFEDDANAVTKVGGIKAVMEVAEKVASGELKTE
EFEEGLKAGLSLDLALEKMEEEAAAGDLLPDYLKPLPEDTPRKGMTWKNYVGR
;
_entity_poly.pdbx_seq_one_letter_code_can   
;MEAFVPGVGPLLGAPAAPLAAVDVRCRHASVARRARVAVRMADDGFADLQPGDPGYKPKAKEMVKVSELGVSPFSDDANS
VTRLGEGRLDEIAKDIMEGKKTGAEIKADLKKQAPAKPAAPAKKPEKKSGLASAKDAAGSAMGAVQRAVGSGKRGLDLLR
EDFLQTGPERAGVGRQDKTVDAPPQFGEPGYVTPAYQRVKVSSLGISVFEDDANAVTKVGGIKAVMEVAEKVASGELKTE
EFEEGLKAGLSLDLALEKMEEEAAAGDLLPDYLKPLPEDTPRKGMTWKNYVGR
;
_entity_poly.pdbx_strand_id                 A 
_entity_poly.pdbx_target_identifier         ? 
# 
loop_
_entity_poly_seq.entity_id 
_entity_poly_seq.num 
_entity_poly_seq.mon_id 
_entity_poly_seq.hetero 
1 1   MET n 
1 2   GLU n 
1 3   ALA n 
1 4   PHE n 
1 5   VAL n 
1 6   PRO n 
1 7   GLY n 
1 8   VAL n 
1 9   GLY n 
1 10  PRO n 
1 11  LEU n 
1 12  LEU n 
1 13  GLY n 
1 14  ALA n 
1 15  PRO n 
1 16  ALA n 
1 17  ALA n 
1 18  PRO n 
1 19  LEU n 
1 20  ALA n 
1 21  ALA n 
1 22  VAL n 
1 23  ASP n 
1 24  VAL n 
1 25  ARG n 
1 26  CYS n 
1 27  ARG n 
1 28  HIS n 
1 29  ALA n 
1 30  SER n 
1 31  VAL n 
1 32  ALA n 
1 33  ARG n 
1 34  ARG n 
1 35  ALA n 
1 36  ARG n 
1 37  VAL n 
1 38  ALA n 
1 39  VAL n 
1 40  ARG n 
1 41  MET n 
1 42  ALA n 
1 43  ASP n 
1 44  ASP n 
1 45  GLY n 
1 46  PHE n 
1 47  ALA n 
1 48  ASP n 
1 49  LEU n 
1 50  GLN n 
1 51  PRO n 
1 52  GLY n 
1 53  ASP n 
1 54  PRO n 
1 55  GLY n 
1 56  TYR n 
1 57  LYS n 
1 58  PRO n 
1 59  LYS n 
1 60  ALA n 
1 61  LYS n 
1 62  GLU n 
1 63  MET n 
1 64  VAL n 
1 65  LYS n 
1 66  VAL n 
1 67  SER n 
1 68  GLU n 
1 69  LEU n 
1 70  GLY n 
1 71  VAL n 
1 72  SER n 
1 73  PRO n 
1 74  PHE n 
1 75  SER n 
1 76  ASP n 
1 77  ASP n 
1 78  ALA n 
1 79  ASN n 
1 80  SER n 
1 81  VAL n 
1 82  THR n 
1 83  ARG n 
1 84  LEU n 
1 85  GLY n 
1 86  GLU n 
1 87  GLY n 
1 88  ARG n 
1 89  LEU n 
1 90  ASP n 
1 91  GLU n 
1 92  ILE n 
1 93  ALA n 
1 94  LYS n 
1 95  ASP n 
1 96  ILE n 
1 97  MET n 
1 98  GLU n 
1 99  GLY n 
1 100 LYS n 
1 101 LYS n 
1 102 THR n 
1 103 GLY n 
1 104 ALA n 
1 105 GLU n 
1 106 ILE n 
1 107 LYS n 
1 108 ALA n 
1 109 ASP n 
1 110 LEU n 
1 111 LYS n 
1 112 LYS n 
1 113 GLN n 
1 114 ALA n 
1 115 PRO n 
1 116 ALA n 
1 117 LYS n 
1 118 PRO n 
1 119 ALA n 
1 120 ALA n 
1 121 PRO n 
1 122 ALA n 
1 123 LYS n 
1 124 LYS n 
1 125 PRO n 
1 126 GLU n 
1 127 LYS n 
1 128 LYS n 
1 129 SER n 
1 130 GLY n 
1 131 LEU n 
1 132 ALA n 
1 133 SER n 
1 134 ALA n 
1 135 LYS n 
1 136 ASP n 
1 137 ALA n 
1 138 ALA n 
1 139 GLY n 
1 140 SER n 
1 141 ALA n 
1 142 MET n 
1 143 GLY n 
1 144 ALA n 
1 145 VAL n 
1 146 GLN n 
1 147 ARG n 
1 148 ALA n 
1 149 VAL n 
1 150 GLY n 
1 151 SER n 
1 152 GLY n 
1 153 LYS n 
1 154 ARG n 
1 155 GLY n 
1 156 LEU n 
1 157 ASP n 
1 158 LEU n 
1 159 LEU n 
1 160 ARG n 
1 161 GLU n 
1 162 ASP n 
1 163 PHE n 
1 164 LEU n 
1 165 GLN n 
1 166 THR n 
1 167 GLY n 
1 168 PRO n 
1 169 GLU n 
1 170 ARG n 
1 171 ALA n 
1 172 GLY n 
1 173 VAL n 
1 174 GLY n 
1 175 ARG n 
1 176 GLN n 
1 177 ASP n 
1 178 LYS n 
1 179 THR n 
1 180 VAL n 
1 181 ASP n 
1 182 ALA n 
1 183 PRO n 
1 184 PRO n 
1 185 GLN n 
1 186 PHE n 
1 187 GLY n 
1 188 GLU n 
1 189 PRO n 
1 190 GLY n 
1 191 TYR n 
1 192 VAL n 
1 193 THR n 
1 194 PRO n 
1 195 ALA n 
1 196 TYR n 
1 197 GLN n 
1 198 ARG n 
1 199 VAL n 
1 200 LYS n 
1 201 VAL n 
1 202 SER n 
1 203 SER n 
1 204 LEU n 
1 205 GLY n 
1 206 ILE n 
1 207 SER n 
1 208 VAL n 
1 209 PHE n 
1 210 GLU n 
1 211 ASP n 
1 212 ASP n 
1 213 ALA n 
1 214 ASN n 
1 215 ALA n 
1 216 VAL n 
1 217 THR n 
1 218 LYS n 
1 219 VAL n 
1 220 GLY n 
1 221 GLY n 
1 222 ILE n 
1 223 LYS n 
1 224 ALA n 
1 225 VAL n 
1 226 MET n 
1 227 GLU n 
1 228 VAL n 
1 229 ALA n 
1 230 GLU n 
1 231 LYS n 
1 232 VAL n 
1 233 ALA n 
1 234 SER n 
1 235 GLY n 
1 236 GLU n 
1 237 LEU n 
1 238 LYS n 
1 239 THR n 
1 240 GLU n 
1 241 GLU n 
1 242 PHE n 
1 243 GLU n 
1 244 GLU n 
1 245 GLY n 
1 246 LEU n 
1 247 LYS n 
1 248 ALA n 
1 249 GLY n 
1 250 LEU n 
1 251 SER n 
1 252 LEU n 
1 253 ASP n 
1 254 LEU n 
1 255 ALA n 
1 256 LEU n 
1 257 GLU n 
1 258 LYS n 
1 259 MET n 
1 260 GLU n 
1 261 GLU n 
1 262 GLU n 
1 263 ALA n 
1 264 ALA n 
1 265 ALA n 
1 266 GLY n 
1 267 ASP n 
1 268 LEU n 
1 269 LEU n 
1 270 PRO n 
1 271 ASP n 
1 272 TYR n 
1 273 LEU n 
1 274 LYS n 
1 275 PRO n 
1 276 LEU n 
1 277 PRO n 
1 278 GLU n 
1 279 ASP n 
1 280 THR n 
1 281 PRO n 
1 282 ARG n 
1 283 LYS n 
1 284 GLY n 
1 285 MET n 
1 286 THR n 
1 287 TRP n 
1 288 LYS n 
1 289 ASN n 
1 290 TYR n 
1 291 VAL n 
1 292 GLY n 
1 293 ARG n 
# 
_entity_src_gen.entity_id                          1 
_entity_src_gen.pdbx_src_id                        1 
_entity_src_gen.pdbx_alt_source_flag               sample 
_entity_src_gen.pdbx_seq_type                      'Biological sequence' 
_entity_src_gen.pdbx_beg_seq_num                   1 
_entity_src_gen.pdbx_end_seq_num                   293 
_entity_src_gen.gene_src_common_name               ? 
_entity_src_gen.gene_src_genus                     ? 
_entity_src_gen.pdbx_gene_src_gene                 FVE85_8359 
_entity_src_gen.gene_src_species                   ? 
_entity_src_gen.gene_src_strain                    ? 
_entity_src_gen.gene_src_tissue                    ? 
_entity_src_gen.gene_src_tissue_fraction           ? 
_entity_src_gen.gene_src_details                   ? 
_entity_src_gen.pdbx_gene_src_fragment             ? 
_entity_src_gen.pdbx_gene_src_scientific_name      'Porphyridium purpureum' 
_entity_src_gen.pdbx_gene_src_ncbi_taxonomy_id     35688 
_entity_src_gen.pdbx_gene_src_variant              ? 
_entity_src_gen.pdbx_gene_src_cell_line            ? 
_entity_src_gen.pdbx_gene_src_atcc                 ? 
_entity_src_gen.pdbx_gene_src_organ                ? 
_entity_src_gen.pdbx_gene_src_organelle            ? 
_entity_src_gen.pdbx_gene_src_cell                 ? 
_entity_src_gen.pdbx_gene_src_cellular_location    ? 
_entity_src_gen.host_org_common_name               ? 
_entity_src_gen.pdbx_host_org_scientific_name      'Porphyridium purpureum' 
_entity_src_gen.pdbx_host_org_ncbi_taxonomy_id     35688 
_entity_src_gen.host_org_genus                     ? 
_entity_src_gen.pdbx_host_org_gene                 ? 
_entity_src_gen.pdbx_host_org_organ                ? 
_entity_src_gen.host_org_species                   ? 
_entity_src_gen.pdbx_host_org_tissue               ? 
_entity_src_gen.pdbx_host_org_tissue_fraction      ? 
_entity_src_gen.pdbx_host_org_strain               ? 
_entity_src_gen.pdbx_host_org_variant              ? 
_entity_src_gen.pdbx_host_org_cell_line            ? 
_entity_src_gen.pdbx_host_org_atcc                 ? 
_entity_src_gen.pdbx_host_org_culture_collection   ? 
_entity_src_gen.pdbx_host_org_cell                 ? 
_entity_src_gen.pdbx_host_org_organelle            ? 
_entity_src_gen.pdbx_host_org_cellular_location    ? 
_entity_src_gen.pdbx_host_org_vector_type          ? 
_entity_src_gen.pdbx_host_org_vector               ? 
_entity_src_gen.host_org_details                   ? 
_entity_src_gen.expression_system_id               ? 
_entity_src_gen.plasmid_name                       ? 
_entity_src_gen.plasmid_details                    ? 
_entity_src_gen.pdbx_description                   ? 
# 
loop_
_chem_comp.id 
_chem_comp.type 
_chem_comp.mon_nstd_flag 
_chem_comp.name 
_chem_comp.pdbx_synonyms 
_chem_comp.formula 
_chem_comp.formula_weight 
ALA 'L-peptide linking' y ALANINE         ? 'C3 H7 N O2'     89.093  
ARG 'L-peptide linking' y ARGININE        ? 'C6 H15 N4 O2 1' 175.209 
ASN 'L-peptide linking' y ASPARAGINE      ? 'C4 H8 N2 O3'    132.118 
ASP 'L-peptide linking' y 'ASPARTIC ACID' ? 'C4 H7 N O4'     133.103 
CYS 'L-peptide linking' y CYSTEINE        ? 'C3 H7 N O2 S'   121.158 
GLN 'L-peptide linking' y GLUTAMINE       ? 'C5 H10 N2 O3'   146.144 
GLU 'L-peptide linking' y 'GLUTAMIC ACID' ? 'C5 H9 N O4'     147.129 
GLY 'peptide linking'   y GLYCINE         ? 'C2 H5 N O2'     75.067  
HIS 'L-peptide linking' y HISTIDINE       ? 'C6 H10 N3 O2 1' 156.162 
ILE 'L-peptide linking' y ISOLEUCINE      ? 'C6 H13 N O2'    131.173 
LEU 'L-peptide linking' y LEUCINE         ? 'C6 H13 N O2'    131.173 
LYS 'L-peptide linking' y LYSINE          ? 'C6 H15 N2 O2 1' 147.195 
MET 'L-peptide linking' y METHIONINE      ? 'C5 H11 N O2 S'  149.211 
PHE 'L-peptide linking' y PHENYLALANINE   ? 'C9 H11 N O2'    165.189 
PRO 'L-peptide linking' y PROLINE         ? 'C5 H9 N O2'     115.130 
SER 'L-peptide linking' y SERINE          ? 'C3 H7 N O3'     105.093 
THR 'L-peptide linking' y THREONINE       ? 'C4 H9 N O3'     119.119 
TRP 'L-peptide linking' y TRYPTOPHAN      ? 'C11 H12 N2 O2'  204.225 
TYR 'L-peptide linking' y TYROSINE        ? 'C9 H11 N O3'    181.189 
VAL 'L-peptide linking' y VALINE          ? 'C5 H11 N O2'    117.146 
# 
loop_
_pdbx_poly_seq_scheme.asym_id 
_pdbx_poly_seq_scheme.entity_id 
_pdbx_poly_seq_scheme.seq_id 
_pdbx_poly_seq_scheme.mon_id 
_pdbx_poly_seq_scheme.ndb_seq_num 
_pdbx_poly_seq_scheme.pdb_seq_num 
_pdbx_poly_seq_scheme.auth_seq_num 
_pdbx_poly_seq_scheme.pdb_mon_id 
_pdbx_poly_seq_scheme.auth_mon_id 
_pdbx_poly_seq_scheme.pdb_strand_id 
_pdbx_poly_seq_scheme.pdb_ins_code 
_pdbx_poly_seq_scheme.hetero 
A 1 1   MET 1   -159 ?   ?   ?   A . n 
A 1 2   GLU 2   -158 ?   ?   ?   A . n 
A 1 3   ALA 3   -157 ?   ?   ?   A . n 
A 1 4   PHE 4   -156 ?   ?   ?   A . n 
A 1 5   VAL 5   -155 ?   ?   ?   A . n 
A 1 6   PRO 6   -154 ?   ?   ?   A . n 
A 1 7   GLY 7   -153 ?   ?   ?   A . n 
A 1 8   VAL 8   -152 ?   ?   ?   A . n 
A 1 9   GLY 9   -151 ?   ?   ?   A . n 
A 1 10  PRO 10  -150 ?   ?   ?   A . n 
A 1 11  LEU 11  -149 ?   ?   ?   A . n 
A 1 12  LEU 12  -148 ?   ?   ?   A . n 
A 1 13  GLY 13  -147 ?   ?   ?   A . n 
A 1 14  ALA 14  -146 ?   ?   ?   A . n 
A 1 15  PRO 15  -145 ?   ?   ?   A . n 
A 1 16  ALA 16  -144 ?   ?   ?   A . n 
A 1 17  ALA 17  -143 ?   ?   ?   A . n 
A 1 18  PRO 18  -142 ?   ?   ?   A . n 
A 1 19  LEU 19  -141 ?   ?   ?   A . n 
A 1 20  ALA 20  -140 ?   ?   ?   A . n 
A 1 21  ALA 21  -139 ?   ?   ?   A . n 
A 1 22  VAL 22  -138 ?   ?   ?   A . n 
A 1 23  ASP 23  -137 ?   ?   ?   A . n 
A 1 24  VAL 24  -136 ?   ?   ?   A . n 
A 1 25  ARG 25  -135 ?   ?   ?   A . n 
A 1 26  CYS 26  -134 ?   ?   ?   A . n 
A 1 27  ARG 27  -133 ?   ?   ?   A . n 
A 1 28  HIS 28  -132 ?   ?   ?   A . n 
A 1 29  ALA 29  -131 ?   ?   ?   A . n 
A 1 30  SER 30  -130 ?   ?   ?   A . n 
A 1 31  VAL 31  -129 ?   ?   ?   A . n 
A 1 32  ALA 32  -128 ?   ?   ?   A . n 
A 1 33  ARG 33  -127 ?   ?   ?   A . n 
A 1 34  ARG 34  -126 ?   ?   ?   A . n 
A 1 35  ALA 35  -125 ?   ?   ?   A . n 
A 1 36  ARG 36  -124 ?   ?   ?   A . n 
A 1 37  VAL 37  -123 ?   ?   ?   A . n 
A 1 38  ALA 38  -122 ?   ?   ?   A . n 
A 1 39  VAL 39  -121 ?   ?   ?   A . n 
A 1 40  ARG 40  -120 ?   ?   ?   A . n 
A 1 41  MET 41  -119 ?   ?   ?   A . n 
A 1 42  ALA 42  -118 ?   ?   ?   A . n 
A 1 43  ASP 43  -117 ?   ?   ?   A . n 
A 1 44  ASP 44  -116 ?   ?   ?   A . n 
A 1 45  GLY 45  -115 ?   ?   ?   A . n 
A 1 46  PHE 46  -114 ?   ?   ?   A . n 
A 1 47  ALA 47  -113 ?   ?   ?   A . n 
A 1 48  ASP 48  -112 ?   ?   ?   A . n 
A 1 49  LEU 49  -111 ?   ?   ?   A . n 
A 1 50  GLN 50  -110 ?   ?   ?   A . n 
A 1 51  PRO 51  -109 ?   ?   ?   A . n 
A 1 52  GLY 52  -108 ?   ?   ?   A . n 
A 1 53  ASP 53  -107 ?   ?   ?   A . n 
A 1 54  PRO 54  -106 ?   ?   ?   A . n 
A 1 55  GLY 55  -105 ?   ?   ?   A . n 
A 1 56  TYR 56  -104 ?   ?   ?   A . n 
A 1 57  LYS 57  -103 ?   ?   ?   A . n 
A 1 58  PRO 58  -102 ?   ?   ?   A . n 
A 1 59  LYS 59  -101 ?   ?   ?   A . n 
A 1 60  ALA 60  -100 ?   ?   ?   A . n 
A 1 61  LYS 61  -99  ?   ?   ?   A . n 
A 1 62  GLU 62  -98  ?   ?   ?   A . n 
A 1 63  MET 63  -97  ?   ?   ?   A . n 
A 1 64  VAL 64  -96  ?   ?   ?   A . n 
A 1 65  LYS 65  -95  ?   ?   ?   A . n 
A 1 66  VAL 66  -94  ?   ?   ?   A . n 
A 1 67  SER 67  -93  ?   ?   ?   A . n 
A 1 68  GLU 68  -92  ?   ?   ?   A . n 
A 1 69  LEU 69  -91  ?   ?   ?   A . n 
A 1 70  GLY 70  -90  ?   ?   ?   A . n 
A 1 71  VAL 71  -89  ?   ?   ?   A . n 
A 1 72  SER 72  -88  ?   ?   ?   A . n 
A 1 73  PRO 73  -87  ?   ?   ?   A . n 
A 1 74  PHE 74  -86  ?   ?   ?   A . n 
A 1 75  SER 75  -85  ?   ?   ?   A . n 
A 1 76  ASP 76  -84  ?   ?   ?   A . n 
A 1 77  ASP 77  -83  ?   ?   ?   A . n 
A 1 78  ALA 78  -82  ?   ?   ?   A . n 
A 1 79  ASN 79  -81  ?   ?   ?   A . n 
A 1 80  SER 80  -80  ?   ?   ?   A . n 
A 1 81  VAL 81  -79  ?   ?   ?   A . n 
A 1 82  THR 82  -78  ?   ?   ?   A . n 
A 1 83  ARG 83  -77  ?   ?   ?   A . n 
A 1 84  LEU 84  -76  ?   ?   ?   A . n 
A 1 85  GLY 85  -75  ?   ?   ?   A . n 
A 1 86  GLU 86  -74  ?   ?   ?   A . n 
A 1 87  GLY 87  -73  ?   ?   ?   A . n 
A 1 88  ARG 88  -72  ?   ?   ?   A . n 
A 1 89  LEU 89  -71  ?   ?   ?   A . n 
A 1 90  ASP 90  -70  ?   ?   ?   A . n 
A 1 91  GLU 91  -69  ?   ?   ?   A . n 
A 1 92  ILE 92  -68  ?   ?   ?   A . n 
A 1 93  ALA 93  -67  ?   ?   ?   A . n 
A 1 94  LYS 94  -66  ?   ?   ?   A . n 
A 1 95  ASP 95  -65  ?   ?   ?   A . n 
A 1 96  ILE 96  -64  ?   ?   ?   A . n 
A 1 97  MET 97  -63  ?   ?   ?   A . n 
A 1 98  GLU 98  -62  ?   ?   ?   A . n 
A 1 99  GLY 99  -61  ?   ?   ?   A . n 
A 1 100 LYS 100 -60  ?   ?   ?   A . n 
A 1 101 LYS 101 -59  ?   ?   ?   A . n 
A 1 102 THR 102 -58  ?   ?   ?   A . n 
A 1 103 GLY 103 -57  ?   ?   ?   A . n 
A 1 104 ALA 104 -56  ?   ?   ?   A . n 
A 1 105 GLU 105 -55  ?   ?   ?   A . n 
A 1 106 ILE 106 -54  ?   ?   ?   A . n 
A 1 107 LYS 107 -53  ?   ?   ?   A . n 
A 1 108 ALA 108 -52  ?   ?   ?   A . n 
A 1 109 ASP 109 -51  ?   ?   ?   A . n 
A 1 110 LEU 110 -50  ?   ?   ?   A . n 
A 1 111 LYS 111 -49  ?   ?   ?   A . n 
A 1 112 LYS 112 -48  ?   ?   ?   A . n 
A 1 113 GLN 113 -47  ?   ?   ?   A . n 
A 1 114 ALA 114 -46  ?   ?   ?   A . n 
A 1 115 PRO 115 -45  ?   ?   ?   A . n 
A 1 116 ALA 116 -44  ?   ?   ?   A . n 
A 1 117 LYS 117 -43  ?   ?   ?   A . n 
A 1 118 PRO 118 -42  ?   ?   ?   A . n 
A 1 119 ALA 119 -41  ?   ?   ?   A . n 
A 1 120 ALA 120 -40  ?   ?   ?   A . n 
A 1 121 PRO 121 -39  ?   ?   ?   A . n 
A 1 122 ALA 122 -38  ?   ?   ?   A . n 
A 1 123 LYS 123 -37  ?   ?   ?   A . n 
A 1 124 LYS 124 -36  ?   ?   ?   A . n 
A 1 125 PRO 125 -35  ?   ?   ?   A . n 
A 1 126 GLU 126 -34  ?   ?   ?   A . n 
A 1 127 LYS 127 -33  ?   ?   ?   A . n 
A 1 128 LYS 128 -32  ?   ?   ?   A . n 
A 1 129 SER 129 -31  ?   ?   ?   A . n 
A 1 130 GLY 130 -30  ?   ?   ?   A . n 
A 1 131 LEU 131 -29  ?   ?   ?   A . n 
A 1 132 ALA 132 -28  ?   ?   ?   A . n 
A 1 133 SER 133 -27  ?   ?   ?   A . n 
A 1 134 ALA 134 -26  ?   ?   ?   A . n 
A 1 135 LYS 135 -25  ?   ?   ?   A . n 
A 1 136 ASP 136 -24  ?   ?   ?   A . n 
A 1 137 ALA 137 -23  ?   ?   ?   A . n 
A 1 138 ALA 138 -22  ?   ?   ?   A . n 
A 1 139 GLY 139 -21  ?   ?   ?   A . n 
A 1 140 SER 140 -20  ?   ?   ?   A . n 
A 1 141 ALA 141 -19  ?   ?   ?   A . n 
A 1 142 MET 142 -18  ?   ?   ?   A . n 
A 1 143 GLY 143 -17  ?   ?   ?   A . n 
A 1 144 ALA 144 -16  ?   ?   ?   A . n 
A 1 145 VAL 145 -15  ?   ?   ?   A . n 
A 1 146 GLN 146 -14  ?   ?   ?   A . n 
A 1 147 ARG 147 -13  ?   ?   ?   A . n 
A 1 148 ALA 148 -12  ?   ?   ?   A . n 
A 1 149 VAL 149 -11  ?   ?   ?   A . n 
A 1 150 GLY 150 -10  ?   ?   ?   A . n 
A 1 151 SER 151 -9   ?   ?   ?   A . n 
A 1 152 GLY 152 -8   ?   ?   ?   A . n 
A 1 153 LYS 153 -7   ?   ?   ?   A . n 
A 1 154 ARG 154 -6   ?   ?   ?   A . n 
A 1 155 GLY 155 -5   ?   ?   ?   A . n 
A 1 156 LEU 156 -4   ?   ?   ?   A . n 
A 1 157 ASP 157 -3   ?   ?   ?   A . n 
A 1 158 LEU 158 -2   ?   ?   ?   A . n 
A 1 159 LEU 159 -1   ?   ?   ?   A . n 
A 1 160 ARG 160 0    ?   ?   ?   A . n 
A 1 161 GLU 161 1    1   GLU GLU A . n 
A 1 162 ASP 162 2    2   ASP ASP A . n 
A 1 163 PHE 163 3    3   PHE PHE A . n 
A 1 164 LEU 164 4    4   LEU LEU A . n 
A 1 165 GLN 165 5    5   GLN GLN A . n 
A 1 166 THR 166 6    6   THR THR A . n 
A 1 167 GLY 167 7    7   GLY GLY A . n 
A 1 168 PRO 168 8    8   PRO PRO A . n 
A 1 169 GLU 169 9    9   GLU GLU A . n 
A 1 170 ARG 170 10   10  ARG ARG A . n 
A 1 171 ALA 171 11   11  ALA ALA A . n 
A 1 172 GLY 172 12   12  GLY GLY A . n 
A 1 173 VAL 173 13   13  VAL VAL A . n 
A 1 174 GLY 174 14   14  GLY GLY A . n 
A 1 175 ARG 175 15   15  ARG ARG A . n 
A 1 176 GLN 176 16   16  GLN GLN A . n 
A 1 177 ASP 177 17   17  ASP ASP A . n 
A 1 178 LYS 178 18   18  LYS LYS A . n 
A 1 179 THR 179 19   19  THR THR A . n 
A 1 180 VAL 180 20   20  VAL VAL A . n 
A 1 181 ASP 181 21   21  ASP ASP A . n 
A 1 182 ALA 182 22   22  ALA ALA A . n 
A 1 183 PRO 183 23   23  PRO PRO A . n 
A 1 184 PRO 184 24   24  PRO PRO A . n 
A 1 185 GLN 185 25   25  GLN GLN A . n 
A 1 186 PHE 186 26   26  PHE PHE A . n 
A 1 187 GLY 187 27   27  GLY GLY A . n 
A 1 188 GLU 188 28   28  GLU GLU A . n 
A 1 189 PRO 189 29   29  PRO PRO A . n 
A 1 190 GLY 190 30   30  GLY GLY A . n 
A 1 191 TYR 191 31   31  TYR TYR A . n 
A 1 192 VAL 192 32   32  VAL VAL A . n 
A 1 193 THR 193 33   33  THR THR A . n 
A 1 194 PRO 194 34   34  PRO PRO A . n 
A 1 195 ALA 195 35   35  ALA ALA A . n 
A 1 196 TYR 196 36   36  TYR TYR A . n 
A 1 197 GLN 197 37   37  GLN GLN A . n 
A 1 198 ARG 198 38   38  ARG ARG A . n 
A 1 199 VAL 199 39   39  VAL VAL A . n 
A 1 200 LYS 200 40   40  LYS LYS A . n 
A 1 201 VAL 201 41   41  VAL VAL A . n 
A 1 202 SER 202 42   42  SER SER A . n 
A 1 203 SER 203 43   43  SER SER A . n 
A 1 204 LEU 204 44   44  LEU LEU A . n 
A 1 205 GLY 205 45   45  GLY GLY A . n 
A 1 206 ILE 206 46   46  ILE ILE A . n 
A 1 207 SER 207 47   47  SER SER A . n 
A 1 208 VAL 208 48   48  VAL VAL A . n 
A 1 209 PHE 209 49   49  PHE PHE A . n 
A 1 210 GLU 210 50   50  GLU GLU A . n 
A 1 211 ASP 211 51   51  ASP ASP A . n 
A 1 212 ASP 212 52   52  ASP ASP A . n 
A 1 213 ALA 213 53   53  ALA ALA A . n 
A 1 214 ASN 214 54   54  ASN ASN A . n 
A 1 215 ALA 215 55   55  ALA ALA A . n 
A 1 216 VAL 216 56   56  VAL VAL A . n 
A 1 217 THR 217 57   57  THR THR A . n 
A 1 218 LYS 218 58   58  LYS LYS A . n 
A 1 219 VAL 219 59   59  VAL VAL A . n 
A 1 220 GLY 220 60   60  GLY GLY A . n 
A 1 221 GLY 221 61   61  GLY GLY A . n 
A 1 222 ILE 222 62   62  ILE ILE A . n 
A 1 223 LYS 223 63   63  LYS LYS A . n 
A 1 224 ALA 224 64   64  ALA ALA A . n 
A 1 225 VAL 225 65   65  VAL VAL A . n 
A 1 226 MET 226 66   66  MET MET A . n 
A 1 227 GLU 227 67   67  GLU GLU A . n 
A 1 228 VAL 228 68   68  VAL VAL A . n 
A 1 229 ALA 229 69   69  ALA ALA A . n 
A 1 230 GLU 230 70   70  GLU GLU A . n 
A 1 231 LYS 231 71   71  LYS LYS A . n 
A 1 232 VAL 232 72   72  VAL VAL A . n 
A 1 233 ALA 233 73   73  ALA ALA A . n 
A 1 234 SER 234 74   74  SER SER A . n 
A 1 235 GLY 235 75   75  GLY GLY A . n 
A 1 236 GLU 236 76   76  GLU GLU A . n 
A 1 237 LEU 237 77   77  LEU LEU A . n 
A 1 238 LYS 238 78   78  LYS LYS A . n 
A 1 239 THR 239 79   79  THR THR A . n 
A 1 240 GLU 240 80   80  GLU GLU A . n 
A 1 241 GLU 241 81   81  GLU GLU A . n 
A 1 242 PHE 242 82   82  PHE PHE A . n 
A 1 243 GLU 243 83   83  GLU GLU A . n 
A 1 244 GLU 244 84   84  GLU GLU A . n 
A 1 245 GLY 245 85   85  GLY GLY A . n 
A 1 246 LEU 246 86   86  LEU LEU A . n 
A 1 247 LYS 247 87   87  LYS LYS A . n 
A 1 248 ALA 248 88   88  ALA ALA A . n 
A 1 249 GLY 249 89   89  GLY GLY A . n 
A 1 250 LEU 250 90   90  LEU LEU A . n 
A 1 251 SER 251 91   91  SER SER A . n 
A 1 252 LEU 252 92   92  LEU LEU A . n 
A 1 253 ASP 253 93   93  ASP ASP A . n 
A 1 254 LEU 254 94   94  LEU LEU A . n 
A 1 255 ALA 255 95   95  ALA ALA A . n 
A 1 256 LEU 256 96   96  LEU LEU A . n 
A 1 257 GLU 257 97   97  GLU GLU A . n 
A 1 258 LYS 258 98   98  LYS LYS A . n 
A 1 259 MET 259 99   99  MET MET A . n 
A 1 260 GLU 260 100  100 GLU GLU A . n 
A 1 261 GLU 261 101  101 GLU GLU A . n 
A 1 262 GLU 262 102  102 GLU GLU A . n 
A 1 263 ALA 263 103  103 ALA ALA A . n 
A 1 264 ALA 264 104  104 ALA ALA A . n 
A 1 265 ALA 265 105  105 ALA ALA A . n 
A 1 266 GLY 266 106  106 GLY GLY A . n 
A 1 267 ASP 267 107  107 ASP ASP A . n 
A 1 268 LEU 268 108  108 LEU LEU A . n 
A 1 269 LEU 269 109  109 LEU LEU A . n 
A 1 270 PRO 270 110  110 PRO PRO A . n 
A 1 271 ASP 271 111  111 ASP ASP A . n 
A 1 272 TYR 272 112  112 TYR TYR A . n 
A 1 273 LEU 273 113  113 LEU LEU A . n 
A 1 274 LYS 274 114  114 LYS LYS A . n 
A 1 275 PRO 275 115  115 PRO PRO A . n 
A 1 276 LEU 276 116  116 LEU LEU A . n 
A 1 277 PRO 277 117  117 PRO PRO A . n 
A 1 278 GLU 278 118  118 GLU GLU A . n 
A 1 279 ASP 279 119  119 ASP ASP A . n 
A 1 280 THR 280 120  120 THR THR A . n 
A 1 281 PRO 281 121  121 PRO PRO A . n 
A 1 282 ARG 282 122  122 ARG ARG A . n 
A 1 283 LYS 283 123  123 LYS LYS A . n 
A 1 284 GLY 284 124  124 GLY GLY A . n 
A 1 285 MET 285 125  125 MET MET A . n 
A 1 286 THR 286 126  126 THR THR A . n 
A 1 287 TRP 287 127  127 TRP TRP A . n 
A 1 288 LYS 288 128  128 LYS LYS A . n 
A 1 289 ASN 289 129  129 ASN ASN A . n 
A 1 290 TYR 290 130  130 TYR TYR A . n 
A 1 291 VAL 291 131  131 VAL VAL A . n 
A 1 292 GLY 292 132  132 GLY GLY A . n 
A 1 293 ARG 293 133  133 ARG ARG A . n 
# 
_exptl.absorpt_coefficient_mu     ? 
_exptl.absorpt_correction_T_max   ? 
_exptl.absorpt_correction_T_min   ? 
_exptl.absorpt_correction_type    ? 
_exptl.absorpt_process_details    ? 
_exptl.entry_id                   8JNN 
_exptl.crystals_number            ? 
_exptl.details                    ? 
_exptl.method                     'ELECTRON MICROSCOPY' 
_exptl.method_details             ? 
# 
_struct.entry_id                     8JNN 
_struct.title                        'linker protein LPP1 from red algal Porphyridium purpureum.' 
_struct.pdbx_model_details           ? 
_struct.pdbx_formula_weight          ? 
_struct.pdbx_formula_weight_method   ? 
_struct.pdbx_model_type_details      ? 
_struct.pdbx_CASP_flag               N 
# 
_struct_keywords.entry_id        8JNN 
_struct_keywords.text            'LPP1, PHOTOSYNTHESIS' 
_struct_keywords.pdbx_keywords   PHOTOSYNTHESIS 
# 
_struct_asym.id                            A 
_struct_asym.pdbx_blank_PDB_chainid_flag   N 
_struct_asym.pdbx_modified                 N 
_struct_asym.entity_id                     1 
_struct_asym.details                       ? 
# 
_struct_ref.id                         1 
_struct_ref.db_name                    UNP 
_struct_ref.db_code                    A0A5J4YN73_PORPP 
_struct_ref.pdbx_db_accession          A0A5J4YN73 
_struct_ref.pdbx_db_isoform            ? 
_struct_ref.entity_id                  1 
_struct_ref.pdbx_seq_one_letter_code   
;MEAFVPGVGPLLGAPAAPLAAVDVRCRHASVARRARVAVRMADDGFADLQPGDPGYKPKAKEMVKVSELGVSPFSDDANS
VTRLGEGRLDEIAKDIMEGKKTGAEIKADLKKQAPAKPAAPAKKPEKKSGLASAKDAAGSAMGAVQRAVGSGKRGLDLLR
EDFLQTGPERAGVGRQDKTVDAPPQFGEPGYVTPAYQRVKVSSLGISVFEDDANAVTKVGGIKAVMEVAEKVASGELKTE
EFEEGLKAGLSLDLALEKMEEEAAAGDLLPDYLKPLPEDTPRKGMTWKNYVGR
;
_struct_ref.pdbx_align_begin           1 
# 
_struct_ref_seq.align_id                      1 
_struct_ref_seq.ref_id                        1 
_struct_ref_seq.pdbx_PDB_id_code              8JNN 
_struct_ref_seq.pdbx_strand_id                A 
_struct_ref_seq.seq_align_beg                 1 
_struct_ref_seq.pdbx_seq_align_beg_ins_code   ? 
_struct_ref_seq.seq_align_end                 293 
_struct_ref_seq.pdbx_seq_align_end_ins_code   ? 
_struct_ref_seq.pdbx_db_accession             A0A5J4YN73 
_struct_ref_seq.db_align_beg                  1 
_struct_ref_seq.pdbx_db_align_beg_ins_code    ? 
_struct_ref_seq.db_align_end                  293 
_struct_ref_seq.pdbx_db_align_end_ins_code    ? 
_struct_ref_seq.pdbx_auth_seq_align_beg       -159 
_struct_ref_seq.pdbx_auth_seq_align_end       133 
# 
_pdbx_struct_assembly.id                   1 
_pdbx_struct_assembly.details              author_defined_assembly 
_pdbx_struct_assembly.method_details       ? 
_pdbx_struct_assembly.oligomeric_details   monomeric 
_pdbx_struct_assembly.oligomeric_count     1 
# 
_pdbx_struct_assembly_gen.assembly_id       1 
_pdbx_struct_assembly_gen.oper_expression   1 
_pdbx_struct_assembly_gen.asym_id_list      A 
# 
_pdbx_struct_assembly_auth_evidence.id                     1 
_pdbx_struct_assembly_auth_evidence.assembly_id            1 
_pdbx_struct_assembly_auth_evidence.experimental_support   'electron microscopy' 
_pdbx_struct_assembly_auth_evidence.details                'not applicable' 
# 
_pdbx_struct_oper_list.id                   1 
_pdbx_struct_oper_list.type                 'identity operation' 
_pdbx_struct_oper_list.name                 1_555 
_pdbx_struct_oper_list.symmetry_operation   ? 
_pdbx_struct_oper_list.matrix[1][1]         1.0000000000 
_pdbx_struct_oper_list.matrix[1][2]         0.0000000000 
_pdbx_struct_oper_list.matrix[1][3]         0.0000000000 
_pdbx_struct_oper_list.vector[1]            0.0000000000 
_pdbx_struct_oper_list.matrix[2][1]         0.0000000000 
_pdbx_struct_oper_list.matrix[2][2]         1.0000000000 
_pdbx_struct_oper_list.matrix[2][3]         0.0000000000 
_pdbx_struct_oper_list.vector[2]            0.0000000000 
_pdbx_struct_oper_list.matrix[3][1]         0.0000000000 
_pdbx_struct_oper_list.matrix[3][2]         0.0000000000 
_pdbx_struct_oper_list.matrix[3][3]         1.0000000000 
_pdbx_struct_oper_list.vector[3]            0.0000000000 
# 
loop_
_struct_conf.conf_type_id 
_struct_conf.id 
_struct_conf.pdbx_PDB_helix_id 
_struct_conf.beg_label_comp_id 
_struct_conf.beg_label_asym_id 
_struct_conf.beg_label_seq_id 
_struct_conf.pdbx_beg_PDB_ins_code 
_struct_conf.end_label_comp_id 
_struct_conf.end_label_asym_id 
_struct_conf.end_label_seq_id 
_struct_conf.pdbx_end_PDB_ins_code 
_struct_conf.beg_auth_comp_id 
_struct_conf.beg_auth_asym_id 
_struct_conf.beg_auth_seq_id 
_struct_conf.end_auth_comp_id 
_struct_conf.end_auth_asym_id 
_struct_conf.end_auth_seq_id 
_struct_conf.pdbx_PDB_helix_class 
_struct_conf.details 
_struct_conf.pdbx_PDB_helix_length 
HELX_P HELX_P1 AA1 THR A 166 ? ALA A 171 ? THR A 6  ALA A 11  5 ? 6  
HELX_P HELX_P2 AA2 LYS A 200 ? LEU A 204 ? LYS A 40 LEU A 44  5 ? 5  
HELX_P HELX_P3 AA3 GLY A 220 ? SER A 234 ? GLY A 60 SER A 74  1 ? 15 
HELX_P HELX_P4 AA4 LYS A 238 ? ALA A 248 ? LYS A 78 ALA A 88  1 ? 11 
HELX_P HELX_P5 AA5 SER A 251 ? GLU A 261 ? SER A 91 GLU A 101 1 ? 11 
# 
_struct_conf_type.id          HELX_P 
_struct_conf_type.criteria    ? 
_struct_conf_type.reference   ? 
# 
_pdbx_validate_rmsd_bond.id                        1 
_pdbx_validate_rmsd_bond.PDB_model_num             1 
_pdbx_validate_rmsd_bond.auth_atom_id_1            CA 
_pdbx_validate_rmsd_bond.auth_asym_id_1            A 
_pdbx_validate_rmsd_bond.auth_comp_id_1            SER 
_pdbx_validate_rmsd_bond.auth_seq_id_1             47 
_pdbx_validate_rmsd_bond.PDB_ins_code_1            ? 
_pdbx_validate_rmsd_bond.label_alt_id_1            ? 
_pdbx_validate_rmsd_bond.auth_atom_id_2            CB 
_pdbx_validate_rmsd_bond.auth_asym_id_2            A 
_pdbx_validate_rmsd_bond.auth_comp_id_2            SER 
_pdbx_validate_rmsd_bond.auth_seq_id_2             47 
_pdbx_validate_rmsd_bond.PDB_ins_code_2            ? 
_pdbx_validate_rmsd_bond.label_alt_id_2            ? 
_pdbx_validate_rmsd_bond.bond_value                1.390 
_pdbx_validate_rmsd_bond.bond_target_value         1.525 
_pdbx_validate_rmsd_bond.bond_deviation            -0.135 
_pdbx_validate_rmsd_bond.bond_standard_deviation   0.015 
_pdbx_validate_rmsd_bond.linker_flag               N 
# 
loop_
_pdbx_validate_torsion.id 
_pdbx_validate_torsion.PDB_model_num 
_pdbx_validate_torsion.auth_comp_id 
_pdbx_validate_torsion.auth_asym_id 
_pdbx_validate_torsion.auth_seq_id 
_pdbx_validate_torsion.PDB_ins_code 
_pdbx_validate_torsion.label_alt_id 
_pdbx_validate_torsion.phi 
_pdbx_validate_torsion.psi 
1 1 ASP A 2   ? ? -145.46 -157.96 
2 1 LEU A 4   ? ? -39.79  127.71  
3 1 THR A 6   ? ? 55.63   73.54   
4 1 ARG A 15  ? ? -120.97 -53.26  
5 1 ASP A 17  ? ? -95.52  -60.74  
6 1 LEU A 108 ? ? 66.27   -3.04   
7 1 VAL A 131 ? ? -38.43  125.80  
# 
loop_
_pdbx_validate_main_chain_plane.id 
_pdbx_validate_main_chain_plane.PDB_model_num 
_pdbx_validate_main_chain_plane.auth_comp_id 
_pdbx_validate_main_chain_plane.auth_asym_id 
_pdbx_validate_main_chain_plane.auth_seq_id 
_pdbx_validate_main_chain_plane.PDB_ins_code 
_pdbx_validate_main_chain_plane.label_alt_id 
_pdbx_validate_main_chain_plane.improper_torsion_angle 
1 1 GLY A 45 ? ? 14.92  
2 1 SER A 47 ? ? -16.86 
3 1 PHE A 49 ? ? -10.35 
# 
_em_3d_fitting.id                1 
_em_3d_fitting.entry_id          8JNN 
_em_3d_fitting.method            ? 
_em_3d_fitting.target_criteria   ? 
_em_3d_fitting.details           ? 
_em_3d_fitting.overall_b_value   ? 
_em_3d_fitting.ref_space         ? 
_em_3d_fitting.ref_protocol      ? 
# 
_em_3d_reconstruction.entry_id                    8JNN 
_em_3d_reconstruction.id                          1 
_em_3d_reconstruction.method                      ? 
_em_3d_reconstruction.algorithm                   ? 
_em_3d_reconstruction.citation_id                 ? 
_em_3d_reconstruction.details                     ? 
_em_3d_reconstruction.resolution                  3.3 
_em_3d_reconstruction.resolution_method           'FSC 0.143 CUT-OFF' 
_em_3d_reconstruction.magnification_calibration   ? 
_em_3d_reconstruction.nominal_pixel_size          ? 
_em_3d_reconstruction.actual_pixel_size           ? 
_em_3d_reconstruction.num_particles               762000 
_em_3d_reconstruction.euler_angles_details        ? 
_em_3d_reconstruction.num_class_averages          ? 
_em_3d_reconstruction.refinement_type             ? 
_em_3d_reconstruction.image_processing_id         1 
_em_3d_reconstruction.symmetry_type               POINT 
# 
_em_buffer.id            1 
_em_buffer.specimen_id   1 
_em_buffer.name          ? 
_em_buffer.details       ? 
_em_buffer.pH            7.6 
# 
_em_entity_assembly.id                   1 
_em_entity_assembly.parent_id            0 
_em_entity_assembly.source               NATURAL 
_em_entity_assembly.type                 CELL 
_em_entity_assembly.name                 'Linker protein LPP1 from Porphyridium purpureum.' 
_em_entity_assembly.details              ? 
_em_entity_assembly.synonym              ? 
_em_entity_assembly.oligomeric_details   ? 
_em_entity_assembly.entity_id_list       1 
# 
_em_imaging.entry_id                        8JNN 
_em_imaging.id                              1 
_em_imaging.astigmatism                     ? 
_em_imaging.electron_beam_tilt_params       ? 
_em_imaging.residual_tilt                   ? 
_em_imaging.microscope_model                'FEI TITAN KRIOS' 
_em_imaging.specimen_holder_type            ? 
_em_imaging.specimen_holder_model           ? 
_em_imaging.details                         ? 
_em_imaging.date                            ? 
_em_imaging.accelerating_voltage            300 
_em_imaging.illumination_mode               'SPOT SCAN' 
_em_imaging.mode                            'BRIGHT FIELD' 
_em_imaging.nominal_cs                      ? 
_em_imaging.nominal_defocus_min             1000 
_em_imaging.nominal_defocus_max             6000 
_em_imaging.calibrated_defocus_min          ? 
_em_imaging.calibrated_defocus_max          ? 
_em_imaging.tilt_angle_min                  ? 
_em_imaging.tilt_angle_max                  ? 
_em_imaging.nominal_magnification           ? 
_em_imaging.calibrated_magnification        ? 
_em_imaging.electron_source                 'FIELD EMISSION GUN' 
_em_imaging.citation_id                     ? 
_em_imaging.temperature                     ? 
_em_imaging.detector_distance               ? 
_em_imaging.recording_temperature_minimum   ? 
_em_imaging.recording_temperature_maximum   ? 
_em_imaging.alignment_procedure             ? 
_em_imaging.c2_aperture_diameter            ? 
_em_imaging.specimen_id                     1 
_em_imaging.cryogen                         ? 
# 
_em_vitrification.entry_id              8JNN 
_em_vitrification.id                    1 
_em_vitrification.specimen_id           1 
_em_vitrification.cryogen_name          ETHANE 
_em_vitrification.humidity              ? 
_em_vitrification.temp                  ? 
_em_vitrification.chamber_temperature   ? 
_em_vitrification.instrument            ? 
_em_vitrification.method                ? 
_em_vitrification.time_resolved_state   ? 
_em_vitrification.citation_id           ? 
_em_vitrification.details               ? 
# 
_em_experiment.entry_id                8JNN 
_em_experiment.id                      1 
_em_experiment.reconstruction_method   'SINGLE PARTICLE' 
_em_experiment.aggregation_state       CELL 
_em_experiment.entity_assembly_id      1 
# 
loop_
_pdbx_unobs_or_zero_occ_residues.id 
_pdbx_unobs_or_zero_occ_residues.PDB_model_num 
_pdbx_unobs_or_zero_occ_residues.polymer_flag 
_pdbx_unobs_or_zero_occ_residues.occupancy_flag 
_pdbx_unobs_or_zero_occ_residues.auth_asym_id 
_pdbx_unobs_or_zero_occ_residues.auth_comp_id 
_pdbx_unobs_or_zero_occ_residues.auth_seq_id 
_pdbx_unobs_or_zero_occ_residues.PDB_ins_code 
_pdbx_unobs_or_zero_occ_residues.label_asym_id 
_pdbx_unobs_or_zero_occ_residues.label_comp_id 
_pdbx_unobs_or_zero_occ_residues.label_seq_id 
1   1 Y 1 A MET -159 ? A MET 1   
2   1 Y 1 A GLU -158 ? A GLU 2   
3   1 Y 1 A ALA -157 ? A ALA 3   
4   1 Y 1 A PHE -156 ? A PHE 4   
5   1 Y 1 A VAL -155 ? A VAL 5   
6   1 Y 1 A PRO -154 ? A PRO 6   
7   1 Y 1 A GLY -153 ? A GLY 7   
8   1 Y 1 A VAL -152 ? A VAL 8   
9   1 Y 1 A GLY -151 ? A GLY 9   
10  1 Y 1 A PRO -150 ? A PRO 10  
11  1 Y 1 A LEU -149 ? A LEU 11  
12  1 Y 1 A LEU -148 ? A LEU 12  
13  1 Y 1 A GLY -147 ? A GLY 13  
14  1 Y 1 A ALA -146 ? A ALA 14  
15  1 Y 1 A PRO -145 ? A PRO 15  
16  1 Y 1 A ALA -144 ? A ALA 16  
17  1 Y 1 A ALA -143 ? A ALA 17  
18  1 Y 1 A PRO -142 ? A PRO 18  
19  1 Y 1 A LEU -141 ? A LEU 19  
20  1 Y 1 A ALA -140 ? A ALA 20  
21  1 Y 1 A ALA -139 ? A ALA 21  
22  1 Y 1 A VAL -138 ? A VAL 22  
23  1 Y 1 A ASP -137 ? A ASP 23  
24  1 Y 1 A VAL -136 ? A VAL 24  
25  1 Y 1 A ARG -135 ? A ARG 25  
26  1 Y 1 A CYS -134 ? A CYS 26  
27  1 Y 1 A ARG -133 ? A ARG 27  
28  1 Y 1 A HIS -132 ? A HIS 28  
29  1 Y 1 A ALA -131 ? A ALA 29  
30  1 Y 1 A SER -130 ? A SER 30  
31  1 Y 1 A VAL -129 ? A VAL 31  
32  1 Y 1 A ALA -128 ? A ALA 32  
33  1 Y 1 A ARG -127 ? A ARG 33  
34  1 Y 1 A ARG -126 ? A ARG 34  
35  1 Y 1 A ALA -125 ? A ALA 35  
36  1 Y 1 A ARG -124 ? A ARG 36  
37  1 Y 1 A VAL -123 ? A VAL 37  
38  1 Y 1 A ALA -122 ? A ALA 38  
39  1 Y 1 A VAL -121 ? A VAL 39  
40  1 Y 1 A ARG -120 ? A ARG 40  
41  1 Y 1 A MET -119 ? A MET 41  
42  1 Y 1 A ALA -118 ? A ALA 42  
43  1 Y 1 A ASP -117 ? A ASP 43  
44  1 Y 1 A ASP -116 ? A ASP 44  
45  1 Y 1 A GLY -115 ? A GLY 45  
46  1 Y 1 A PHE -114 ? A PHE 46  
47  1 Y 1 A ALA -113 ? A ALA 47  
48  1 Y 1 A ASP -112 ? A ASP 48  
49  1 Y 1 A LEU -111 ? A LEU 49  
50  1 Y 1 A GLN -110 ? A GLN 50  
51  1 Y 1 A PRO -109 ? A PRO 51  
52  1 Y 1 A GLY -108 ? A GLY 52  
53  1 Y 1 A ASP -107 ? A ASP 53  
54  1 Y 1 A PRO -106 ? A PRO 54  
55  1 Y 1 A GLY -105 ? A GLY 55  
56  1 Y 1 A TYR -104 ? A TYR 56  
57  1 Y 1 A LYS -103 ? A LYS 57  
58  1 Y 1 A PRO -102 ? A PRO 58  
59  1 Y 1 A LYS -101 ? A LYS 59  
60  1 Y 1 A ALA -100 ? A ALA 60  
61  1 Y 1 A LYS -99  ? A LYS 61  
62  1 Y 1 A GLU -98  ? A GLU 62  
63  1 Y 1 A MET -97  ? A MET 63  
64  1 Y 1 A VAL -96  ? A VAL 64  
65  1 Y 1 A LYS -95  ? A LYS 65  
66  1 Y 1 A VAL -94  ? A VAL 66  
67  1 Y 1 A SER -93  ? A SER 67  
68  1 Y 1 A GLU -92  ? A GLU 68  
69  1 Y 1 A LEU -91  ? A LEU 69  
70  1 Y 1 A GLY -90  ? A GLY 70  
71  1 Y 1 A VAL -89  ? A VAL 71  
72  1 Y 1 A SER -88  ? A SER 72  
73  1 Y 1 A PRO -87  ? A PRO 73  
74  1 Y 1 A PHE -86  ? A PHE 74  
75  1 Y 1 A SER -85  ? A SER 75  
76  1 Y 1 A ASP -84  ? A ASP 76  
77  1 Y 1 A ASP -83  ? A ASP 77  
78  1 Y 1 A ALA -82  ? A ALA 78  
79  1 Y 1 A ASN -81  ? A ASN 79  
80  1 Y 1 A SER -80  ? A SER 80  
81  1 Y 1 A VAL -79  ? A VAL 81  
82  1 Y 1 A THR -78  ? A THR 82  
83  1 Y 1 A ARG -77  ? A ARG 83  
84  1 Y 1 A LEU -76  ? A LEU 84  
85  1 Y 1 A GLY -75  ? A GLY 85  
86  1 Y 1 A GLU -74  ? A GLU 86  
87  1 Y 1 A GLY -73  ? A GLY 87  
88  1 Y 1 A ARG -72  ? A ARG 88  
89  1 Y 1 A LEU -71  ? A LEU 89  
90  1 Y 1 A ASP -70  ? A ASP 90  
91  1 Y 1 A GLU -69  ? A GLU 91  
92  1 Y 1 A ILE -68  ? A ILE 92  
93  1 Y 1 A ALA -67  ? A ALA 93  
94  1 Y 1 A LYS -66  ? A LYS 94  
95  1 Y 1 A ASP -65  ? A ASP 95  
96  1 Y 1 A ILE -64  ? A ILE 96  
97  1 Y 1 A MET -63  ? A MET 97  
98  1 Y 1 A GLU -62  ? A GLU 98  
99  1 Y 1 A GLY -61  ? A GLY 99  
100 1 Y 1 A LYS -60  ? A LYS 100 
101 1 Y 1 A LYS -59  ? A LYS 101 
102 1 Y 1 A THR -58  ? A THR 102 
103 1 Y 1 A GLY -57  ? A GLY 103 
104 1 Y 1 A ALA -56  ? A ALA 104 
105 1 Y 1 A GLU -55  ? A GLU 105 
106 1 Y 1 A ILE -54  ? A ILE 106 
107 1 Y 1 A LYS -53  ? A LYS 107 
108 1 Y 1 A ALA -52  ? A ALA 108 
109 1 Y 1 A ASP -51  ? A ASP 109 
110 1 Y 1 A LEU -50  ? A LEU 110 
111 1 Y 1 A LYS -49  ? A LYS 111 
112 1 Y 1 A LYS -48  ? A LYS 112 
113 1 Y 1 A GLN -47  ? A GLN 113 
114 1 Y 1 A ALA -46  ? A ALA 114 
115 1 Y 1 A PRO -45  ? A PRO 115 
116 1 Y 1 A ALA -44  ? A ALA 116 
117 1 Y 1 A LYS -43  ? A LYS 117 
118 1 Y 1 A PRO -42  ? A PRO 118 
119 1 Y 1 A ALA -41  ? A ALA 119 
120 1 Y 1 A ALA -40  ? A ALA 120 
121 1 Y 1 A PRO -39  ? A PRO 121 
122 1 Y 1 A ALA -38  ? A ALA 122 
123 1 Y 1 A LYS -37  ? A LYS 123 
124 1 Y 1 A LYS -36  ? A LYS 124 
125 1 Y 1 A PRO -35  ? A PRO 125 
126 1 Y 1 A GLU -34  ? A GLU 126 
127 1 Y 1 A LYS -33  ? A LYS 127 
128 1 Y 1 A LYS -32  ? A LYS 128 
129 1 Y 1 A SER -31  ? A SER 129 
130 1 Y 1 A GLY -30  ? A GLY 130 
131 1 Y 1 A LEU -29  ? A LEU 131 
132 1 Y 1 A ALA -28  ? A ALA 132 
133 1 Y 1 A SER -27  ? A SER 133 
134 1 Y 1 A ALA -26  ? A ALA 134 
135 1 Y 1 A LYS -25  ? A LYS 135 
136 1 Y 1 A ASP -24  ? A ASP 136 
137 1 Y 1 A ALA -23  ? A ALA 137 
138 1 Y 1 A ALA -22  ? A ALA 138 
139 1 Y 1 A GLY -21  ? A GLY 139 
140 1 Y 1 A SER -20  ? A SER 140 
141 1 Y 1 A ALA -19  ? A ALA 141 
142 1 Y 1 A MET -18  ? A MET 142 
143 1 Y 1 A GLY -17  ? A GLY 143 
144 1 Y 1 A ALA -16  ? A ALA 144 
145 1 Y 1 A VAL -15  ? A VAL 145 
146 1 Y 1 A GLN -14  ? A GLN 146 
147 1 Y 1 A ARG -13  ? A ARG 147 
148 1 Y 1 A ALA -12  ? A ALA 148 
149 1 Y 1 A VAL -11  ? A VAL 149 
150 1 Y 1 A GLY -10  ? A GLY 150 
151 1 Y 1 A SER -9   ? A SER 151 
152 1 Y 1 A GLY -8   ? A GLY 152 
153 1 Y 1 A LYS -7   ? A LYS 153 
154 1 Y 1 A ARG -6   ? A ARG 154 
155 1 Y 1 A GLY -5   ? A GLY 155 
156 1 Y 1 A LEU -4   ? A LEU 156 
157 1 Y 1 A ASP -3   ? A ASP 157 
158 1 Y 1 A LEU -2   ? A LEU 158 
159 1 Y 1 A LEU -1   ? A LEU 159 
160 1 Y 1 A ARG 0    ? A ARG 160 
# 
loop_
_chem_comp_atom.comp_id 
_chem_comp_atom.atom_id 
_chem_comp_atom.type_symbol 
_chem_comp_atom.pdbx_aromatic_flag 
_chem_comp_atom.pdbx_stereo_config 
_chem_comp_atom.pdbx_ordinal 
ALA N    N N N 1   
ALA CA   C N S 2   
ALA C    C N N 3   
ALA O    O N N 4   
ALA CB   C N N 5   
ALA OXT  O N N 6   
ALA H    H N N 7   
ALA H2   H N N 8   
ALA HA   H N N 9   
ALA HB1  H N N 10  
ALA HB2  H N N 11  
ALA HB3  H N N 12  
ALA HXT  H N N 13  
ARG N    N N N 14  
ARG CA   C N S 15  
ARG C    C N N 16  
ARG O    O N N 17  
ARG CB   C N N 18  
ARG CG   C N N 19  
ARG CD   C N N 20  
ARG NE   N N N 21  
ARG CZ   C N N 22  
ARG NH1  N N N 23  
ARG NH2  N N N 24  
ARG OXT  O N N 25  
ARG H    H N N 26  
ARG H2   H N N 27  
ARG HA   H N N 28  
ARG HB2  H N N 29  
ARG HB3  H N N 30  
ARG HG2  H N N 31  
ARG HG3  H N N 32  
ARG HD2  H N N 33  
ARG HD3  H N N 34  
ARG HE   H N N 35  
ARG HH11 H N N 36  
ARG HH12 H N N 37  
ARG HH21 H N N 38  
ARG HH22 H N N 39  
ARG HXT  H N N 40  
ASN N    N N N 41  
ASN CA   C N S 42  
ASN C    C N N 43  
ASN O    O N N 44  
ASN CB   C N N 45  
ASN CG   C N N 46  
ASN OD1  O N N 47  
ASN ND2  N N N 48  
ASN OXT  O N N 49  
ASN H    H N N 50  
ASN H2   H N N 51  
ASN HA   H N N 52  
ASN HB2  H N N 53  
ASN HB3  H N N 54  
ASN HD21 H N N 55  
ASN HD22 H N N 56  
ASN HXT  H N N 57  
ASP N    N N N 58  
ASP CA   C N S 59  
ASP C    C N N 60  
ASP O    O N N 61  
ASP CB   C N N 62  
ASP CG   C N N 63  
ASP OD1  O N N 64  
ASP OD2  O N N 65  
ASP OXT  O N N 66  
ASP H    H N N 67  
ASP H2   H N N 68  
ASP HA   H N N 69  
ASP HB2  H N N 70  
ASP HB3  H N N 71  
ASP HD2  H N N 72  
ASP HXT  H N N 73  
CYS N    N N N 74  
CYS CA   C N R 75  
CYS C    C N N 76  
CYS O    O N N 77  
CYS CB   C N N 78  
CYS SG   S N N 79  
CYS OXT  O N N 80  
CYS H    H N N 81  
CYS H2   H N N 82  
CYS HA   H N N 83  
CYS HB2  H N N 84  
CYS HB3  H N N 85  
CYS HG   H N N 86  
CYS HXT  H N N 87  
GLN N    N N N 88  
GLN CA   C N S 89  
GLN C    C N N 90  
GLN O    O N N 91  
GLN CB   C N N 92  
GLN CG   C N N 93  
GLN CD   C N N 94  
GLN OE1  O N N 95  
GLN NE2  N N N 96  
GLN OXT  O N N 97  
GLN H    H N N 98  
GLN H2   H N N 99  
GLN HA   H N N 100 
GLN HB2  H N N 101 
GLN HB3  H N N 102 
GLN HG2  H N N 103 
GLN HG3  H N N 104 
GLN HE21 H N N 105 
GLN HE22 H N N 106 
GLN HXT  H N N 107 
GLU N    N N N 108 
GLU CA   C N S 109 
GLU C    C N N 110 
GLU O    O N N 111 
GLU CB   C N N 112 
GLU CG   C N N 113 
GLU CD   C N N 114 
GLU OE1  O N N 115 
GLU OE2  O N N 116 
GLU OXT  O N N 117 
GLU H    H N N 118 
GLU H2   H N N 119 
GLU HA   H N N 120 
GLU HB2  H N N 121 
GLU HB3  H N N 122 
GLU HG2  H N N 123 
GLU HG3  H N N 124 
GLU HE2  H N N 125 
GLU HXT  H N N 126 
GLY N    N N N 127 
GLY CA   C N N 128 
GLY C    C N N 129 
GLY O    O N N 130 
GLY OXT  O N N 131 
GLY H    H N N 132 
GLY H2   H N N 133 
GLY HA2  H N N 134 
GLY HA3  H N N 135 
GLY HXT  H N N 136 
HIS N    N N N 137 
HIS CA   C N S 138 
HIS C    C N N 139 
HIS O    O N N 140 
HIS CB   C N N 141 
HIS CG   C Y N 142 
HIS ND1  N Y N 143 
HIS CD2  C Y N 144 
HIS CE1  C Y N 145 
HIS NE2  N Y N 146 
HIS OXT  O N N 147 
HIS H    H N N 148 
HIS H2   H N N 149 
HIS HA   H N N 150 
HIS HB2  H N N 151 
HIS HB3  H N N 152 
HIS HD1  H N N 153 
HIS HD2  H N N 154 
HIS HE1  H N N 155 
HIS HE2  H N N 156 
HIS HXT  H N N 157 
ILE N    N N N 158 
ILE CA   C N S 159 
ILE C    C N N 160 
ILE O    O N N 161 
ILE CB   C N S 162 
ILE CG1  C N N 163 
ILE CG2  C N N 164 
ILE CD1  C N N 165 
ILE OXT  O N N 166 
ILE H    H N N 167 
ILE H2   H N N 168 
ILE HA   H N N 169 
ILE HB   H N N 170 
ILE HG12 H N N 171 
ILE HG13 H N N 172 
ILE HG21 H N N 173 
ILE HG22 H N N 174 
ILE HG23 H N N 175 
ILE HD11 H N N 176 
ILE HD12 H N N 177 
ILE HD13 H N N 178 
ILE HXT  H N N 179 
LEU N    N N N 180 
LEU CA   C N S 181 
LEU C    C N N 182 
LEU O    O N N 183 
LEU CB   C N N 184 
LEU CG   C N N 185 
LEU CD1  C N N 186 
LEU CD2  C N N 187 
LEU OXT  O N N 188 
LEU H    H N N 189 
LEU H2   H N N 190 
LEU HA   H N N 191 
LEU HB2  H N N 192 
LEU HB3  H N N 193 
LEU HG   H N N 194 
LEU HD11 H N N 195 
LEU HD12 H N N 196 
LEU HD13 H N N 197 
LEU HD21 H N N 198 
LEU HD22 H N N 199 
LEU HD23 H N N 200 
LEU HXT  H N N 201 
LYS N    N N N 202 
LYS CA   C N S 203 
LYS C    C N N 204 
LYS O    O N N 205 
LYS CB   C N N 206 
LYS CG   C N N 207 
LYS CD   C N N 208 
LYS CE   C N N 209 
LYS NZ   N N N 210 
LYS OXT  O N N 211 
LYS H    H N N 212 
LYS H2   H N N 213 
LYS HA   H N N 214 
LYS HB2  H N N 215 
LYS HB3  H N N 216 
LYS HG2  H N N 217 
LYS HG3  H N N 218 
LYS HD2  H N N 219 
LYS HD3  H N N 220 
LYS HE2  H N N 221 
LYS HE3  H N N 222 
LYS HZ1  H N N 223 
LYS HZ2  H N N 224 
LYS HZ3  H N N 225 
LYS HXT  H N N 226 
MET N    N N N 227 
MET CA   C N S 228 
MET C    C N N 229 
MET O    O N N 230 
MET CB   C N N 231 
MET CG   C N N 232 
MET SD   S N N 233 
MET CE   C N N 234 
MET OXT  O N N 235 
MET H    H N N 236 
MET H2   H N N 237 
MET HA   H N N 238 
MET HB2  H N N 239 
MET HB3  H N N 240 
MET HG2  H N N 241 
MET HG3  H N N 242 
MET HE1  H N N 243 
MET HE2  H N N 244 
MET HE3  H N N 245 
MET HXT  H N N 246 
PHE N    N N N 247 
PHE CA   C N S 248 
PHE C    C N N 249 
PHE O    O N N 250 
PHE CB   C N N 251 
PHE CG   C Y N 252 
PHE CD1  C Y N 253 
PHE CD2  C Y N 254 
PHE CE1  C Y N 255 
PHE CE2  C Y N 256 
PHE CZ   C Y N 257 
PHE OXT  O N N 258 
PHE H    H N N 259 
PHE H2   H N N 260 
PHE HA   H N N 261 
PHE HB2  H N N 262 
PHE HB3  H N N 263 
PHE HD1  H N N 264 
PHE HD2  H N N 265 
PHE HE1  H N N 266 
PHE HE2  H N N 267 
PHE HZ   H N N 268 
PHE HXT  H N N 269 
PRO N    N N N 270 
PRO CA   C N S 271 
PRO C    C N N 272 
PRO O    O N N 273 
PRO CB   C N N 274 
PRO CG   C N N 275 
PRO CD   C N N 276 
PRO OXT  O N N 277 
PRO H    H N N 278 
PRO HA   H N N 279 
PRO HB2  H N N 280 
PRO HB3  H N N 281 
PRO HG2  H N N 282 
PRO HG3  H N N 283 
PRO HD2  H N N 284 
PRO HD3  H N N 285 
PRO HXT  H N N 286 
SER N    N N N 287 
SER CA   C N S 288 
SER C    C N N 289 
SER O    O N N 290 
SER CB   C N N 291 
SER OG   O N N 292 
SER OXT  O N N 293 
SER H    H N N 294 
SER H2   H N N 295 
SER HA   H N N 296 
SER HB2  H N N 297 
SER HB3  H N N 298 
SER HG   H N N 299 
SER HXT  H N N 300 
THR N    N N N 301 
THR CA   C N S 302 
THR C    C N N 303 
THR O    O N N 304 
THR CB   C N R 305 
THR OG1  O N N 306 
THR CG2  C N N 307 
THR OXT  O N N 308 
THR H    H N N 309 
THR H2   H N N 310 
THR HA   H N N 311 
THR HB   H N N 312 
THR HG1  H N N 313 
THR HG21 H N N 314 
THR HG22 H N N 315 
THR HG23 H N N 316 
THR HXT  H N N 317 
TRP N    N N N 318 
TRP CA   C N S 319 
TRP C    C N N 320 
TRP O    O N N 321 
TRP CB   C N N 322 
TRP CG   C Y N 323 
TRP CD1  C Y N 324 
TRP CD2  C Y N 325 
TRP NE1  N Y N 326 
TRP CE2  C Y N 327 
TRP CE3  C Y N 328 
TRP CZ2  C Y N 329 
TRP CZ3  C Y N 330 
TRP CH2  C Y N 331 
TRP OXT  O N N 332 
TRP H    H N N 333 
TRP H2   H N N 334 
TRP HA   H N N 335 
TRP HB2  H N N 336 
TRP HB3  H N N 337 
TRP HD1  H N N 338 
TRP HE1  H N N 339 
TRP HE3  H N N 340 
TRP HZ2  H N N 341 
TRP HZ3  H N N 342 
TRP HH2  H N N 343 
TRP HXT  H N N 344 
TYR N    N N N 345 
TYR CA   C N S 346 
TYR C    C N N 347 
TYR O    O N N 348 
TYR CB   C N N 349 
TYR CG   C Y N 350 
TYR CD1  C Y N 351 
TYR CD2  C Y N 352 
TYR CE1  C Y N 353 
TYR CE2  C Y N 354 
TYR CZ   C Y N 355 
TYR OH   O N N 356 
TYR OXT  O N N 357 
TYR H    H N N 358 
TYR H2   H N N 359 
TYR HA   H N N 360 
TYR HB2  H N N 361 
TYR HB3  H N N 362 
TYR HD1  H N N 363 
TYR HD2  H N N 364 
TYR HE1  H N N 365 
TYR HE2  H N N 366 
TYR HH   H N N 367 
TYR HXT  H N N 368 
VAL N    N N N 369 
VAL CA   C N S 370 
VAL C    C N N 371 
VAL O    O N N 372 
VAL CB   C N N 373 
VAL CG1  C N N 374 
VAL CG2  C N N 375 
VAL OXT  O N N 376 
VAL H    H N N 377 
VAL H2   H N N 378 
VAL HA   H N N 379 
VAL HB   H N N 380 
VAL HG11 H N N 381 
VAL HG12 H N N 382 
VAL HG13 H N N 383 
VAL HG21 H N N 384 
VAL HG22 H N N 385 
VAL HG23 H N N 386 
VAL HXT  H N N 387 
# 
loop_
_chem_comp_bond.comp_id 
_chem_comp_bond.atom_id_1 
_chem_comp_bond.atom_id_2 
_chem_comp_bond.value_order 
_chem_comp_bond.pdbx_aromatic_flag 
_chem_comp_bond.pdbx_stereo_config 
_chem_comp_bond.pdbx_ordinal 
ALA N   CA   sing N N 1   
ALA N   H    sing N N 2   
ALA N   H2   sing N N 3   
ALA CA  C    sing N N 4   
ALA CA  CB   sing N N 5   
ALA CA  HA   sing N N 6   
ALA C   O    doub N N 7   
ALA C   OXT  sing N N 8   
ALA CB  HB1  sing N N 9   
ALA CB  HB2  sing N N 10  
ALA CB  HB3  sing N N 11  
ALA OXT HXT  sing N N 12  
ARG N   CA   sing N N 13  
ARG N   H    sing N N 14  
ARG N   H2   sing N N 15  
ARG CA  C    sing N N 16  
ARG CA  CB   sing N N 17  
ARG CA  HA   sing N N 18  
ARG C   O    doub N N 19  
ARG C   OXT  sing N N 20  
ARG CB  CG   sing N N 21  
ARG CB  HB2  sing N N 22  
ARG CB  HB3  sing N N 23  
ARG CG  CD   sing N N 24  
ARG CG  HG2  sing N N 25  
ARG CG  HG3  sing N N 26  
ARG CD  NE   sing N N 27  
ARG CD  HD2  sing N N 28  
ARG CD  HD3  sing N N 29  
ARG NE  CZ   sing N N 30  
ARG NE  HE   sing N N 31  
ARG CZ  NH1  sing N N 32  
ARG CZ  NH2  doub N N 33  
ARG NH1 HH11 sing N N 34  
ARG NH1 HH12 sing N N 35  
ARG NH2 HH21 sing N N 36  
ARG NH2 HH22 sing N N 37  
ARG OXT HXT  sing N N 38  
ASN N   CA   sing N N 39  
ASN N   H    sing N N 40  
ASN N   H2   sing N N 41  
ASN CA  C    sing N N 42  
ASN CA  CB   sing N N 43  
ASN CA  HA   sing N N 44  
ASN C   O    doub N N 45  
ASN C   OXT  sing N N 46  
ASN CB  CG   sing N N 47  
ASN CB  HB2  sing N N 48  
ASN CB  HB3  sing N N 49  
ASN CG  OD1  doub N N 50  
ASN CG  ND2  sing N N 51  
ASN ND2 HD21 sing N N 52  
ASN ND2 HD22 sing N N 53  
ASN OXT HXT  sing N N 54  
ASP N   CA   sing N N 55  
ASP N   H    sing N N 56  
ASP N   H2   sing N N 57  
ASP CA  C    sing N N 58  
ASP CA  CB   sing N N 59  
ASP CA  HA   sing N N 60  
ASP C   O    doub N N 61  
ASP C   OXT  sing N N 62  
ASP CB  CG   sing N N 63  
ASP CB  HB2  sing N N 64  
ASP CB  HB3  sing N N 65  
ASP CG  OD1  doub N N 66  
ASP CG  OD2  sing N N 67  
ASP OD2 HD2  sing N N 68  
ASP OXT HXT  sing N N 69  
CYS N   CA   sing N N 70  
CYS N   H    sing N N 71  
CYS N   H2   sing N N 72  
CYS CA  C    sing N N 73  
CYS CA  CB   sing N N 74  
CYS CA  HA   sing N N 75  
CYS C   O    doub N N 76  
CYS C   OXT  sing N N 77  
CYS CB  SG   sing N N 78  
CYS CB  HB2  sing N N 79  
CYS CB  HB3  sing N N 80  
CYS SG  HG   sing N N 81  
CYS OXT HXT  sing N N 82  
GLN N   CA   sing N N 83  
GLN N   H    sing N N 84  
GLN N   H2   sing N N 85  
GLN CA  C    sing N N 86  
GLN CA  CB   sing N N 87  
GLN CA  HA   sing N N 88  
GLN C   O    doub N N 89  
GLN C   OXT  sing N N 90  
GLN CB  CG   sing N N 91  
GLN CB  HB2  sing N N 92  
GLN CB  HB3  sing N N 93  
GLN CG  CD   sing N N 94  
GLN CG  HG2  sing N N 95  
GLN CG  HG3  sing N N 96  
GLN CD  OE1  doub N N 97  
GLN CD  NE2  sing N N 98  
GLN NE2 HE21 sing N N 99  
GLN NE2 HE22 sing N N 100 
GLN OXT HXT  sing N N 101 
GLU N   CA   sing N N 102 
GLU N   H    sing N N 103 
GLU N   H2   sing N N 104 
GLU CA  C    sing N N 105 
GLU CA  CB   sing N N 106 
GLU CA  HA   sing N N 107 
GLU C   O    doub N N 108 
GLU C   OXT  sing N N 109 
GLU CB  CG   sing N N 110 
GLU CB  HB2  sing N N 111 
GLU CB  HB3  sing N N 112 
GLU CG  CD   sing N N 113 
GLU CG  HG2  sing N N 114 
GLU CG  HG3  sing N N 115 
GLU CD  OE1  doub N N 116 
GLU CD  OE2  sing N N 117 
GLU OE2 HE2  sing N N 118 
GLU OXT HXT  sing N N 119 
GLY N   CA   sing N N 120 
GLY N   H    sing N N 121 
GLY N   H2   sing N N 122 
GLY CA  C    sing N N 123 
GLY CA  HA2  sing N N 124 
GLY CA  HA3  sing N N 125 
GLY C   O    doub N N 126 
GLY C   OXT  sing N N 127 
GLY OXT HXT  sing N N 128 
HIS N   CA   sing N N 129 
HIS N   H    sing N N 130 
HIS N   H2   sing N N 131 
HIS CA  C    sing N N 132 
HIS CA  CB   sing N N 133 
HIS CA  HA   sing N N 134 
HIS C   O    doub N N 135 
HIS C   OXT  sing N N 136 
HIS CB  CG   sing N N 137 
HIS CB  HB2  sing N N 138 
HIS CB  HB3  sing N N 139 
HIS CG  ND1  sing Y N 140 
HIS CG  CD2  doub Y N 141 
HIS ND1 CE1  doub Y N 142 
HIS ND1 HD1  sing N N 143 
HIS CD2 NE2  sing Y N 144 
HIS CD2 HD2  sing N N 145 
HIS CE1 NE2  sing Y N 146 
HIS CE1 HE1  sing N N 147 
HIS NE2 HE2  sing N N 148 
HIS OXT HXT  sing N N 149 
ILE N   CA   sing N N 150 
ILE N   H    sing N N 151 
ILE N   H2   sing N N 152 
ILE CA  C    sing N N 153 
ILE CA  CB   sing N N 154 
ILE CA  HA   sing N N 155 
ILE C   O    doub N N 156 
ILE C   OXT  sing N N 157 
ILE CB  CG1  sing N N 158 
ILE CB  CG2  sing N N 159 
ILE CB  HB   sing N N 160 
ILE CG1 CD1  sing N N 161 
ILE CG1 HG12 sing N N 162 
ILE CG1 HG13 sing N N 163 
ILE CG2 HG21 sing N N 164 
ILE CG2 HG22 sing N N 165 
ILE CG2 HG23 sing N N 166 
ILE CD1 HD11 sing N N 167 
ILE CD1 HD12 sing N N 168 
ILE CD1 HD13 sing N N 169 
ILE OXT HXT  sing N N 170 
LEU N   CA   sing N N 171 
LEU N   H    sing N N 172 
LEU N   H2   sing N N 173 
LEU CA  C    sing N N 174 
LEU CA  CB   sing N N 175 
LEU CA  HA   sing N N 176 
LEU C   O    doub N N 177 
LEU C   OXT  sing N N 178 
LEU CB  CG   sing N N 179 
LEU CB  HB2  sing N N 180 
LEU CB  HB3  sing N N 181 
LEU CG  CD1  sing N N 182 
LEU CG  CD2  sing N N 183 
LEU CG  HG   sing N N 184 
LEU CD1 HD11 sing N N 185 
LEU CD1 HD12 sing N N 186 
LEU CD1 HD13 sing N N 187 
LEU CD2 HD21 sing N N 188 
LEU CD2 HD22 sing N N 189 
LEU CD2 HD23 sing N N 190 
LEU OXT HXT  sing N N 191 
LYS N   CA   sing N N 192 
LYS N   H    sing N N 193 
LYS N   H2   sing N N 194 
LYS CA  C    sing N N 195 
LYS CA  CB   sing N N 196 
LYS CA  HA   sing N N 197 
LYS C   O    doub N N 198 
LYS C   OXT  sing N N 199 
LYS CB  CG   sing N N 200 
LYS CB  HB2  sing N N 201 
LYS CB  HB3  sing N N 202 
LYS CG  CD   sing N N 203 
LYS CG  HG2  sing N N 204 
LYS CG  HG3  sing N N 205 
LYS CD  CE   sing N N 206 
LYS CD  HD2  sing N N 207 
LYS CD  HD3  sing N N 208 
LYS CE  NZ   sing N N 209 
LYS CE  HE2  sing N N 210 
LYS CE  HE3  sing N N 211 
LYS NZ  HZ1  sing N N 212 
LYS NZ  HZ2  sing N N 213 
LYS NZ  HZ3  sing N N 214 
LYS OXT HXT  sing N N 215 
MET N   CA   sing N N 216 
MET N   H    sing N N 217 
MET N   H2   sing N N 218 
MET CA  C    sing N N 219 
MET CA  CB   sing N N 220 
MET CA  HA   sing N N 221 
MET C   O    doub N N 222 
MET C   OXT  sing N N 223 
MET CB  CG   sing N N 224 
MET CB  HB2  sing N N 225 
MET CB  HB3  sing N N 226 
MET CG  SD   sing N N 227 
MET CG  HG2  sing N N 228 
MET CG  HG3  sing N N 229 
MET SD  CE   sing N N 230 
MET CE  HE1  sing N N 231 
MET CE  HE2  sing N N 232 
MET CE  HE3  sing N N 233 
MET OXT HXT  sing N N 234 
PHE N   CA   sing N N 235 
PHE N   H    sing N N 236 
PHE N   H2   sing N N 237 
PHE CA  C    sing N N 238 
PHE CA  CB   sing N N 239 
PHE CA  HA   sing N N 240 
PHE C   O    doub N N 241 
PHE C   OXT  sing N N 242 
PHE CB  CG   sing N N 243 
PHE CB  HB2  sing N N 244 
PHE CB  HB3  sing N N 245 
PHE CG  CD1  doub Y N 246 
PHE CG  CD2  sing Y N 247 
PHE CD1 CE1  sing Y N 248 
PHE CD1 HD1  sing N N 249 
PHE CD2 CE2  doub Y N 250 
PHE CD2 HD2  sing N N 251 
PHE CE1 CZ   doub Y N 252 
PHE CE1 HE1  sing N N 253 
PHE CE2 CZ   sing Y N 254 
PHE CE2 HE2  sing N N 255 
PHE CZ  HZ   sing N N 256 
PHE OXT HXT  sing N N 257 
PRO N   CA   sing N N 258 
PRO N   CD   sing N N 259 
PRO N   H    sing N N 260 
PRO CA  C    sing N N 261 
PRO CA  CB   sing N N 262 
PRO CA  HA   sing N N 263 
PRO C   O    doub N N 264 
PRO C   OXT  sing N N 265 
PRO CB  CG   sing N N 266 
PRO CB  HB2  sing N N 267 
PRO CB  HB3  sing N N 268 
PRO CG  CD   sing N N 269 
PRO CG  HG2  sing N N 270 
PRO CG  HG3  sing N N 271 
PRO CD  HD2  sing N N 272 
PRO CD  HD3  sing N N 273 
PRO OXT HXT  sing N N 274 
SER N   CA   sing N N 275 
SER N   H    sing N N 276 
SER N   H2   sing N N 277 
SER CA  C    sing N N 278 
SER CA  CB   sing N N 279 
SER CA  HA   sing N N 280 
SER C   O    doub N N 281 
SER C   OXT  sing N N 282 
SER CB  OG   sing N N 283 
SER CB  HB2  sing N N 284 
SER CB  HB3  sing N N 285 
SER OG  HG   sing N N 286 
SER OXT HXT  sing N N 287 
THR N   CA   sing N N 288 
THR N   H    sing N N 289 
THR N   H2   sing N N 290 
THR CA  C    sing N N 291 
THR CA  CB   sing N N 292 
THR CA  HA   sing N N 293 
THR C   O    doub N N 294 
THR C   OXT  sing N N 295 
THR CB  OG1  sing N N 296 
THR CB  CG2  sing N N 297 
THR CB  HB   sing N N 298 
THR OG1 HG1  sing N N 299 
THR CG2 HG21 sing N N 300 
THR CG2 HG22 sing N N 301 
THR CG2 HG23 sing N N 302 
THR OXT HXT  sing N N 303 
TRP N   CA   sing N N 304 
TRP N   H    sing N N 305 
TRP N   H2   sing N N 306 
TRP CA  C    sing N N 307 
TRP CA  CB   sing N N 308 
TRP CA  HA   sing N N 309 
TRP C   O    doub N N 310 
TRP C   OXT  sing N N 311 
TRP CB  CG   sing N N 312 
TRP CB  HB2  sing N N 313 
TRP CB  HB3  sing N N 314 
TRP CG  CD1  doub Y N 315 
TRP CG  CD2  sing Y N 316 
TRP CD1 NE1  sing Y N 317 
TRP CD1 HD1  sing N N 318 
TRP CD2 CE2  doub Y N 319 
TRP CD2 CE3  sing Y N 320 
TRP NE1 CE2  sing Y N 321 
TRP NE1 HE1  sing N N 322 
TRP CE2 CZ2  sing Y N 323 
TRP CE3 CZ3  doub Y N 324 
TRP CE3 HE3  sing N N 325 
TRP CZ2 CH2  doub Y N 326 
TRP CZ2 HZ2  sing N N 327 
TRP CZ3 CH2  sing Y N 328 
TRP CZ3 HZ3  sing N N 329 
TRP CH2 HH2  sing N N 330 
TRP OXT HXT  sing N N 331 
TYR N   CA   sing N N 332 
TYR N   H    sing N N 333 
TYR N   H2   sing N N 334 
TYR CA  C    sing N N 335 
TYR CA  CB   sing N N 336 
TYR CA  HA   sing N N 337 
TYR C   O    doub N N 338 
TYR C   OXT  sing N N 339 
TYR CB  CG   sing N N 340 
TYR CB  HB2  sing N N 341 
TYR CB  HB3  sing N N 342 
TYR CG  CD1  doub Y N 343 
TYR CG  CD2  sing Y N 344 
TYR CD1 CE1  sing Y N 345 
TYR CD1 HD1  sing N N 346 
TYR CD2 CE2  doub Y N 347 
TYR CD2 HD2  sing N N 348 
TYR CE1 CZ   doub Y N 349 
TYR CE1 HE1  sing N N 350 
TYR CE2 CZ   sing Y N 351 
TYR CE2 HE2  sing N N 352 
TYR CZ  OH   sing N N 353 
TYR OH  HH   sing N N 354 
TYR OXT HXT  sing N N 355 
VAL N   CA   sing N N 356 
VAL N   H    sing N N 357 
VAL N   H2   sing N N 358 
VAL CA  C    sing N N 359 
VAL CA  CB   sing N N 360 
VAL CA  HA   sing N N 361 
VAL C   O    doub N N 362 
VAL C   OXT  sing N N 363 
VAL CB  CG1  sing N N 364 
VAL CB  CG2  sing N N 365 
VAL CB  HB   sing N N 366 
VAL CG1 HG11 sing N N 367 
VAL CG1 HG12 sing N N 368 
VAL CG1 HG13 sing N N 369 
VAL CG2 HG21 sing N N 370 
VAL CG2 HG22 sing N N 371 
VAL CG2 HG23 sing N N 372 
VAL OXT HXT  sing N N 373 
# 
_em_ctf_correction.details                  ? 
_em_ctf_correction.em_image_processing_id   1 
_em_ctf_correction.id                       1 
_em_ctf_correction.type                     'PHASE FLIPPING ONLY' 
# 
_em_entity_assembly_naturalsource.cell                 ? 
_em_entity_assembly_naturalsource.cellular_location    ? 
_em_entity_assembly_naturalsource.entity_assembly_id   1 
_em_entity_assembly_naturalsource.id                   2 
_em_entity_assembly_naturalsource.ncbi_tax_id          35688 
_em_entity_assembly_naturalsource.organism             'Porphyridium purpureum' 
_em_entity_assembly_naturalsource.organelle            ? 
_em_entity_assembly_naturalsource.organ                ? 
_em_entity_assembly_naturalsource.strain               ? 
_em_entity_assembly_naturalsource.tissue               ? 
# 
_em_image_processing.details              ? 
_em_image_processing.id                   1 
_em_image_processing.image_recording_id   1 
# 
_em_image_recording.average_exposure_time               ? 
_em_image_recording.avg_electron_dose_per_subtomogram   ? 
_em_image_recording.avg_electron_dose_per_image         35 
_em_image_recording.details                             ? 
_em_image_recording.detector_mode                       ? 
_em_image_recording.film_or_detector_model              'GATAN K3 (6k x 4k)' 
_em_image_recording.id                                  1 
_em_image_recording.imaging_id                          1 
_em_image_recording.num_diffraction_images              ? 
_em_image_recording.num_grids_imaged                    ? 
_em_image_recording.num_real_images                     ? 
# 
loop_
_em_software.category 
_em_software.details 
_em_software.id 
_em_software.image_processing_id 
_em_software.fitting_id 
_em_software.imaging_id 
_em_software.name 
_em_software.version 
'PARTICLE SELECTION'       ? 1  1 ? ? ? ? 
'IMAGE ACQUISITION'        ? 2  ? ? 1 ? ? 
MASKING                    ? 3  ? ? ? ? ? 
'CTF CORRECTION'           ? 4  1 ? ? ? ? 
'LAYERLINE INDEXING'       ? 5  ? ? ? ? ? 
'DIFFRACTION INDEXING'     ? 6  ? ? ? ? ? 
'MODEL FITTING'            ? 7  ? ? ? ? ? 
'MODEL REFINEMENT'         ? 8  ? ? ? ? ? 
OTHER                      ? 9  ? ? ? ? ? 
'INITIAL EULER ASSIGNMENT' ? 10 1 ? ? ? ? 
'FINAL EULER ASSIGNMENT'   ? 11 1 ? ? ? ? 
CLASSIFICATION             ? 12 1 ? ? ? ? 
RECONSTRUCTION             ? 13 1 ? ? ? ? 
# 
_em_specimen.concentration           ? 
_em_specimen.details                 ? 
_em_specimen.embedding_applied       NO 
_em_specimen.experiment_id           1 
_em_specimen.id                      1 
_em_specimen.shadowing_applied       NO 
_em_specimen.staining_applied        NO 
_em_specimen.vitrification_applied   YES 
# 
_pdbx_audit_support.funding_organization   'Not funded' 
_pdbx_audit_support.country                ? 
_pdbx_audit_support.grant_number           ? 
_pdbx_audit_support.ordinal                1 
# 
_atom_sites.entry_id                    8JNN 
_atom_sites.Cartn_transf_matrix[1][1]   ? 
_atom_sites.Cartn_transf_matrix[1][2]   ? 
_atom_sites.Cartn_transf_matrix[1][3]   ? 
_atom_sites.Cartn_transf_matrix[2][1]   ? 
_atom_sites.Cartn_transf_matrix[2][2]   ? 
_atom_sites.Cartn_transf_matrix[2][3]   ? 
_atom_sites.Cartn_transf_matrix[3][1]   ? 
_atom_sites.Cartn_transf_matrix[3][2]   ? 
_atom_sites.Cartn_transf_matrix[3][3]   ? 
_atom_sites.Cartn_transf_vector[1]      ? 
_atom_sites.Cartn_transf_vector[2]      ? 
_atom_sites.Cartn_transf_vector[3]      ? 
_atom_sites.fract_transf_matrix[1][1]   1.000000 
_atom_sites.fract_transf_matrix[1][2]   0.000000 
_atom_sites.fract_transf_matrix[1][3]   0.000000 
_atom_sites.fract_transf_matrix[2][1]   0.000000 
_atom_sites.fract_transf_matrix[2][2]   1.000000 
_atom_sites.fract_transf_matrix[2][3]   0.000000 
_atom_sites.fract_transf_matrix[3][1]   0.000000 
_atom_sites.fract_transf_matrix[3][2]   0.000000 
_atom_sites.fract_transf_matrix[3][3]   1.000000 
_atom_sites.fract_transf_vector[1]      0.00000 
_atom_sites.fract_transf_vector[2]      0.00000 
_atom_sites.fract_transf_vector[3]      0.00000 
_atom_sites.solution_primary            ? 
_atom_sites.solution_secondary          ? 
_atom_sites.solution_hydrogens          ? 
_atom_sites.special_details             ? 
# 
loop_
_atom_type.symbol 
C 
N 
O 
S 
# 
loop_
_atom_site.group_PDB 
_atom_site.id 
_atom_site.type_symbol 
_atom_site.label_atom_id 
_atom_site.label_alt_id 
_atom_site.label_comp_id 
_atom_site.label_asym_id 
_atom_site.label_entity_id 
_atom_site.label_seq_id 
_atom_site.pdbx_PDB_ins_code 
_atom_site.Cartn_x 
_atom_site.Cartn_y 
_atom_site.Cartn_z 
_atom_site.occupancy 
_atom_site.B_iso_or_equiv 
_atom_site.pdbx_formal_charge 
_atom_site.auth_seq_id 
_atom_site.auth_comp_id 
_atom_site.auth_asym_id 
_atom_site.auth_atom_id 
_atom_site.pdbx_PDB_model_num 
ATOM 1    N N   . GLU A 1 161 ? 29.946  -51.186 16.563  1.00 86.82  ? 1   GLU A N   1 
ATOM 2    C CA  . GLU A 1 161 ? 28.586  -50.905 16.123  1.00 86.82  ? 1   GLU A CA  1 
ATOM 3    C C   . GLU A 1 161 ? 28.380  -51.404 14.699  1.00 86.82  ? 1   GLU A C   1 
ATOM 4    O O   . GLU A 1 161 ? 28.636  -52.564 14.396  1.00 86.82  ? 1   GLU A O   1 
ATOM 5    C CB  . GLU A 1 161 ? 28.291  -49.406 16.222  1.00 86.82  ? 1   GLU A CB  1 
ATOM 6    C CG  . GLU A 1 161 ? 28.815  -48.784 17.495  1.00 86.82  ? 1   GLU A CG  1 
ATOM 7    C CD  . GLU A 1 161 ? 28.857  -47.280 17.434  1.00 86.82  ? 1   GLU A CD  1 
ATOM 8    O OE1 . GLU A 1 161 ? 29.529  -46.669 18.289  1.00 86.82  ? 1   GLU A OE1 1 
ATOM 9    O OE2 . GLU A 1 161 ? 28.211  -46.710 16.534  1.00 86.82  ? 1   GLU A OE2 1 
ATOM 10   N N   . ASP A 1 162 ? 27.948  -50.506 13.819  1.00 91.10  ? 2   ASP A N   1 
ATOM 11   C CA  . ASP A 1 162 ? 27.603  -50.853 12.447  1.00 91.10  ? 2   ASP A CA  1 
ATOM 12   C C   . ASP A 1 162 ? 27.974  -49.701 11.526  1.00 91.10  ? 2   ASP A C   1 
ATOM 13   O O   . ASP A 1 162 ? 28.837  -48.885 11.864  1.00 91.10  ? 2   ASP A O   1 
ATOM 14   C CB  . ASP A 1 162 ? 26.118  -51.205 12.308  1.00 91.10  ? 2   ASP A CB  1 
ATOM 15   C CG  . ASP A 1 162 ? 25.860  -52.202 11.195  1.00 91.10  ? 2   ASP A CG  1 
ATOM 16   O OD1 . ASP A 1 162 ? 26.226  -51.893 10.044  1.00 91.10  ? 2   ASP A OD1 1 
ATOM 17   O OD2 . ASP A 1 162 ? 25.301  -53.281 11.463  1.00 91.10  ? 2   ASP A OD2 1 
ATOM 18   N N   . PHE A 1 163 ? 27.336  -49.658 10.363  1.00 80.14  ? 3   PHE A N   1 
ATOM 19   C CA  . PHE A 1 163 ? 27.775  -48.914 9.203   1.00 80.14  ? 3   PHE A CA  1 
ATOM 20   C C   . PHE A 1 163 ? 27.824  -47.416 9.467   1.00 80.14  ? 3   PHE A C   1 
ATOM 21   O O   . PHE A 1 163 ? 27.254  -46.918 10.440  1.00 80.14  ? 3   PHE A O   1 
ATOM 22   C CB  . PHE A 1 163 ? 26.840  -49.210 8.038   1.00 80.14  ? 3   PHE A CB  1 
ATOM 23   C CG  . PHE A 1 163 ? 27.308  -48.647 6.762   1.00 80.14  ? 3   PHE A CG  1 
ATOM 24   C CD1 . PHE A 1 163 ? 28.509  -49.056 6.231   1.00 80.14  ? 3   PHE A CD1 1 
ATOM 25   C CD2 . PHE A 1 163 ? 26.625  -47.611 6.169   1.00 80.14  ? 3   PHE A CD2 1 
ATOM 26   C CE1 . PHE A 1 163 ? 28.980  -48.510 5.079   1.00 80.14  ? 3   PHE A CE1 1 
ATOM 27   C CE2 . PHE A 1 163 ? 27.090  -47.056 5.013   1.00 80.14  ? 3   PHE A CE2 1 
ATOM 28   C CZ  . PHE A 1 163 ? 28.268  -47.507 4.463   1.00 80.14  ? 3   PHE A CZ  1 
ATOM 29   N N   . LEU A 1 164 ? 28.607  -46.736 8.621   1.00 73.95  ? 4   LEU A N   1 
ATOM 30   C CA  . LEU A 1 164 ? 28.681  -45.286 8.519   1.00 73.95  ? 4   LEU A CA  1 
ATOM 31   C C   . LEU A 1 164 ? 27.338  -44.605 8.644   1.00 73.95  ? 4   LEU A C   1 
ATOM 32   O O   . LEU A 1 164 ? 26.362  -44.956 7.979   1.00 73.95  ? 4   LEU A O   1 
ATOM 33   C CB  . LEU A 1 164 ? 29.307  -44.883 7.188   1.00 73.95  ? 4   LEU A CB  1 
ATOM 34   C CG  . LEU A 1 164 ? 29.298  -43.401 6.818   1.00 73.95  ? 4   LEU A CG  1 
ATOM 35   C CD1 . LEU A 1 164 ? 30.676  -43.005 6.383   1.00 73.95  ? 4   LEU A CD1 1 
ATOM 36   C CD2 . LEU A 1 164 ? 28.329  -43.142 5.681   1.00 73.95  ? 4   LEU A CD2 1 
ATOM 37   N N   . GLN A 1 165 ? 27.312  -43.661 9.538   1.00 86.23  ? 5   GLN A N   1 
ATOM 38   C CA  . GLN A 1 165 ? 26.319  -42.623 9.598   1.00 86.23  ? 5   GLN A CA  1 
ATOM 39   C C   . GLN A 1 165 ? 27.050  -41.382 9.110   1.00 86.23  ? 5   GLN A C   1 
ATOM 40   O O   . GLN A 1 165 ? 28.252  -41.235 9.355   1.00 86.23  ? 5   GLN A O   1 
ATOM 41   C CB  . GLN A 1 165 ? 25.784  -42.513 11.020  1.00 86.23  ? 5   GLN A CB  1 
ATOM 42   C CG  . GLN A 1 165 ? 26.876  -42.380 12.066  1.00 86.23  ? 5   GLN A CG  1 
ATOM 43   C CD  . GLN A 1 165 ? 27.165  -40.947 12.462  1.00 86.23  ? 5   GLN A CD  1 
ATOM 44   O OE1 . GLN A 1 165 ? 26.254  -40.145 12.639  1.00 86.23  ? 5   GLN A OE1 1 
ATOM 45   N NE2 . GLN A 1 165 ? 28.441  -40.613 12.578  1.00 86.23  ? 5   GLN A NE2 1 
ATOM 46   N N   . THR A 1 166 ? 26.329  -40.528 8.368   1.00 86.10  ? 6   THR A N   1 
ATOM 47   C CA  . THR A 1 166 ? 26.727  -39.168 8.018   1.00 86.10  ? 6   THR A CA  1 
ATOM 48   C C   . THR A 1 166 ? 28.075  -39.084 7.319   1.00 86.10  ? 6   THR A C   1 
ATOM 49   O O   . THR A 1 166 ? 29.053  -38.686 7.942   1.00 86.10  ? 6   THR A O   1 
ATOM 50   C CB  . THR A 1 166 ? 26.739  -38.285 9.266   1.00 86.10  ? 6   THR A CB  1 
ATOM 51   O OG1 . THR A 1 166 ? 27.872  -38.599 10.083  1.00 86.10  ? 6   THR A OG1 1 
ATOM 52   C CG2 . THR A 1 166 ? 25.444  -38.455 10.047  1.00 86.10  ? 6   THR A CG2 1 
ATOM 53   N N   . GLY A 1 167 ? 28.136  -39.492 6.054   1.00 91.92  ? 7   GLY A N   1 
ATOM 54   C CA  . GLY A 1 167 ? 29.371  -39.657 5.306   1.00 91.92  ? 7   GLY A CA  1 
ATOM 55   C C   . GLY A 1 167 ? 30.410  -38.540 5.259   1.00 91.92  ? 7   GLY A C   1 
ATOM 56   O O   . GLY A 1 167 ? 31.588  -38.763 5.542   1.00 91.92  ? 7   GLY A O   1 
ATOM 57   N N   . PRO A 1 168 ? 30.020  -37.331 4.865   1.00 90.21  ? 8   PRO A N   1 
ATOM 58   C CA  . PRO A 1 168 ? 31.012  -36.249 4.770   1.00 90.21  ? 8   PRO A CA  1 
ATOM 59   C C   . PRO A 1 168 ? 31.418  -35.614 6.090   1.00 90.21  ? 8   PRO A C   1 
ATOM 60   O O   . PRO A 1 168 ? 31.982  -34.517 6.062   1.00 90.21  ? 8   PRO A O   1 
ATOM 61   C CB  . PRO A 1 168 ? 30.316  -35.235 3.864   1.00 90.21  ? 8   PRO A CB  1 
ATOM 62   C CG  . PRO A 1 168 ? 29.450  -36.078 3.003   1.00 90.21  ? 8   PRO A CG  1 
ATOM 63   C CD  . PRO A 1 168 ? 28.909  -37.111 3.927   1.00 90.21  ? 8   PRO A CD  1 
ATOM 64   N N   . GLU A 1 169 ? 31.179  -36.261 7.232   1.00 85.74  ? 9   GLU A N   1 
ATOM 65   C CA  . GLU A 1 169 ? 31.338  -35.594 8.521   1.00 85.74  ? 9   GLU A CA  1 
ATOM 66   C C   . GLU A 1 169 ? 32.800  -35.305 8.847   1.00 85.74  ? 9   GLU A C   1 
ATOM 67   O O   . GLU A 1 169 ? 33.099  -34.392 9.622   1.00 85.74  ? 9   GLU A O   1 
ATOM 68   C CB  . GLU A 1 169 ? 30.682  -36.444 9.617   1.00 85.74  ? 9   GLU A CB  1 
ATOM 69   C CG  . GLU A 1 169 ? 31.504  -37.588 10.279  1.00 85.74  ? 9   GLU A CG  1 
ATOM 70   C CD  . GLU A 1 169 ? 31.647  -38.860 9.448   1.00 85.74  ? 9   GLU A CD  1 
ATOM 71   O OE1 . GLU A 1 169 ? 32.064  -38.783 8.288   1.00 85.74  ? 9   GLU A OE1 1 
ATOM 72   O OE2 . GLU A 1 169 ? 31.270  -39.941 9.939   1.00 85.74  ? 9   GLU A OE2 1 
ATOM 73   N N   . ARG A 1 170 ? 33.724  -36.048 8.247   1.00 91.82  ? 10  ARG A N   1 
ATOM 74   C CA  . ARG A 1 170 ? 35.150  -35.782 8.425   1.00 91.82  ? 10  ARG A CA  1 
ATOM 75   C C   . ARG A 1 170 ? 35.702  -35.062 7.199   1.00 91.82  ? 10  ARG A C   1 
ATOM 76   O O   . ARG A 1 170 ? 36.899  -35.046 6.928   1.00 91.82  ? 10  ARG A O   1 
ATOM 77   C CB  . ARG A 1 170 ? 35.906  -37.076 8.691   1.00 91.82  ? 10  ARG A CB  1 
ATOM 78   C CG  . ARG A 1 170 ? 35.282  -37.958 9.763   1.00 91.82  ? 10  ARG A CG  1 
ATOM 79   C CD  . ARG A 1 170 ? 35.901  -39.351 9.791   1.00 91.82  ? 10  ARG A CD  1 
ATOM 80   N NE  . ARG A 1 170 ? 36.134  -39.831 11.149  1.00 91.82  ? 10  ARG A NE  1 
ATOM 81   C CZ  . ARG A 1 170 ? 36.632  -41.028 11.437  1.00 91.82  ? 10  ARG A CZ  1 
ATOM 82   N NH1 . ARG A 1 170 ? 36.816  -41.388 12.697  1.00 91.82  ? 10  ARG A NH1 1 
ATOM 83   N NH2 . ARG A 1 170 ? 36.942  -41.866 10.459  1.00 91.82  ? 10  ARG A NH2 1 
ATOM 84   N N   . ALA A 1 171 ? 34.791  -34.452 6.455   1.00 94.57  ? 11  ALA A N   1 
ATOM 85   C CA  . ALA A 1 171 ? 35.151  -33.767 5.225   1.00 94.57  ? 11  ALA A CA  1 
ATOM 86   C C   . ALA A 1 171 ? 34.304  -32.511 5.134   1.00 94.57  ? 11  ALA A C   1 
ATOM 87   O O   . ALA A 1 171 ? 33.643  -32.120 6.098   1.00 94.57  ? 11  ALA A O   1 
ATOM 88   C CB  . ALA A 1 171 ? 34.959  -34.660 4.003   1.00 94.57  ? 11  ALA A CB  1 
ATOM 89   N N   . GLY A 1 172 ? 34.303  -31.910 3.938   1.00 105.86 ? 12  GLY A N   1 
ATOM 90   C CA  . GLY A 1 172 ? 33.949  -30.501 3.806   1.00 105.86 ? 12  GLY A CA  1 
ATOM 91   C C   . GLY A 1 172 ? 32.482  -30.193 4.049   1.00 105.86 ? 12  GLY A C   1 
ATOM 92   O O   . GLY A 1 172 ? 32.148  -29.162 4.637   1.00 105.86 ? 12  GLY A O   1 
ATOM 93   N N   . VAL A 1 173 ? 31.590  -31.069 3.595   1.00 104.07 ? 13  VAL A N   1 
ATOM 94   C CA  . VAL A 1 173 ? 30.167  -30.903 3.871   1.00 104.07 ? 13  VAL A CA  1 
ATOM 95   C C   . VAL A 1 173 ? 29.966  -31.267 5.333   1.00 104.07 ? 13  VAL A C   1 
ATOM 96   O O   . VAL A 1 173 ? 30.756  -32.024 5.900   1.00 104.07 ? 13  VAL A O   1 
ATOM 97   C CB  . VAL A 1 173 ? 29.303  -31.770 2.940   1.00 104.07 ? 13  VAL A CB  1 
ATOM 98   C CG1 . VAL A 1 173 ? 27.879  -31.242 2.866   1.00 104.07 ? 13  VAL A CG1 1 
ATOM 99   C CG2 . VAL A 1 173 ? 29.930  -31.848 1.568   1.00 104.07 ? 13  VAL A CG2 1 
ATOM 100  N N   . GLY A 1 174 ? 28.964  -30.687 5.979   1.00 98.83  ? 14  GLY A N   1 
ATOM 101  C CA  . GLY A 1 174 ? 28.783  -30.981 7.382   1.00 98.83  ? 14  GLY A CA  1 
ATOM 102  C C   . GLY A 1 174 ? 28.247  -32.364 7.686   1.00 98.83  ? 14  GLY A C   1 
ATOM 103  O O   . GLY A 1 174 ? 28.993  -33.250 8.113   1.00 98.83  ? 14  GLY A O   1 
ATOM 104  N N   . ARG A 1 175 ? 26.969  -32.587 7.413   1.00 90.72  ? 15  ARG A N   1 
ATOM 105  C CA  . ARG A 1 175 ? 26.301  -33.696 8.070   1.00 90.72  ? 15  ARG A CA  1 
ATOM 106  C C   . ARG A 1 175 ? 25.733  -34.717 7.106   1.00 90.72  ? 15  ARG A C   1 
ATOM 107  O O   . ARG A 1 175 ? 26.035  -35.903 7.221   1.00 90.72  ? 15  ARG A O   1 
ATOM 108  C CB  . ARG A 1 175 ? 25.185  -33.157 8.949   1.00 90.72  ? 15  ARG A CB  1 
ATOM 109  C CG  . ARG A 1 175 ? 24.479  -34.217 9.697   1.00 90.72  ? 15  ARG A CG  1 
ATOM 110  C CD  . ARG A 1 175 ? 25.406  -34.837 10.697  1.00 90.72  ? 15  ARG A CD  1 
ATOM 111  N NE  . ARG A 1 175 ? 24.658  -35.598 11.682  1.00 90.72  ? 15  ARG A NE  1 
ATOM 112  C CZ  . ARG A 1 175 ? 24.153  -35.069 12.785  1.00 90.72  ? 15  ARG A CZ  1 
ATOM 113  N NH1 . ARG A 1 175 ? 23.478  -35.826 13.639  1.00 90.72  ? 15  ARG A NH1 1 
ATOM 114  N NH2 . ARG A 1 175 ? 24.331  -33.781 13.035  1.00 90.72  ? 15  ARG A NH2 1 
ATOM 115  N N   . GLN A 1 176 ? 24.927  -34.256 6.151   1.00 88.79  ? 16  GLN A N   1 
ATOM 116  C CA  . GLN A 1 176 ? 24.198  -35.073 5.182   1.00 88.79  ? 16  GLN A CA  1 
ATOM 117  C C   . GLN A 1 176 ? 23.347  -36.158 5.825   1.00 88.79  ? 16  GLN A C   1 
ATOM 118  O O   . GLN A 1 176 ? 23.239  -37.259 5.290   1.00 88.79  ? 16  GLN A O   1 
ATOM 119  C CB  . GLN A 1 176 ? 25.138  -35.699 4.151   1.00 88.79  ? 16  GLN A CB  1 
ATOM 120  C CG  . GLN A 1 176 ? 25.726  -34.702 3.183   1.00 88.79  ? 16  GLN A CG  1 
ATOM 121  C CD  . GLN A 1 176 ? 24.945  -34.619 1.896   1.00 88.79  ? 16  GLN A CD  1 
ATOM 122  O OE1 . GLN A 1 176 ? 23.767  -34.961 1.857   1.00 88.79  ? 16  GLN A OE1 1 
ATOM 123  N NE2 . GLN A 1 176 ? 25.597  -34.164 0.829   1.00 88.79  ? 16  GLN A NE2 1 
ATOM 124  N N   . ASP A 1 177 ? 22.720  -35.874 6.962   1.00 90.46  ? 17  ASP A N   1 
ATOM 125  C CA  . ASP A 1 177 ? 21.904  -36.900 7.592   1.00 90.46  ? 17  ASP A CA  1 
ATOM 126  C C   . ASP A 1 177 ? 20.441  -36.779 7.217   1.00 90.46  ? 17  ASP A C   1 
ATOM 127  O O   . ASP A 1 177 ? 19.868  -37.708 6.638   1.00 90.46  ? 17  ASP A O   1 
ATOM 128  C CB  . ASP A 1 177 ? 22.032  -36.833 9.107   1.00 90.46  ? 17  ASP A CB  1 
ATOM 129  C CG  . ASP A 1 177 ? 21.106  -37.793 9.803   1.00 90.46  ? 17  ASP A CG  1 
ATOM 130  O OD1 . ASP A 1 177 ? 21.056  -38.969 9.399   1.00 90.46  ? 17  ASP A OD1 1 
ATOM 131  O OD2 . ASP A 1 177 ? 20.416  -37.367 10.747  1.00 90.46  ? 17  ASP A OD2 1 
ATOM 132  N N   . LYS A 1 178 ? 19.819  -35.656 7.543   1.00 92.99  ? 18  LYS A N   1 
ATOM 133  C CA  . LYS A 1 178 ? 18.372  -35.543 7.532   1.00 92.99  ? 18  LYS A CA  1 
ATOM 134  C C   . LYS A 1 178 ? 17.927  -34.631 6.406   1.00 92.99  ? 18  LYS A C   1 
ATOM 135  O O   . LYS A 1 178 ? 18.534  -33.584 6.175   1.00 92.99  ? 18  LYS A O   1 
ATOM 136  C CB  . LYS A 1 178 ? 17.864  -35.021 8.871   1.00 92.99  ? 18  LYS A CB  1 
ATOM 137  C CG  . LYS A 1 178 ? 16.358  -35.101 9.045   1.00 92.99  ? 18  LYS A CG  1 
ATOM 138  C CD  . LYS A 1 178 ? 15.787  -36.439 8.587   1.00 92.99  ? 18  LYS A CD  1 
ATOM 139  C CE  . LYS A 1 178 ? 16.021  -37.555 9.589   1.00 92.99  ? 18  LYS A CE  1 
ATOM 140  N NZ  . LYS A 1 178 ? 15.164  -38.737 9.285   1.00 92.99  ? 18  LYS A NZ  1 
ATOM 141  N N   . THR A 1 179 ? 16.872  -35.041 5.712   1.00 89.60  ? 19  THR A N   1 
ATOM 142  C CA  . THR A 1 179 ? 16.299  -34.251 4.638   1.00 89.60  ? 19  THR A CA  1 
ATOM 143  C C   . THR A 1 179 ? 15.605  -33.020 5.192   1.00 89.60  ? 19  THR A C   1 
ATOM 144  O O   . THR A 1 179 ? 15.033  -33.050 6.283   1.00 89.60  ? 19  THR A O   1 
ATOM 145  C CB  . THR A 1 179 ? 15.286  -35.076 3.863   1.00 89.60  ? 19  THR A CB  1 
ATOM 146  O OG1 . THR A 1 179 ? 14.068  -35.110 4.604   1.00 89.60  ? 19  THR A OG1 1 
ATOM 147  C CG2 . THR A 1 179 ? 15.772  -36.494 3.708   1.00 89.60  ? 19  THR A CG2 1 
ATOM 148  N N   . VAL A 1 180 ? 15.637  -31.941 4.417   1.00 95.95  ? 20  VAL A N   1 
ATOM 149  C CA  . VAL A 1 180 ? 15.037  -30.674 4.799   1.00 95.95  ? 20  VAL A CA  1 
ATOM 150  C C   . VAL A 1 180 ? 14.161  -30.178 3.659   1.00 95.95  ? 20  VAL A C   1 
ATOM 151  O O   . VAL A 1 180 ? 14.214  -30.684 2.537   1.00 95.95  ? 20  VAL A O   1 
ATOM 152  C CB  . VAL A 1 180 ? 16.100  -29.623 5.156   1.00 95.95  ? 20  VAL A CB  1 
ATOM 153  C CG1 . VAL A 1 180 ? 16.690  -29.913 6.519   1.00 95.95  ? 20  VAL A CG1 1 
ATOM 154  C CG2 . VAL A 1 180 ? 17.183  -29.615 4.106   1.00 95.95  ? 20  VAL A CG2 1 
ATOM 155  N N   . ASP A 1 181 ? 13.337  -29.184 3.962   1.00 97.62  ? 21  ASP A N   1 
ATOM 156  C CA  . ASP A 1 181 ? 12.567  -28.521 2.921   1.00 97.62  ? 21  ASP A CA  1 
ATOM 157  C C   . ASP A 1 181 ? 13.420  -27.473 2.219   1.00 97.62  ? 21  ASP A C   1 
ATOM 158  O O   . ASP A 1 181 ? 14.305  -26.861 2.817   1.00 97.62  ? 21  ASP A O   1 
ATOM 159  C CB  . ASP A 1 181 ? 11.323  -27.866 3.512   1.00 97.62  ? 21  ASP A CB  1 
ATOM 160  C CG  . ASP A 1 181 ? 10.168  -28.830 3.645   1.00 97.62  ? 21  ASP A CG  1 
ATOM 161  O OD1 . ASP A 1 181 ? 9.918   -29.599 2.695   1.00 97.62  ? 21  ASP A OD1 1 
ATOM 162  O OD2 . ASP A 1 181 ? 9.509   -28.823 4.703   1.00 97.62  ? 21  ASP A OD2 1 
ATOM 163  N N   . ALA A 1 182 ? 13.141  -27.260 0.936   1.00 84.28  ? 22  ALA A N   1 
ATOM 164  C CA  . ALA A 1 182 ? 13.875  -26.278 0.153   1.00 84.28  ? 22  ALA A CA  1 
ATOM 165  C C   . ALA A 1 182 ? 13.008  -25.056 -0.085  1.00 84.28  ? 22  ALA A C   1 
ATOM 166  O O   . ALA A 1 182 ? 11.803  -25.204 -0.335  1.00 84.28  ? 22  ALA A O   1 
ATOM 167  C CB  . ALA A 1 182 ? 14.323  -26.869 -1.177  1.00 84.28  ? 22  ALA A CB  1 
ATOM 168  N N   . PRO A 1 183 ? 13.554  -23.848 -0.003  1.00 79.53  ? 23  PRO A N   1 
ATOM 169  C CA  . PRO A 1 183 ? 12.798  -22.667 -0.394  1.00 79.53  ? 23  PRO A CA  1 
ATOM 170  C C   . PRO A 1 183 ? 12.573  -22.651 -1.892  1.00 79.53  ? 23  PRO A C   1 
ATOM 171  O O   . PRO A 1 183 ? 13.533  -22.686 -2.674  1.00 79.53  ? 23  PRO A O   1 
ATOM 172  C CB  . PRO A 1 183 ? 13.696  -21.507 0.049   1.00 79.53  ? 23  PRO A CB  1 
ATOM 173  C CG  . PRO A 1 183 ? 15.041  -22.087 0.177   1.00 79.53  ? 23  PRO A CG  1 
ATOM 174  C CD  . PRO A 1 183 ? 14.854  -23.503 0.586   1.00 79.53  ? 23  PRO A CD  1 
ATOM 175  N N   . PRO A 1 184 ? 11.323  -22.629 -2.331  1.00 80.25  ? 24  PRO A N   1 
ATOM 176  C CA  . PRO A 1 184 ? 11.047  -22.748 -3.762  1.00 80.25  ? 24  PRO A CA  1 
ATOM 177  C C   . PRO A 1 184 ? 11.368  -21.471 -4.513  1.00 80.25  ? 24  PRO A C   1 
ATOM 178  O O   . PRO A 1 184 ? 11.191  -20.363 -4.011  1.00 80.25  ? 24  PRO A O   1 
ATOM 179  C CB  . PRO A 1 184 ? 9.549   -23.049 -3.803  1.00 80.25  ? 24  PRO A CB  1 
ATOM 180  C CG  . PRO A 1 184 ? 9.028   -22.431 -2.569  1.00 80.25  ? 24  PRO A CG  1 
ATOM 181  C CD  . PRO A 1 184 ? 10.091  -22.589 -1.534  1.00 80.25  ? 24  PRO A CD  1 
ATOM 182  N N   . GLN A 1 185 ? 11.857  -21.644 -5.734  1.00 84.18  ? 25  GLN A N   1 
ATOM 183  C CA  . GLN A 1 185 ? 12.177  -20.532 -6.610  1.00 84.18  ? 25  GLN A CA  1 
ATOM 184  C C   . GLN A 1 185 ? 10.931  -20.124 -7.378  1.00 84.18  ? 25  GLN A C   1 
ATOM 185  O O   . GLN A 1 185 ? 9.827   -20.569 -7.083  1.00 84.18  ? 25  GLN A O   1 
ATOM 186  C CB  . GLN A 1 185 ? 13.312  -20.906 -7.555  1.00 84.18  ? 25  GLN A CB  1 
ATOM 187  C CG  . GLN A 1 185 ? 14.681  -20.523 -7.051  1.00 84.18  ? 25  GLN A CG  1 
ATOM 188  C CD  . GLN A 1 185 ? 15.020  -21.199 -5.745  1.00 84.18  ? 25  GLN A CD  1 
ATOM 189  O OE1 . GLN A 1 185 ? 14.679  -22.362 -5.525  1.00 84.18  ? 25  GLN A OE1 1 
ATOM 190  N NE2 . GLN A 1 185 ? 15.690  -20.470 -4.862  1.00 84.18  ? 25  GLN A NE2 1 
ATOM 191  N N   . PHE A 1 186 ? 11.118  -19.296 -8.405  1.00 80.99  ? 26  PHE A N   1 
ATOM 192  C CA  . PHE A 1 186 ? 9.987   -18.648 -9.058  1.00 80.99  ? 26  PHE A CA  1 
ATOM 193  C C   . PHE A 1 186 ? 9.167   -19.621 -9.896  1.00 80.99  ? 26  PHE A C   1 
ATOM 194  O O   . PHE A 1 186 ? 7.943   -19.488 -9.986  1.00 80.99  ? 26  PHE A O   1 
ATOM 195  C CB  . PHE A 1 186 ? 10.484  -17.495 -9.917  1.00 80.99  ? 26  PHE A CB  1 
ATOM 196  C CG  . PHE A 1 186 ? 9.397   -16.717 -10.572 1.00 80.99  ? 26  PHE A CG  1 
ATOM 197  C CD1 . PHE A 1 186 ? 9.124   -16.889 -11.909 1.00 80.99  ? 26  PHE A CD1 1 
ATOM 198  C CD2 . PHE A 1 186 ? 8.670   -15.793 -9.863  1.00 80.99  ? 26  PHE A CD2 1 
ATOM 199  C CE1 . PHE A 1 186 ? 8.133   -16.169 -12.519 1.00 80.99  ? 26  PHE A CE1 1 
ATOM 200  C CE2 . PHE A 1 186 ? 7.678   -15.068 -10.473 1.00 80.99  ? 26  PHE A CE2 1 
ATOM 201  C CZ  . PHE A 1 186 ? 7.412   -15.258 -11.802 1.00 80.99  ? 26  PHE A CZ  1 
ATOM 202  N N   . GLY A 1 187 ? 9.813   -20.604 -10.517 1.00 80.20  ? 27  GLY A N   1 
ATOM 203  C CA  . GLY A 1 187 ? 9.085   -21.475 -11.426 1.00 80.20  ? 27  GLY A CA  1 
ATOM 204  C C   . GLY A 1 187 ? 8.466   -22.677 -10.740 1.00 80.20  ? 27  GLY A C   1 
ATOM 205  O O   . GLY A 1 187 ? 7.365   -23.101 -11.094 1.00 80.20  ? 27  GLY A O   1 
ATOM 206  N N   . GLU A 1 188 ? 9.163   -23.236 -9.752  1.00 79.38  ? 28  GLU A N   1 
ATOM 207  C CA  . GLU A 1 188 ? 8.767   -24.485 -9.124  1.00 79.38  ? 28  GLU A CA  1 
ATOM 208  C C   . GLU A 1 188 ? 7.513   -24.253 -8.269  1.00 79.38  ? 28  GLU A C   1 
ATOM 209  O O   . GLU A 1 188 ? 7.279   -23.135 -7.812  1.00 79.38  ? 28  GLU A O   1 
ATOM 210  C CB  . GLU A 1 188 ? 9.963   -25.028 -8.328  1.00 79.38  ? 28  GLU A CB  1 
ATOM 211  C CG  . GLU A 1 188 ? 11.160  -25.459 -9.218  1.00 79.38  ? 28  GLU A CG  1 
ATOM 212  C CD  . GLU A 1 188 ? 10.983  -26.803 -9.951  1.00 79.38  ? 28  GLU A CD  1 
ATOM 213  O OE1 . GLU A 1 188 ? 10.673  -27.816 -9.293  1.00 79.38  ? 28  GLU A OE1 1 
ATOM 214  O OE2 . GLU A 1 188 ? 11.157  -26.844 -11.193 1.00 79.38  ? 28  GLU A OE2 1 
ATOM 215  N N   . PRO A 1 189 ? 6.668   -25.281 -8.066  1.00 81.33  ? 29  PRO A N   1 
ATOM 216  C CA  . PRO A 1 189 ? 5.250   -25.002 -7.806  1.00 81.33  ? 29  PRO A CA  1 
ATOM 217  C C   . PRO A 1 189 ? 4.928   -24.505 -6.413  1.00 81.33  ? 29  PRO A C   1 
ATOM 218  O O   . PRO A 1 189 ? 3.805   -24.043 -6.186  1.00 81.33  ? 29  PRO A O   1 
ATOM 219  C CB  . PRO A 1 189 ? 4.601   -26.361 -8.056  1.00 81.33  ? 29  PRO A CB  1 
ATOM 220  C CG  . PRO A 1 189 ? 5.570   -27.271 -7.508  1.00 81.33  ? 29  PRO A CG  1 
ATOM 221  C CD  . PRO A 1 189 ? 6.898   -26.736 -7.981  1.00 81.33  ? 29  PRO A CD  1 
ATOM 222  N N   . GLY A 1 190 ? 5.847   -24.593 -5.468  1.00 81.79  ? 30  GLY A N   1 
ATOM 223  C CA  . GLY A 1 190 ? 5.520   -24.130 -4.139  1.00 81.79  ? 30  GLY A CA  1 
ATOM 224  C C   . GLY A 1 190 ? 5.691   -22.647 -3.905  1.00 81.79  ? 30  GLY A C   1 
ATOM 225  O O   . GLY A 1 190 ? 5.676   -22.212 -2.751  1.00 81.79  ? 30  GLY A O   1 
ATOM 226  N N   . TYR A 1 191 ? 5.841   -21.849 -4.955  1.00 81.54  ? 31  TYR A N   1 
ATOM 227  C CA  . TYR A 1 191 ? 6.225   -20.456 -4.793  1.00 81.54  ? 31  TYR A CA  1 
ATOM 228  C C   . TYR A 1 191 ? 5.025   -19.613 -4.425  1.00 81.54  ? 31  TYR A C   1 
ATOM 229  O O   . TYR A 1 191 ? 4.021   -19.607 -5.140  1.00 81.54  ? 31  TYR A O   1 
ATOM 230  C CB  . TYR A 1 191 ? 6.830   -19.907 -6.073  1.00 81.54  ? 31  TYR A CB  1 
ATOM 231  C CG  . TYR A 1 191 ? 7.696   -18.696 -5.849  1.00 81.54  ? 31  TYR A CG  1 
ATOM 232  C CD1 . TYR A 1 191 ? 8.646   -18.684 -4.846  1.00 81.54  ? 31  TYR A CD1 1 
ATOM 233  C CD2 . TYR A 1 191 ? 7.577   -17.577 -6.646  1.00 81.54  ? 31  TYR A CD2 1 
ATOM 234  C CE1 . TYR A 1 191 ? 9.454   -17.590 -4.644  1.00 81.54  ? 31  TYR A CE1 1 
ATOM 235  C CE2 . TYR A 1 191 ? 8.382   -16.481 -6.455  1.00 81.54  ? 31  TYR A CE2 1 
ATOM 236  C CZ  . TYR A 1 191 ? 9.315   -16.493 -5.452  1.00 81.54  ? 31  TYR A CZ  1 
ATOM 237  O OH  . TYR A 1 191 ? 10.117  -15.399 -5.250  1.00 81.54  ? 31  TYR A OH  1 
ATOM 238  N N   . VAL A 1 192 ? 5.133   -18.890 -3.316  1.00 85.22  ? 32  VAL A N   1 
ATOM 239  C CA  . VAL A 1 192 ? 4.296   -17.716 -3.114  1.00 85.22  ? 32  VAL A CA  1 
ATOM 240  C C   . VAL A 1 192 ? 5.027   -16.549 -3.773  1.00 85.22  ? 32  VAL A C   1 
ATOM 241  O O   . VAL A 1 192 ? 6.145   -16.202 -3.399  1.00 85.22  ? 32  VAL A O   1 
ATOM 242  C CB  . VAL A 1 192 ? 3.980   -17.473 -1.634  1.00 85.22  ? 32  VAL A CB  1 
ATOM 243  C CG1 . VAL A 1 192 ? 5.204   -17.645 -0.738  1.00 85.22  ? 32  VAL A CG1 1 
ATOM 244  C CG2 . VAL A 1 192 ? 3.403   -16.087 -1.454  1.00 85.22  ? 32  VAL A CG2 1 
ATOM 245  N N   . THR A 1 193 ? 4.435   -15.995 -4.817  1.00 86.86  ? 33  THR A N   1 
ATOM 246  C CA  . THR A 1 193 ? 5.110   -14.945 -5.559  1.00 86.86  ? 33  THR A CA  1 
ATOM 247  C C   . THR A 1 193 ? 5.007   -13.637 -4.790  1.00 86.86  ? 33  THR A C   1 
ATOM 248  O O   . THR A 1 193 ? 3.896   -13.211 -4.454  1.00 86.86  ? 33  THR A O   1 
ATOM 249  C CB  . THR A 1 193 ? 4.506   -14.783 -6.947  1.00 86.86  ? 33  THR A CB  1 
ATOM 250  O OG1 . THR A 1 193 ? 4.654   -16.004 -7.673  1.00 86.86  ? 33  THR A OG1 1 
ATOM 251  C CG2 . THR A 1 193 ? 5.205   -13.683 -7.697  1.00 86.86  ? 33  THR A CG2 1 
ATOM 252  N N   . PRO A 1 194 ? 6.122   -12.999 -4.456  1.00 87.37  ? 34  PRO A N   1 
ATOM 253  C CA  . PRO A 1 194 ? 6.047   -11.700 -3.795  1.00 87.37  ? 34  PRO A CA  1 
ATOM 254  C C   . PRO A 1 194 ? 5.550   -10.645 -4.762  1.00 87.37  ? 34  PRO A C   1 
ATOM 255  O O   . PRO A 1 194 ? 5.683   -10.778 -5.978  1.00 87.37  ? 34  PRO A O   1 
ATOM 256  C CB  . PRO A 1 194 ? 7.489   -11.441 -3.357  1.00 87.37  ? 34  PRO A CB  1 
ATOM 257  C CG  . PRO A 1 194 ? 8.304   -12.255 -4.268  1.00 87.37  ? 34  PRO A CG  1 
ATOM 258  C CD  . PRO A 1 194 ? 7.507   -13.467 -4.592  1.00 87.37  ? 34  PRO A CD  1 
ATOM 259  N N   . ALA A 1 195 ? 4.960   -9.593  -4.208  1.00 91.16  ? 35  ALA A N   1 
ATOM 260  C CA  . ALA A 1 195 ? 4.256   -8.634  -5.039  1.00 91.16  ? 35  ALA A CA  1 
ATOM 261  C C   . ALA A 1 195 ? 5.194   -7.676  -5.743  1.00 91.16  ? 35  ALA A C   1 
ATOM 262  O O   . ALA A 1 195 ? 4.763   -6.970  -6.656  1.00 91.16  ? 35  ALA A O   1 
ATOM 263  C CB  . ALA A 1 195 ? 3.253   -7.852  -4.199  1.00 91.16  ? 35  ALA A CB  1 
ATOM 264  N N   . TYR A 1 196 ? 6.463   -7.638  -5.361  1.00 93.00  ? 36  TYR A N   1 
ATOM 265  C CA  . TYR A 1 196 ? 7.360   -6.695  -6.007  1.00 93.00  ? 36  TYR A CA  1 
ATOM 266  C C   . TYR A 1 196 ? 7.929   -7.204  -7.315  1.00 93.00  ? 36  TYR A C   1 
ATOM 267  O O   . TYR A 1 196 ? 8.783   -6.524  -7.889  1.00 93.00  ? 36  TYR A O   1 
ATOM 268  C CB  . TYR A 1 196 ? 8.484   -6.303  -5.055  1.00 93.00  ? 36  TYR A CB  1 
ATOM 269  C CG  . TYR A 1 196 ? 9.621   -7.277  -4.990  1.00 93.00  ? 36  TYR A CG  1 
ATOM 270  C CD1 . TYR A 1 196 ? 9.462   -8.506  -4.383  1.00 93.00  ? 36  TYR A CD1 1 
ATOM 271  C CD2 . TYR A 1 196 ? 10.857  -6.957  -5.516  1.00 93.00  ? 36  TYR A CD2 1 
ATOM 272  C CE1 . TYR A 1 196 ? 10.499  -9.398  -4.312  1.00 93.00  ? 36  TYR A CE1 1 
ATOM 273  C CE2 . TYR A 1 196 ? 11.901  -7.843  -5.458  1.00 93.00  ? 36  TYR A CE2 1 
ATOM 274  C CZ  . TYR A 1 196 ? 11.714  -9.066  -4.853  1.00 93.00  ? 36  TYR A CZ  1 
ATOM 275  O OH  . TYR A 1 196 ? 12.749  -9.968  -4.778  1.00 93.00  ? 36  TYR A OH  1 
ATOM 276  N N   . GLN A 1 197 ? 7.477   -8.348  -7.825  1.00 90.04  ? 37  GLN A N   1 
ATOM 277  C CA  . GLN A 1 197 ? 7.946   -8.833  -9.116  1.00 90.04  ? 37  GLN A CA  1 
ATOM 278  C C   . GLN A 1 197 ? 6.834   -9.396  -9.989  1.00 90.04  ? 37  GLN A C   1 
ATOM 279  O O   . GLN A 1 197 ? 7.120   -9.918  -11.070 1.00 90.04  ? 37  GLN A O   1 
ATOM 280  C CB  . GLN A 1 197 ? 9.034   -9.887  -8.926  1.00 90.04  ? 37  GLN A CB  1 
ATOM 281  C CG  . GLN A 1 197 ? 8.621   -11.057 -8.102  1.00 90.04  ? 37  GLN A CG  1 
ATOM 282  C CD  . GLN A 1 197 ? 9.790   -11.927 -7.750  1.00 90.04  ? 37  GLN A CD  1 
ATOM 283  O OE1 . GLN A 1 197 ? 9.940   -13.024 -8.274  1.00 90.04  ? 37  GLN A OE1 1 
ATOM 284  N NE2 . GLN A 1 197 ? 10.643  -11.435 -6.875  1.00 90.04  ? 37  GLN A NE2 1 
ATOM 285  N N   . ARG A 1 198 ? 5.578   -9.302  -9.563  1.00 96.18  ? 38  ARG A N   1 
ATOM 286  C CA  . ARG A 1 198 ? 4.467   -9.682  -10.415 1.00 96.18  ? 38  ARG A CA  1 
ATOM 287  C C   . ARG A 1 198 ? 3.577   -8.518  -10.804 1.00 96.18  ? 38  ARG A C   1 
ATOM 288  O O   . ARG A 1 198 ? 2.802   -8.654  -11.754 1.00 96.18  ? 38  ARG A O   1 
ATOM 289  C CB  . ARG A 1 198 ? 3.604   -10.757 -9.737  1.00 96.18  ? 38  ARG A CB  1 
ATOM 290  C CG  . ARG A 1 198 ? 2.563   -10.207 -8.788  1.00 96.18  ? 38  ARG A CG  1 
ATOM 291  C CD  . ARG A 1 198 ? 1.955   -11.283 -7.931  1.00 96.18  ? 38  ARG A CD  1 
ATOM 292  N NE  . ARG A 1 198 ? 1.006   -10.713 -6.985  1.00 96.18  ? 38  ARG A NE  1 
ATOM 293  C CZ  . ARG A 1 198 ? 0.547   -11.351 -5.918  1.00 96.18  ? 38  ARG A CZ  1 
ATOM 294  N NH1 . ARG A 1 198 ? 0.955   -12.580 -5.652  1.00 96.18  ? 38  ARG A NH1 1 
ATOM 295  N NH2 . ARG A 1 198 ? -0.317  -10.755 -5.112  1.00 96.18  ? 38  ARG A NH2 1 
ATOM 296  N N   . VAL A 1 199 ? 3.668   -7.385  -10.116 1.00 98.67  ? 39  VAL A N   1 
ATOM 297  C CA  . VAL A 1 199 ? 2.797   -6.261  -10.417 1.00 98.67  ? 39  VAL A CA  1 
ATOM 298  C C   . VAL A 1 199 ? 3.363   -5.528  -11.624 1.00 98.67  ? 39  VAL A C   1 
ATOM 299  O O   . VAL A 1 199 ? 4.568   -5.593  -11.896 1.00 98.67  ? 39  VAL A O   1 
ATOM 300  C CB  . VAL A 1 199 ? 2.661   -5.352  -9.184  1.00 98.67  ? 39  VAL A CB  1 
ATOM 301  C CG1 . VAL A 1 199 ? 3.964   -4.655  -8.854  1.00 98.67  ? 39  VAL A CG1 1 
ATOM 302  C CG2 . VAL A 1 199 ? 1.507   -4.370  -9.315  1.00 98.67  ? 39  VAL A CG2 1 
ATOM 303  N N   . LYS A 1 200 ? 2.487   -4.902  -12.403 1.00 99.19  ? 40  LYS A N   1 
ATOM 304  C CA  . LYS A 1 200 ? 2.937   -4.062  -13.497 1.00 99.19  ? 40  LYS A CA  1 
ATOM 305  C C   . LYS A 1 200 ? 3.693   -2.877  -12.926 1.00 99.19  ? 40  LYS A C   1 
ATOM 306  O O   . LYS A 1 200 ? 3.186   -2.174  -12.050 1.00 99.19  ? 40  LYS A O   1 
ATOM 307  C CB  . LYS A 1 200 ? 1.745   -3.605  -14.335 1.00 99.19  ? 40  LYS A CB  1 
ATOM 308  C CG  . LYS A 1 200 ? 2.071   -3.340  -15.805 1.00 99.19  ? 40  LYS A CG  1 
ATOM 309  C CD  . LYS A 1 200 ? 2.867   -4.480  -16.453 1.00 99.19  ? 40  LYS A CD  1 
ATOM 310  C CE  . LYS A 1 200 ? 3.536   -4.048  -17.764 1.00 99.19  ? 40  LYS A CE  1 
ATOM 311  N NZ  . LYS A 1 200 ? 4.463   -5.086  -18.285 1.00 99.19  ? 40  LYS A NZ  1 
ATOM 312  N N   . VAL A 1 201 ? 4.915   -2.675  -13.409 1.00 96.36  ? 41  VAL A N   1 
ATOM 313  C CA  . VAL A 1 201 ? 5.873   -1.768  -12.789 1.00 96.36  ? 41  VAL A CA  1 
ATOM 314  C C   . VAL A 1 201 ? 5.433   -0.325  -13.000 1.00 96.36  ? 41  VAL A C   1 
ATOM 315  O O   . VAL A 1 201 ? 5.738   0.555   -12.189 1.00 96.36  ? 41  VAL A O   1 
ATOM 316  C CB  . VAL A 1 201 ? 7.286   -2.046  -13.334 1.00 96.36  ? 41  VAL A CB  1 
ATOM 317  C CG1 . VAL A 1 201 ? 7.348   -1.846  -14.829 1.00 96.36  ? 41  VAL A CG1 1 
ATOM 318  C CG2 . VAL A 1 201 ? 8.347   -1.245  -12.613 1.00 96.36  ? 41  VAL A CG2 1 
ATOM 319  N N   . SER A 1 202 ? 4.642   -0.084  -14.046 1.00 100.34 ? 42  SER A N   1 
ATOM 320  C CA  . SER A 1 202 ? 4.056   1.235   -14.228 1.00 100.34 ? 42  SER A CA  1 
ATOM 321  C C   . SER A 1 202 ? 2.982   1.524   -13.190 1.00 100.34 ? 42  SER A C   1 
ATOM 322  O O   . SER A 1 202 ? 2.699   2.691   -12.906 1.00 100.34 ? 42  SER A O   1 
ATOM 323  C CB  . SER A 1 202 ? 3.462   1.358   -15.624 1.00 100.34 ? 42  SER A CB  1 
ATOM 324  O OG  . SER A 1 202 ? 2.128   0.893   -15.626 1.00 100.34 ? 42  SER A OG  1 
ATOM 325  N N   . SER A 1 203 ? 2.376   0.489   -12.611 1.00 102.27 ? 43  SER A N   1 
ATOM 326  C CA  . SER A 1 203 ? 1.322   0.719   -11.631 1.00 102.27 ? 43  SER A CA  1 
ATOM 327  C C   . SER A 1 203 ? 1.900   0.969   -10.247 1.00 102.27 ? 43  SER A C   1 
ATOM 328  O O   . SER A 1 203 ? 1.169   1.313   -9.315  1.00 102.27 ? 43  SER A O   1 
ATOM 329  C CB  . SER A 1 203 ? 0.364   -0.461  -11.592 1.00 102.27 ? 43  SER A CB  1 
ATOM 330  O OG  . SER A 1 203 ? 0.789   -1.393  -10.622 1.00 102.27 ? 43  SER A OG  1 
ATOM 331  N N   . LEU A 1 204 ? 3.201   0.778   -10.081 1.00 103.76 ? 44  LEU A N   1 
ATOM 332  C CA  . LEU A 1 204 ? 3.852   1.266   -8.880  1.00 103.76 ? 44  LEU A CA  1 
ATOM 333  C C   . LEU A 1 204 ? 4.001   2.781   -8.949  1.00 103.76 ? 44  LEU A C   1 
ATOM 334  O O   . LEU A 1 204 ? 3.714   3.421   -9.963  1.00 103.76 ? 44  LEU A O   1 
ATOM 335  C CB  . LEU A 1 204 ? 5.225   0.626   -8.709  1.00 103.76 ? 44  LEU A CB  1 
ATOM 336  C CG  . LEU A 1 204 ? 5.321   -0.885  -8.565  1.00 103.76 ? 44  LEU A CG  1 
ATOM 337  C CD1 . LEU A 1 204 ? 6.760   -1.318  -8.687  1.00 103.76 ? 44  LEU A CD1 1 
ATOM 338  C CD2 . LEU A 1 204 ? 4.756   -1.330  -7.243  1.00 103.76 ? 44  LEU A CD2 1 
ATOM 339  N N   . GLY A 1 205 ? 4.468   3.364   -7.852  1.00 119.13 ? 45  GLY A N   1 
ATOM 340  C CA  . GLY A 1 205 ? 4.765   4.783   -7.880  1.00 119.13 ? 45  GLY A CA  1 
ATOM 341  C C   . GLY A 1 205 ? 6.108   5.074   -8.519  1.00 119.13 ? 45  GLY A C   1 
ATOM 342  O O   . GLY A 1 205 ? 6.370   6.193   -8.963  1.00 119.13 ? 45  GLY A O   1 
ATOM 343  N N   . ILE A 1 206 ? 7.019   4.310   -8.001  1.00 117.93 ? 46  ILE A N   1 
ATOM 344  C CA  . ILE A 1 206 ? 8.420   4.471   -8.349  1.00 117.93 ? 46  ILE A CA  1 
ATOM 345  C C   . ILE A 1 206 ? 8.501   4.330   -9.831  1.00 117.93 ? 46  ILE A C   1 
ATOM 346  O O   . ILE A 1 206 ? 7.852   3.539   -10.302 1.00 117.93 ? 46  ILE A O   1 
ATOM 347  C CB  . ILE A 1 206 ? 9.032   3.258   -7.728  1.00 117.93 ? 46  ILE A CB  1 
ATOM 348  C CG1 . ILE A 1 206 ? 9.431   3.459   -6.287  1.00 117.93 ? 46  ILE A CG1 1 
ATOM 349  C CG2 . ILE A 1 206 ? 10.176  2.793   -8.525  1.00 117.93 ? 46  ILE A CG2 1 
ATOM 350  C CD1 . ILE A 1 206 ? 8.479   4.251   -5.512  1.00 117.93 ? 46  ILE A CD1 1 
ATOM 351  N N   . SER A 1 207 ? 9.276   5.122   -10.518 1.00 120.47 ? 47  SER A N   1 
ATOM 352  C CA  . SER A 1 207 ? 9.392   4.833   -11.947 1.00 120.47 ? 47  SER A CA  1 
ATOM 353  C C   . SER A 1 207 ? 10.744  4.267   -12.111 1.00 120.47 ? 47  SER A C   1 
ATOM 354  O O   . SER A 1 207 ? 11.567  4.961   -11.714 1.00 120.47 ? 47  SER A O   1 
ATOM 355  C CB  . SER A 1 207 ? 9.353   6.014   -12.679 1.00 120.47 ? 47  SER A CB  1 
ATOM 356  O OG  . SER A 1 207 ? 10.490  6.758   -12.386 1.00 120.47 ? 47  SER A OG  1 
ATOM 357  N N   . VAL A 1 208 ? 10.945  3.465   -13.115 1.00 115.50 ? 48  VAL A N   1 
ATOM 358  C CA  . VAL A 1 208 ? 12.254  2.836   -13.110 1.00 115.50 ? 48  VAL A CA  1 
ATOM 359  C C   . VAL A 1 208 ? 13.313  3.764   -13.595 1.00 115.50 ? 48  VAL A C   1 
ATOM 360  O O   . VAL A 1 208 ? 14.331  3.527   -13.203 1.00 115.50 ? 48  VAL A O   1 
ATOM 361  C CB  . VAL A 1 208 ? 12.195  1.621   -13.983 1.00 115.50 ? 48  VAL A CB  1 
ATOM 362  C CG1 . VAL A 1 208 ? 11.792  2.048   -15.329 1.00 115.50 ? 48  VAL A CG1 1 
ATOM 363  C CG2 . VAL A 1 208 ? 13.554  1.092   -14.080 1.00 115.50 ? 48  VAL A CG2 1 
ATOM 364  N N   . PHE A 1 209 ? 13.042  4.834   -14.293 1.00 120.96 ? 49  PHE A N   1 
ATOM 365  C CA  . PHE A 1 209 ? 14.129  5.647   -14.846 1.00 120.96 ? 49  PHE A CA  1 
ATOM 366  C C   . PHE A 1 209 ? 14.852  6.392   -13.821 1.00 120.96 ? 49  PHE A C   1 
ATOM 367  O O   . PHE A 1 209 ? 14.301  6.990   -13.052 1.00 120.96 ? 49  PHE A O   1 
ATOM 368  C CB  . PHE A 1 209 ? 13.579  6.721   -15.713 1.00 120.96 ? 49  PHE A CB  1 
ATOM 369  C CG  . PHE A 1 209 ? 13.036  5.936   -16.856 1.00 120.96 ? 49  PHE A CG  1 
ATOM 370  C CD1 . PHE A 1 209 ? 13.797  5.668   -17.928 1.00 120.96 ? 49  PHE A CD1 1 
ATOM 371  C CD2 . PHE A 1 209 ? 11.894  5.231   -16.731 1.00 120.96 ? 49  PHE A CD2 1 
ATOM 372  C CE1 . PHE A 1 209 ? 13.331  4.883   -18.931 1.00 120.96 ? 49  PHE A CE1 1 
ATOM 373  C CE2 . PHE A 1 209 ? 11.429  4.424   -17.729 1.00 120.96 ? 49  PHE A CE2 1 
ATOM 374  C CZ  . PHE A 1 209 ? 12.162  4.242   -18.822 1.00 120.96 ? 49  PHE A CZ  1 
ATOM 375  N N   . GLU A 1 210 ? 16.067  6.628   -14.117 1.00 118.28 ? 50  GLU A N   1 
ATOM 376  C CA  . GLU A 1 210 ? 16.920  7.109   -13.033 1.00 118.28 ? 50  GLU A CA  1 
ATOM 377  C C   . GLU A 1 210 ? 16.676  8.497   -12.602 1.00 118.28 ? 50  GLU A C   1 
ATOM 378  O O   . GLU A 1 210 ? 17.158  8.754   -11.599 1.00 118.28 ? 50  GLU A O   1 
ATOM 379  C CB  . GLU A 1 210 ? 18.354  7.197   -13.493 1.00 118.28 ? 50  GLU A CB  1 
ATOM 380  C CG  . GLU A 1 210 ? 19.248  6.409   -12.592 1.00 118.28 ? 50  GLU A CG  1 
ATOM 381  C CD  . GLU A 1 210 ? 19.240  7.093   -11.259 1.00 118.28 ? 50  GLU A CD  1 
ATOM 382  O OE1 . GLU A 1 210 ? 19.603  8.232   -11.214 1.00 118.28 ? 50  GLU A OE1 1 
ATOM 383  O OE2 . GLU A 1 210 ? 18.909  6.468   -10.289 1.00 118.28 ? 50  GLU A OE2 1 
ATOM 384  N N   . ASP A 1 211 ? 16.094  9.348   -13.394 1.00 122.28 ? 51  ASP A N   1 
ATOM 385  C CA  . ASP A 1 211 ? 15.984  10.711  -12.851 1.00 122.28 ? 51  ASP A CA  1 
ATOM 386  C C   . ASP A 1 211 ? 14.695  11.356  -13.213 1.00 122.28 ? 51  ASP A C   1 
ATOM 387  O O   . ASP A 1 211 ? 14.592  12.081  -14.072 1.00 122.28 ? 51  ASP A O   1 
ATOM 388  C CB  . ASP A 1 211 ? 17.059  11.595  -13.380 1.00 122.28 ? 51  ASP A CB  1 
ATOM 389  C CG  . ASP A 1 211 ? 17.101  11.281  -14.830 1.00 122.28 ? 51  ASP A CG  1 
ATOM 390  O OD1 . ASP A 1 211 ? 16.598  12.047  -15.569 1.00 122.28 ? 51  ASP A OD1 1 
ATOM 391  O OD2 . ASP A 1 211 ? 17.574  10.215  -15.159 1.00 122.28 ? 51  ASP A OD2 1 
ATOM 392  N N   . ASP A 1 212 ? 13.751  10.945  -12.461 1.00 123.50 ? 52  ASP A N   1 
ATOM 393  C CA  . ASP A 1 212 ? 12.429  11.515  -12.291 1.00 123.50 ? 52  ASP A CA  1 
ATOM 394  C C   . ASP A 1 212 ? 12.337  11.712  -10.782 1.00 123.50 ? 52  ASP A C   1 
ATOM 395  O O   . ASP A 1 212 ? 13.073  11.090  -10.027 1.00 123.50 ? 52  ASP A O   1 
ATOM 396  C CB  . ASP A 1 212 ? 11.410  10.458  -12.643 1.00 123.50 ? 52  ASP A CB  1 
ATOM 397  C CG  . ASP A 1 212 ? 11.131  10.383  -14.128 1.00 123.50 ? 52  ASP A CG  1 
ATOM 398  O OD1 . ASP A 1 212 ? 11.948  10.857  -14.874 1.00 123.50 ? 52  ASP A OD1 1 
ATOM 399  O OD2 . ASP A 1 212 ? 10.078  9.876   -14.501 1.00 123.50 ? 52  ASP A OD2 1 
ATOM 400  N N   . ALA A 1 213 ? 11.438  12.537  -10.321 1.00 120.34 ? 53  ALA A N   1 
ATOM 401  C CA  . ALA A 1 213 ? 11.383  12.651  -8.864  1.00 120.34 ? 53  ALA A CA  1 
ATOM 402  C C   . ALA A 1 213 ? 10.906  11.339  -8.271  1.00 120.34 ? 53  ALA A C   1 
ATOM 403  O O   . ALA A 1 213 ? 10.931  11.283  -7.091  1.00 120.34 ? 53  ALA A O   1 
ATOM 404  C CB  . ALA A 1 213 ? 10.480  13.782  -8.524  1.00 120.34 ? 53  ALA A CB  1 
ATOM 405  N N   . ASN A 1 214 ? 10.547  10.330  -9.044  1.00 119.60 ? 54  ASN A N   1 
ATOM 406  C CA  . ASN A 1 214 ? 10.090  9.121   -8.375  1.00 119.60 ? 54  ASN A CA  1 
ATOM 407  C C   . ASN A 1 214 ? 10.949  7.960   -8.857  1.00 119.60 ? 54  ASN A C   1 
ATOM 408  O O   . ASN A 1 214 ? 10.436  6.922   -9.271  1.00 119.60 ? 54  ASN A O   1 
ATOM 409  C CB  . ASN A 1 214 ? 8.615   8.878   -8.644  1.00 119.60 ? 54  ASN A CB  1 
ATOM 410  C CG  . ASN A 1 214 ? 8.268   8.966   -10.109 1.00 119.60 ? 54  ASN A CG  1 
ATOM 411  O OD1 . ASN A 1 214 ? 9.079   9.397   -10.922 1.00 119.60 ? 54  ASN A OD1 1 
ATOM 412  N ND2 . ASN A 1 214 ? 7.055   8.560   -10.456 1.00 119.60 ? 54  ASN A ND2 1 
ATOM 413  N N   . ALA A 1 215 ? 12.259  8.152   -8.845  1.00 115.56 ? 55  ALA A N   1 
ATOM 414  C CA  . ALA A 1 215 ? 13.167  7.078   -9.208  1.00 115.56 ? 55  ALA A CA  1 
ATOM 415  C C   . ALA A 1 215 ? 13.358  6.124   -8.040  1.00 115.56 ? 55  ALA A C   1 
ATOM 416  O O   . ALA A 1 215 ? 13.018  6.433   -6.898  1.00 115.56 ? 55  ALA A O   1 
ATOM 417  C CB  . ALA A 1 215 ? 14.521  7.633   -9.641  1.00 115.56 ? 55  ALA A CB  1 
ATOM 418  N N   . VAL A 1 216 ? 13.905  4.946   -8.349  1.00 111.65 ? 56  VAL A N   1 
ATOM 419  C CA  . VAL A 1 216 ? 14.192  3.930   -7.347  1.00 111.65 ? 56  VAL A CA  1 
ATOM 420  C C   . VAL A 1 216 ? 15.171  4.426   -6.303  1.00 111.65 ? 56  VAL A C   1 
ATOM 421  O O   . VAL A 1 216 ? 14.975  4.186   -5.112  1.00 111.65 ? 56  VAL A O   1 
ATOM 422  C CB  . VAL A 1 216 ? 14.742  2.651   -8.023  1.00 111.65 ? 56  VAL A CB  1 
ATOM 423  C CG1 . VAL A 1 216 ? 15.140  1.604   -6.997  1.00 111.65 ? 56  VAL A CG1 1 
ATOM 424  C CG2 . VAL A 1 216 ? 13.741  2.063   -8.969  1.00 111.65 ? 56  VAL A CG2 1 
ATOM 425  N N   . THR A 1 217 ? 16.186  5.165   -6.718  1.00 112.97 ? 57  THR A N   1 
ATOM 426  C CA  . THR A 1 217 ? 17.222  5.649   -5.824  1.00 112.97 ? 57  THR A CA  1 
ATOM 427  C C   . THR A 1 217 ? 16.792  6.842   -4.988  1.00 112.97 ? 57  THR A C   1 
ATOM 428  O O   . THR A 1 217 ? 17.285  7.014   -3.873  1.00 112.97 ? 57  THR A O   1 
ATOM 429  C CB  . THR A 1 217 ? 18.458  6.020   -6.637  1.00 112.97 ? 57  THR A CB  1 
ATOM 430  O OG1 . THR A 1 217 ? 18.220  7.264   -7.304  1.00 112.97 ? 57  THR A OG1 1 
ATOM 431  C CG2 . THR A 1 217 ? 18.730  4.952   -7.681  1.00 112.97 ? 57  THR A CG2 1 
ATOM 432  N N   . LYS A 1 218 ? 15.876  7.672   -5.492  1.00 107.98 ? 58  LYS A N   1 
ATOM 433  C CA  . LYS A 1 218 ? 15.452  8.843   -4.734  1.00 107.98 ? 58  LYS A CA  1 
ATOM 434  C C   . LYS A 1 218 ? 14.465  8.473   -3.639  1.00 107.98 ? 58  LYS A C   1 
ATOM 435  O O   . LYS A 1 218 ? 14.408  9.138   -2.601  1.00 107.98 ? 58  LYS A O   1 
ATOM 436  C CB  . LYS A 1 218 ? 14.844  9.879   -5.673  1.00 107.98 ? 58  LYS A CB  1 
ATOM 437  C CG  . LYS A 1 218 ? 15.796  10.344  -6.756  1.00 107.98 ? 58  LYS A CG  1 
ATOM 438  C CD  . LYS A 1 218 ? 15.256  11.552  -7.497  1.00 107.98 ? 58  LYS A CD  1 
ATOM 439  C CE  . LYS A 1 218 ? 16.102  11.857  -8.721  1.00 107.98 ? 58  LYS A CE  1 
ATOM 440  N NZ  . LYS A 1 218 ? 17.498  12.208  -8.362  1.00 107.98 ? 58  LYS A NZ  1 
ATOM 441  N N   . VAL A 1 219 ? 13.662  7.440   -3.868  1.00 106.03 ? 59  VAL A N   1 
ATOM 442  C CA  . VAL A 1 219 ? 12.874  6.778   -2.837  1.00 106.03 ? 59  VAL A CA  1 
ATOM 443  C C   . VAL A 1 219 ? 13.825  5.752   -2.213  1.00 106.03 ? 59  VAL A C   1 
ATOM 444  O O   . VAL A 1 219 ? 14.954  5.594   -2.685  1.00 106.03 ? 59  VAL A O   1 
ATOM 445  C CB  . VAL A 1 219 ? 11.597  6.181   -3.462  1.00 106.03 ? 59  VAL A CB  1 
ATOM 446  C CG1 . VAL A 1 219 ? 10.574  5.760   -2.436  1.00 106.03 ? 59  VAL A CG1 1 
ATOM 447  C CG2 . VAL A 1 219 ? 10.972  7.191   -4.394  1.00 106.03 ? 59  VAL A CG2 1 
ATOM 448  N N   . GLY A 1 220 ? 13.437  5.091   -1.126  1.00 104.12 ? 60  GLY A N   1 
ATOM 449  C CA  . GLY A 1 220 ? 14.353  4.206   -0.429  1.00 104.12 ? 60  GLY A CA  1 
ATOM 450  C C   . GLY A 1 220 ? 14.734  2.880   -1.070  1.00 104.12 ? 60  GLY A C   1 
ATOM 451  O O   . GLY A 1 220 ? 14.641  1.835   -0.424  1.00 104.12 ? 60  GLY A O   1 
ATOM 452  N N   . GLY A 1 221 ? 15.187  2.910   -2.320  1.00 105.71 ? 61  GLY A N   1 
ATOM 453  C CA  . GLY A 1 221 ? 15.893  1.812   -2.962  1.00 105.71 ? 61  GLY A CA  1 
ATOM 454  C C   . GLY A 1 221 ? 15.047  0.583   -3.235  1.00 105.71 ? 61  GLY A C   1 
ATOM 455  O O   . GLY A 1 221 ? 13.847  0.659   -3.506  1.00 105.71 ? 61  GLY A O   1 
ATOM 456  N N   . ILE A 1 222 ? 15.705  -0.576  -3.177  1.00 103.81 ? 62  ILE A N   1 
ATOM 457  C CA  . ILE A 1 222 ? 15.047  -1.857  -3.389  1.00 103.81 ? 62  ILE A CA  1 
ATOM 458  C C   . ILE A 1 222 ? 14.009  -2.153  -2.318  1.00 103.81 ? 62  ILE A C   1 
ATOM 459  O O   . ILE A 1 222 ? 12.939  -2.687  -2.651  1.00 103.81 ? 62  ILE A O   1 
ATOM 460  C CB  . ILE A 1 222 ? 16.089  -2.998  -3.466  1.00 103.81 ? 62  ILE A CB  1 
ATOM 461  C CG1 . ILE A 1 222 ? 17.103  -2.720  -4.586  1.00 103.81 ? 62  ILE A CG1 1 
ATOM 462  C CG2 . ILE A 1 222 ? 15.440  -4.360  -3.710  1.00 103.81 ? 62  ILE A CG2 1 
ATOM 463  C CD1 . ILE A 1 222 ? 18.124  -3.844  -4.831  1.00 103.81 ? 62  ILE A CD1 1 
ATOM 464  N N   . LYS A 1 223 ? 14.248  -1.749  -1.068  1.00 102.47 ? 63  LYS A N   1 
ATOM 465  C CA  . LYS A 1 223 ? 13.312  -2.017  0.019   1.00 102.47 ? 63  LYS A CA  1 
ATOM 466  C C   . LYS A 1 223 ? 12.000  -1.267  -0.160  1.00 102.47 ? 63  LYS A C   1 
ATOM 467  O O   . LYS A 1 223 ? 10.935  -1.785  0.191   1.00 102.47 ? 63  LYS A O   1 
ATOM 468  C CB  . LYS A 1 223 ? 13.960  -1.637  1.349   1.00 102.47 ? 63  LYS A CB  1 
ATOM 469  C CG  . LYS A 1 223 ? 13.119  -1.913  2.575   1.00 102.47 ? 63  LYS A CG  1 
ATOM 470  C CD  . LYS A 1 223 ? 13.784  -1.381  3.829   1.00 102.47 ? 63  LYS A CD  1 
ATOM 471  C CE  . LYS A 1 223 ? 14.025  0.113   3.733   1.00 102.47 ? 63  LYS A CE  1 
ATOM 472  N NZ  . LYS A 1 223 ? 14.782  0.634   4.906   1.00 102.47 ? 63  LYS A NZ  1 
ATOM 473  N N   . ALA A 1 224 ? 12.053  -0.067  -0.735  1.00 102.56 ? 64  ALA A N   1 
ATOM 474  C CA  . ALA A 1 224 ? 10.854  0.751   -0.850  1.00 102.56 ? 64  ALA A CA  1 
ATOM 475  C C   . ALA A 1 224 ? 9.907   0.204   -1.899  1.00 102.56 ? 64  ALA A C   1 
ATOM 476  O O   . ALA A 1 224 ? 8.689   0.365   -1.786  1.00 102.56 ? 64  ALA A O   1 
ATOM 477  C CB  . ALA A 1 224 ? 11.233  2.190   -1.183  1.00 102.56 ? 64  ALA A CB  1 
ATOM 478  N N   . VAL A 1 225 ? 10.445  -0.449  -2.924  1.00 105.16 ? 65  VAL A N   1 
ATOM 479  C CA  . VAL A 1 225 ? 9.606   -0.996  -3.985  1.00 105.16 ? 65  VAL A CA  1 
ATOM 480  C C   . VAL A 1 225 ? 8.816   -2.192  -3.472  1.00 105.16 ? 65  VAL A C   1 
ATOM 481  O O   . VAL A 1 225 ? 7.666   -2.413  -3.871  1.00 105.16 ? 65  VAL A O   1 
ATOM 482  C CB  . VAL A 1 225 ? 10.482  -1.343  -5.202  1.00 105.16 ? 65  VAL A CB  1 
ATOM 483  C CG1 . VAL A 1 225 ? 9.679   -1.948  -6.326  1.00 105.16 ? 65  VAL A CG1 1 
ATOM 484  C CG2 . VAL A 1 225 ? 11.171  -0.094  -5.691  1.00 105.16 ? 65  VAL A CG2 1 
ATOM 485  N N   . MET A 1 226 ? 9.395   -2.943  -2.537  1.00 105.98 ? 66  MET A N   1 
ATOM 486  C CA  . MET A 1 226 ? 8.704   -4.107  -1.998  1.00 105.98 ? 66  MET A CA  1 
ATOM 487  C C   . MET A 1 226 ? 7.505   -3.701  -1.151  1.00 105.98 ? 66  MET A C   1 
ATOM 488  O O   . MET A 1 226 ? 6.404   -4.225  -1.342  1.00 105.98 ? 66  MET A O   1 
ATOM 489  C CB  . MET A 1 226 ? 9.675   -4.954  -1.185  1.00 105.98 ? 66  MET A CB  1 
ATOM 490  C CG  . MET A 1 226 ? 10.843  -5.471  -1.989  1.00 105.98 ? 66  MET A CG  1 
ATOM 491  S SD  . MET A 1 226 ? 11.842  -6.631  -1.044  1.00 105.98 ? 66  MET A SD  1 
ATOM 492  C CE  . MET A 1 226 ? 13.379  -5.728  -0.891  1.00 105.98 ? 66  MET A CE  1 
ATOM 493  N N   . GLU A 1 227 ? 7.682   -2.728  -0.255  1.00 110.66 ? 67  GLU A N   1 
ATOM 494  C CA  . GLU A 1 227 ? 6.606   -2.369  0.665   1.00 110.66 ? 67  GLU A CA  1 
ATOM 495  C C   . GLU A 1 227 ? 5.507   -1.577  -0.030  1.00 110.66 ? 67  GLU A C   1 
ATOM 496  O O   . GLU A 1 227 ? 4.390   -1.471  0.486   1.00 110.66 ? 67  GLU A O   1 
ATOM 497  C CB  . GLU A 1 227 ? 7.160   -1.574  1.839   1.00 110.66 ? 67  GLU A CB  1 
ATOM 498  C CG  . GLU A 1 227 ? 8.113   -0.479  1.440   1.00 110.66 ? 67  GLU A CG  1 
ATOM 499  C CD  . GLU A 1 227 ? 8.268   0.567   2.522   1.00 110.66 ? 67  GLU A CD  1 
ATOM 500  O OE1 . GLU A 1 227 ? 9.313   1.248   2.558   1.00 110.66 ? 67  GLU A OE1 1 
ATOM 501  O OE2 . GLU A 1 227 ? 7.336   0.712   3.339   1.00 110.66 ? 67  GLU A OE2 1 
ATOM 502  N N   . VAL A 1 228 ? 5.801   -1.000  -1.193  1.00 109.93 ? 68  VAL A N   1 
ATOM 503  C CA  . VAL A 1 228 ? 4.745   -0.343  -1.949  1.00 109.93 ? 68  VAL A CA  1 
ATOM 504  C C   . VAL A 1 228 ? 3.942   -1.373  -2.725  1.00 109.93 ? 68  VAL A C   1 
ATOM 505  O O   . VAL A 1 228 ? 2.719   -1.252  -2.860  1.00 109.93 ? 68  VAL A O   1 
ATOM 506  C CB  . VAL A 1 228 ? 5.363   0.743   -2.847  1.00 109.93 ? 68  VAL A CB  1 
ATOM 507  C CG1 . VAL A 1 228 ? 4.383   1.282   -3.853  1.00 109.93 ? 68  VAL A CG1 1 
ATOM 508  C CG2 . VAL A 1 228 ? 5.799   1.874   -2.005  1.00 109.93 ? 68  VAL A CG2 1 
ATOM 509  N N   . ALA A 1 229 ? 4.590   -2.446  -3.168  1.00 106.07 ? 69  ALA A N   1 
ATOM 510  C CA  . ALA A 1 229 ? 3.936   -3.380  -4.074  1.00 106.07 ? 69  ALA A CA  1 
ATOM 511  C C   . ALA A 1 229 ? 2.914   -4.252  -3.356  1.00 106.07 ? 69  ALA A C   1 
ATOM 512  O O   . ALA A 1 229 ? 1.963   -4.739  -3.975  1.00 106.07 ? 69  ALA A O   1 
ATOM 513  C CB  . ALA A 1 229 ? 4.979   -4.235  -4.769  1.00 106.07 ? 69  ALA A CB  1 
ATOM 514  N N   . GLU A 1 230 ? 3.084   -4.469  -2.051  1.00 116.87 ? 70  GLU A N   1 
ATOM 515  C CA  . GLU A 1 230 ? 2.005   -5.116  -1.315  1.00 116.87 ? 70  GLU A CA  1 
ATOM 516  C C   . GLU A 1 230 ? 0.824   -4.173  -1.153  1.00 116.87 ? 70  GLU A C   1 
ATOM 517  O O   . GLU A 1 230 ? -0.322  -4.614  -1.045  1.00 116.87 ? 70  GLU A O   1 
ATOM 518  C CB  . GLU A 1 230 ? 2.453   -5.623  0.056   1.00 116.87 ? 70  GLU A CB  1 
ATOM 519  C CG  . GLU A 1 230 ? 3.405   -6.793  0.037   1.00 116.87 ? 70  GLU A CG  1 
ATOM 520  C CD  . GLU A 1 230 ? 4.808   -6.399  0.402   1.00 116.87 ? 70  GLU A CD  1 
ATOM 521  O OE1 . GLU A 1 230 ? 4.988   -5.272  0.901   1.00 116.87 ? 70  GLU A OE1 1 
ATOM 522  O OE2 . GLU A 1 230 ? 5.730   -7.213  0.201   1.00 116.87 ? 70  GLU A OE2 1 
ATOM 523  N N   . LYS A 1 231 ? 1.079   -2.867  -1.141  1.00 121.30 ? 71  LYS A N   1 
ATOM 524  C CA  . LYS A 1 231 ? -0.024  -1.923  -1.028  1.00 121.30 ? 71  LYS A CA  1 
ATOM 525  C C   . LYS A 1 231 ? -0.782  -1.801  -2.342  1.00 121.30 ? 71  LYS A C   1 
ATOM 526  O O   . LYS A 1 231 ? -1.928  -1.343  -2.366  1.00 121.30 ? 71  LYS A O   1 
ATOM 527  C CB  . LYS A 1 231 ? 0.497   -0.562  -0.578  1.00 121.30 ? 71  LYS A CB  1 
ATOM 528  C CG  . LYS A 1 231 ? 0.182   -0.225  0.861   1.00 121.30 ? 71  LYS A CG  1 
ATOM 529  C CD  . LYS A 1 231 ? 0.999   -1.069  1.812   1.00 121.30 ? 71  LYS A CD  1 
ATOM 530  C CE  . LYS A 1 231 ? 0.656   -0.746  3.251   1.00 121.30 ? 71  LYS A CE  1 
ATOM 531  N NZ  . LYS A 1 231 ? 1.314   -1.685  4.196   1.00 121.30 ? 71  LYS A NZ  1 
ATOM 532  N N   . VAL A 1 232 ? -0.164  -2.210  -3.444  1.00 115.43 ? 72  VAL A N   1 
ATOM 533  C CA  . VAL A 1 232 ? -0.787  -2.142  -4.757  1.00 115.43 ? 72  VAL A CA  1 
ATOM 534  C C   . VAL A 1 232 ? -1.529  -3.427  -5.097  1.00 115.43 ? 72  VAL A C   1 
ATOM 535  O O   . VAL A 1 232 ? -2.673  -3.382  -5.547  1.00 115.43 ? 72  VAL A O   1 
ATOM 536  C CB  . VAL A 1 232 ? 0.275   -1.818  -5.825  1.00 115.43 ? 72  VAL A CB  1 
ATOM 537  C CG1 . VAL A 1 232 ? -0.341  -1.817  -7.211  1.00 115.43 ? 72  VAL A CG1 1 
ATOM 538  C CG2 . VAL A 1 232 ? 0.914   -0.487  -5.528  1.00 115.43 ? 72  VAL A CG2 1 
ATOM 539  N N   . ALA A 1 233 ? -0.894  -4.579  -4.877  1.00 117.36 ? 73  ALA A N   1 
ATOM 540  C CA  . ALA A 1 233 ? -1.507  -5.844  -5.269  1.00 117.36 ? 73  ALA A CA  1 
ATOM 541  C C   . ALA A 1 233 ? -2.663  -6.211  -4.351  1.00 117.36 ? 73  ALA A C   1 
ATOM 542  O O   . ALA A 1 233 ? -3.575  -6.942  -4.751  1.00 117.36 ? 73  ALA A O   1 
ATOM 543  C CB  . ALA A 1 233 ? -0.459  -6.952  -5.281  1.00 117.36 ? 73  ALA A CB  1 
ATOM 544  N N   . SER A 1 234 ? -2.646  -5.717  -3.114  1.00 124.33 ? 74  SER A N   1 
ATOM 545  C CA  . SER A 1 234 ? -3.790  -5.924  -2.235  1.00 124.33 ? 74  SER A CA  1 
ATOM 546  C C   . SER A 1 234 ? -4.932  -4.989  -2.598  1.00 124.33 ? 74  SER A C   1 
ATOM 547  O O   . SER A 1 234 ? -6.081  -5.215  -2.205  1.00 124.33 ? 74  SER A O   1 
ATOM 548  C CB  . SER A 1 234 ? -3.385  -5.713  -0.780  1.00 124.33 ? 74  SER A CB  1 
ATOM 549  O OG  . SER A 1 234 ? -2.623  -4.530  -0.650  1.00 124.33 ? 74  SER A OG  1 
ATOM 550  N N   . GLY A 1 235 ? -4.636  -3.925  -3.337  1.00 129.43 ? 75  GLY A N   1 
ATOM 551  C CA  . GLY A 1 235 ? -5.618  -2.913  -3.657  1.00 129.43 ? 75  GLY A CA  1 
ATOM 552  C C   . GLY A 1 235 ? -5.667  -1.784  -2.659  1.00 129.43 ? 75  GLY A C   1 
ATOM 553  O O   . GLY A 1 235 ? -6.576  -0.952  -2.733  1.00 129.43 ? 75  GLY A O   1 
ATOM 554  N N   . GLU A 1 236 ? -4.716  -1.732  -1.728  1.00 131.34 ? 76  GLU A N   1 
ATOM 555  C CA  . GLU A 1 236 ? -4.754  -0.720  -0.681  1.00 131.34 ? 76  GLU A CA  1 
ATOM 556  C C   . GLU A 1 236 ? -4.408  0.654   -1.232  1.00 131.34 ? 76  GLU A C   1 
ATOM 557  O O   . GLU A 1 236 ? -4.834  1.678   -0.686  1.00 131.34 ? 76  GLU A O   1 
ATOM 558  C CB  . GLU A 1 236 ? -3.791  -1.109  0.439   1.00 131.34 ? 76  GLU A CB  1 
ATOM 559  C CG  . GLU A 1 236 ? -3.997  -0.375  1.745   1.00 131.34 ? 76  GLU A CG  1 
ATOM 560  C CD  . GLU A 1 236 ? -3.469  -1.159  2.921   1.00 131.34 ? 76  GLU A CD  1 
ATOM 561  O OE1 . GLU A 1 236 ? -3.603  -2.399  2.909   1.00 131.34 ? 76  GLU A OE1 1 
ATOM 562  O OE2 . GLU A 1 236 ? -2.917  -0.542  3.855   1.00 131.34 ? 76  GLU A OE2 1 
ATOM 563  N N   . LEU A 1 237 ? -3.652  0.699   -2.319  1.00 136.94 ? 77  LEU A N   1 
ATOM 564  C CA  . LEU A 1 237 ? -3.166  1.951   -2.864  1.00 136.94 ? 77  LEU A CA  1 
ATOM 565  C C   . LEU A 1 237 ? -3.709  2.135   -4.274  1.00 136.94 ? 77  LEU A C   1 
ATOM 566  O O   . LEU A 1 237 ? -4.031  1.171   -4.974  1.00 136.94 ? 77  LEU A O   1 
ATOM 567  C CB  . LEU A 1 237 ? -1.628  1.986   -2.834  1.00 136.94 ? 77  LEU A CB  1 
ATOM 568  C CG  . LEU A 1 237 ? -0.778  3.140   -3.371  1.00 136.94 ? 77  LEU A CG  1 
ATOM 569  C CD1 . LEU A 1 237 ? 0.461   3.283   -2.516  1.00 136.94 ? 77  LEU A CD1 1 
ATOM 570  C CD2 . LEU A 1 237 ? -0.373  2.926   -4.818  1.00 136.94 ? 77  LEU A CD2 1 
ATOM 571  N N   . LYS A 1 238 ? -3.826  3.394   -4.668  1.00 143.50 ? 78  LYS A N   1 
ATOM 572  C CA  . LYS A 1 238 ? -4.240  3.786   -6.006  1.00 143.50 ? 78  LYS A CA  1 
ATOM 573  C C   . LYS A 1 238 ? -3.064  4.484   -6.676  1.00 143.50 ? 78  LYS A C   1 
ATOM 574  O O   . LYS A 1 238 ? -2.392  5.312   -6.054  1.00 143.50 ? 78  LYS A O   1 
ATOM 575  C CB  . LYS A 1 238 ? -5.470  4.683   -5.924  1.00 143.50 ? 78  LYS A CB  1 
ATOM 576  C CG  . LYS A 1 238 ? -6.587  4.023   -5.128  1.00 143.50 ? 78  LYS A CG  1 
ATOM 577  C CD  . LYS A 1 238 ? -7.056  4.874   -3.962  1.00 143.50 ? 78  LYS A CD  1 
ATOM 578  C CE  . LYS A 1 238 ? -7.976  5.983   -4.412  1.00 143.50 ? 78  LYS A CE  1 
ATOM 579  N NZ  . LYS A 1 238 ? -8.430  6.827   -3.275  1.00 143.50 ? 78  LYS A NZ  1 
ATOM 580  N N   . THR A 1 239 ? -2.815  4.146   -7.939  1.00 139.70 ? 79  THR A N   1 
ATOM 581  C CA  . THR A 1 239 ? -1.528  4.471   -8.546  1.00 139.70 ? 79  THR A CA  1 
ATOM 582  C C   . THR A 1 239 ? -1.442  5.929   -8.972  1.00 139.70 ? 79  THR A C   1 
ATOM 583  O O   . THR A 1 239 ? -0.348  6.441   -9.229  1.00 139.70 ? 79  THR A O   1 
ATOM 584  C CB  . THR A 1 239 ? -1.271  3.556   -9.742  1.00 139.70 ? 79  THR A CB  1 
ATOM 585  O OG1 . THR A 1 239 ? 0.050   3.781   -10.242 1.00 139.70 ? 79  THR A OG1 1 
ATOM 586  C CG2 . THR A 1 239 ? -2.279  3.813   -10.854 1.00 139.70 ? 79  THR A CG2 1 
ATOM 587  N N   . GLU A 1 240 ? -2.579  6.620   -9.055  1.00 148.75 ? 80  GLU A N   1 
ATOM 588  C CA  . GLU A 1 240 ? -2.584  7.929   -9.697  1.00 148.75 ? 80  GLU A CA  1 
ATOM 589  C C   . GLU A 1 240 ? -2.181  9.025   -8.721  1.00 148.75 ? 80  GLU A C   1 
ATOM 590  O O   . GLU A 1 240 ? -1.275  9.818   -8.997  1.00 148.75 ? 80  GLU A O   1 
ATOM 591  C CB  . GLU A 1 240 ? -3.962  8.211   -10.292 1.00 148.75 ? 80  GLU A CB  1 
ATOM 592  C CG  . GLU A 1 240 ? -4.126  7.711   -11.717 1.00 148.75 ? 80  GLU A CG  1 
ATOM 593  C CD  . GLU A 1 240 ? -3.551  8.671   -12.735 1.00 148.75 ? 80  GLU A CD  1 
ATOM 594  O OE1 . GLU A 1 240 ? -4.296  9.548   -13.218 1.00 148.75 ? 80  GLU A OE1 1 
ATOM 595  O OE2 . GLU A 1 240 ? -2.348  8.551   -13.046 1.00 148.75 ? 80  GLU A OE2 1 
ATOM 596  N N   . GLU A 1 241 ? -2.841  9.080   -7.569  1.00 154.05 ? 81  GLU A N   1 
ATOM 597  C CA  . GLU A 1 241 ? -2.602  10.173  -6.637  1.00 154.05 ? 81  GLU A CA  1 
ATOM 598  C C   . GLU A 1 241 ? -1.391  9.896   -5.761  1.00 154.05 ? 81  GLU A C   1 
ATOM 599  O O   . GLU A 1 241 ? -0.826  10.815  -5.159  1.00 154.05 ? 81  GLU A O   1 
ATOM 600  C CB  . GLU A 1 241 ? -3.848  10.422  -5.789  1.00 154.05 ? 81  GLU A CB  1 
ATOM 601  C CG  . GLU A 1 241 ? -4.499  9.168   -5.225  1.00 154.05 ? 81  GLU A CG  1 
ATOM 602  C CD  . GLU A 1 241 ? -5.619  8.652   -6.107  1.00 154.05 ? 81  GLU A CD  1 
ATOM 603  O OE1 . GLU A 1 241 ? -5.332  8.223   -7.244  1.00 154.05 ? 81  GLU A OE1 1 
ATOM 604  O OE2 . GLU A 1 241 ? -6.788  8.715   -5.683  1.00 154.05 ? 81  GLU A OE2 1 
ATOM 605  N N   . PHE A 1 242 ? -0.984  8.631   -5.671  1.00 147.69 ? 82  PHE A N   1 
ATOM 606  C CA  . PHE A 1 242 ? 0.230   8.312   -4.932  1.00 147.69 ? 82  PHE A CA  1 
ATOM 607  C C   . PHE A 1 242 ? 1.461   8.793   -5.680  1.00 147.69 ? 82  PHE A C   1 
ATOM 608  O O   . PHE A 1 242 ? 2.415   9.289   -5.071  1.00 147.69 ? 82  PHE A O   1 
ATOM 609  C CB  . PHE A 1 242 ? 0.318   6.813   -4.679  1.00 147.69 ? 82  PHE A CB  1 
ATOM 610  C CG  . PHE A 1 242 ? 1.640   6.379   -4.145  1.00 147.69 ? 82  PHE A CG  1 
ATOM 611  C CD1 . PHE A 1 242 ? 2.045   6.769   -2.882  1.00 147.69 ? 82  PHE A CD1 1 
ATOM 612  C CD2 . PHE A 1 242 ? 2.483   5.593   -4.906  1.00 147.69 ? 82  PHE A CD2 1 
ATOM 613  C CE1 . PHE A 1 242 ? 3.263   6.374   -2.383  1.00 147.69 ? 82  PHE A CE1 1 
ATOM 614  C CE2 . PHE A 1 242 ? 3.702   5.195   -4.412  1.00 147.69 ? 82  PHE A CE2 1 
ATOM 615  C CZ  . PHE A 1 242 ? 4.094   5.588   -3.150  1.00 147.69 ? 82  PHE A CZ  1 
ATOM 616  N N   . GLU A 1 243 ? 1.450   8.664   -7.005  1.00 153.82 ? 83  GLU A N   1 
ATOM 617  C CA  . GLU A 1 243 ? 2.577   9.120   -7.805  1.00 153.82 ? 83  GLU A CA  1 
ATOM 618  C C   . GLU A 1 243 ? 2.648   10.638  -7.820  1.00 153.82 ? 83  GLU A C   1 
ATOM 619  O O   . GLU A 1 243 ? 3.739   11.213  -7.880  1.00 153.82 ? 83  GLU A O   1 
ATOM 620  C CB  . GLU A 1 243 ? 2.458   8.549   -9.223  1.00 153.82 ? 83  GLU A CB  1 
ATOM 621  C CG  . GLU A 1 243 ? 3.627   8.807   -10.181 1.00 153.82 ? 83  GLU A CG  1 
ATOM 622  C CD  . GLU A 1 243 ? 3.545   10.126  -10.939 1.00 153.82 ? 83  GLU A CD  1 
ATOM 623  O OE1 . GLU A 1 243 ? 2.486   10.786  -10.903 1.00 153.82 ? 83  GLU A OE1 1 
ATOM 624  O OE2 . GLU A 1 243 ? 4.549   10.495  -11.585 1.00 153.82 ? 83  GLU A OE2 1 
ATOM 625  N N   . GLU A 1 244 ? 1.488   11.300  -7.751  1.00 156.75 ? 84  GLU A N   1 
ATOM 626  C CA  . GLU A 1 244 ? 1.436   12.756  -7.845  1.00 156.75 ? 84  GLU A CA  1 
ATOM 627  C C   . GLU A 1 244 ? 2.092   13.414  -6.642  1.00 156.75 ? 84  GLU A C   1 
ATOM 628  O O   . GLU A 1 244 ? 2.850   14.378  -6.789  1.00 156.75 ? 84  GLU A O   1 
ATOM 629  C CB  . GLU A 1 244 ? -0.016  13.212  -7.977  1.00 156.75 ? 84  GLU A CB  1 
ATOM 630  C CG  . GLU A 1 244 ? -0.216  14.711  -7.894  1.00 156.75 ? 84  GLU A CG  1 
ATOM 631  C CD  . GLU A 1 244 ? -1.506  15.089  -7.195  1.00 156.75 ? 84  GLU A CD  1 
ATOM 632  O OE1 . GLU A 1 244 ? -1.547  16.165  -6.562  1.00 156.75 ? 84  GLU A OE1 1 
ATOM 633  O OE2 . GLU A 1 244 ? -2.478  14.312  -7.275  1.00 156.75 ? 84  GLU A OE2 1 
ATOM 634  N N   . GLY A 1 245 ? 1.831   12.891  -5.445  1.00 153.13 ? 85  GLY A N   1 
ATOM 635  C CA  . GLY A 1 245 ? 2.494   13.418  -4.269  1.00 153.13 ? 85  GLY A CA  1 
ATOM 636  C C   . GLY A 1 245 ? 3.956   13.028  -4.215  1.00 153.13 ? 85  GLY A C   1 
ATOM 637  O O   . GLY A 1 245 ? 4.775   13.726  -3.613  1.00 153.13 ? 85  GLY A O   1 
ATOM 638  N N   . LEU A 1 246 ? 4.308   11.919  -4.864  1.00 145.77 ? 86  LEU A N   1 
ATOM 639  C CA  . LEU A 1 246 ? 5.697   11.480  -4.870  1.00 145.77 ? 86  LEU A CA  1 
ATOM 640  C C   . LEU A 1 246 ? 6.553   12.382  -5.746  1.00 145.77 ? 86  LEU A C   1 
ATOM 641  O O   . LEU A 1 246 ? 7.760   12.515  -5.518  1.00 145.77 ? 86  LEU A O   1 
ATOM 642  C CB  . LEU A 1 246 ? 5.781   10.034  -5.344  1.00 145.77 ? 86  LEU A CB  1 
ATOM 643  C CG  . LEU A 1 246 ? 6.944   9.233   -4.777  1.00 145.77 ? 86  LEU A CG  1 
ATOM 644  C CD1 . LEU A 1 246 ? 6.779   9.097   -3.287  1.00 145.77 ? 86  LEU A CD1 1 
ATOM 645  C CD2 . LEU A 1 246 ? 7.016   7.879   -5.429  1.00 145.77 ? 86  LEU A CD2 1 
ATOM 646  N N   . LYS A 1 247 ? 5.943   13.021  -6.745  1.00 145.03 ? 87  LYS A N   1 
ATOM 647  C CA  . LYS A 1 247 ? 6.697   13.909  -7.621  1.00 145.03 ? 87  LYS A CA  1 
ATOM 648  C C   . LYS A 1 247 ? 7.064   15.214  -6.930  1.00 145.03 ? 87  LYS A C   1 
ATOM 649  O O   . LYS A 1 247 ? 8.020   15.883  -7.336  1.00 145.03 ? 87  LYS A O   1 
ATOM 650  C CB  . LYS A 1 247 ? 5.895   14.195  -8.883  1.00 145.03 ? 87  LYS A CB  1 
ATOM 651  C CG  . LYS A 1 247 ? 5.732   12.998  -9.781  1.00 145.03 ? 87  LYS A CG  1 
ATOM 652  C CD  . LYS A 1 247 ? 7.011   12.688  -10.510 1.00 145.03 ? 87  LYS A CD  1 
ATOM 653  C CE  . LYS A 1 247 ? 7.348   13.826  -11.443 1.00 145.03 ? 87  LYS A CE  1 
ATOM 654  N NZ  . LYS A 1 247 ? 6.191   14.147  -12.321 1.00 145.03 ? 87  LYS A NZ  1 
ATOM 655  N N   . ALA A 1 248 ? 6.325   15.598  -5.893  1.00 147.96 ? 88  ALA A N   1 
ATOM 656  C CA  . ALA A 1 248 ? 6.627   16.807  -5.142  1.00 147.96 ? 88  ALA A CA  1 
ATOM 657  C C   . ALA A 1 248 ? 7.674   16.588  -4.062  1.00 147.96 ? 88  ALA A C   1 
ATOM 658  O O   . ALA A 1 248 ? 7.958   17.513  -3.296  1.00 147.96 ? 88  ALA A O   1 
ATOM 659  C CB  . ALA A 1 248 ? 5.354   17.367  -4.510  1.00 147.96 ? 88  ALA A CB  1 
ATOM 660  N N   . GLY A 1 249 ? 8.252   15.395  -3.978  1.00 153.01 ? 89  GLY A N   1 
ATOM 661  C CA  . GLY A 1 249 ? 9.256   15.126  -2.980  1.00 153.01 ? 89  GLY A CA  1 
ATOM 662  C C   . GLY A 1 249 ? 8.723   14.675  -1.643  1.00 153.01 ? 89  GLY A C   1 
ATOM 663  O O   . GLY A 1 249 ? 9.461   14.729  -0.655  1.00 153.01 ? 89  GLY A O   1 
ATOM 664  N N   . LEU A 1 250 ? 7.464   14.258  -1.571  1.00 156.90 ? 90  LEU A N   1 
ATOM 665  C CA  . LEU A 1 250 ? 6.958   13.689  -0.334  1.00 156.90 ? 90  LEU A CA  1 
ATOM 666  C C   . LEU A 1 250 ? 7.573   12.312  -0.119  1.00 156.90 ? 90  LEU A C   1 
ATOM 667  O O   . LEU A 1 250 ? 7.447   11.419  -0.958  1.00 156.90 ? 90  LEU A O   1 
ATOM 668  C CB  . LEU A 1 250 ? 5.434   13.580  -0.373  1.00 156.90 ? 90  LEU A CB  1 
ATOM 669  C CG  . LEU A 1 250 ? 4.606   14.863  -0.246  1.00 156.90 ? 90  LEU A CG  1 
ATOM 670  C CD1 . LEU A 1 250 ? 3.234   14.689  -0.858  1.00 156.90 ? 90  LEU A CD1 1 
ATOM 671  C CD2 . LEU A 1 250 ? 4.463   15.310  1.185   1.00 156.90 ? 90  LEU A CD2 1 
ATOM 672  N N   . SER A 1 251 ? 8.273   12.160  1.003   1.00 165.61 ? 91  SER A N   1 
ATOM 673  C CA  . SER A 1 251 ? 8.877   10.879  1.339   1.00 165.61 ? 91  SER A CA  1 
ATOM 674  C C   . SER A 1 251 ? 7.791   9.862   1.651   1.00 165.61 ? 91  SER A C   1 
ATOM 675  O O   . SER A 1 251 ? 6.695   10.223  2.084   1.00 165.61 ? 91  SER A O   1 
ATOM 676  C CB  . SER A 1 251 ? 9.815   11.020  2.534   1.00 165.61 ? 91  SER A CB  1 
ATOM 677  O OG  . SER A 1 251 ? 9.116   10.790  3.742   1.00 165.61 ? 91  SER A OG  1 
ATOM 678  N N   . LEU A 1 252 ? 8.131   8.579   1.462   1.00 156.25 ? 92  LEU A N   1 
ATOM 679  C CA  . LEU A 1 252 ? 7.125   7.530   1.279   1.00 156.25 ? 92  LEU A CA  1 
ATOM 680  C C   . LEU A 1 252 ? 6.270   7.319   2.520   1.00 156.25 ? 92  LEU A C   1 
ATOM 681  O O   . LEU A 1 252 ? 5.065   7.081   2.397   1.00 156.25 ? 92  LEU A O   1 
ATOM 682  C CB  . LEU A 1 252 ? 7.805   6.217   0.898   1.00 156.25 ? 92  LEU A CB  1 
ATOM 683  C CG  . LEU A 1 252 ? 7.135   5.127   0.049   1.00 156.25 ? 92  LEU A CG  1 
ATOM 684  C CD1 . LEU A 1 252 ? 8.170   4.074   -0.201  1.00 156.25 ? 92  LEU A CD1 1 
ATOM 685  C CD2 . LEU A 1 252 ? 5.912   4.464   0.658   1.00 156.25 ? 92  LEU A CD2 1 
ATOM 686  N N   . ASP A 1 253 ? 6.859   7.434   3.712   1.00 162.72 ? 93  ASP A N   1 
ATOM 687  C CA  . ASP A 1 253 ? 6.096   7.234   4.942   1.00 162.72 ? 93  ASP A CA  1 
ATOM 688  C C   . ASP A 1 253 ? 5.053   8.329   5.138   1.00 162.72 ? 93  ASP A C   1 
ATOM 689  O O   . ASP A 1 253 ? 4.052   8.131   5.835   1.00 162.72 ? 93  ASP A O   1 
ATOM 690  C CB  . ASP A 1 253 ? 7.047   7.153   6.135   1.00 162.72 ? 93  ASP A CB  1 
ATOM 691  C CG  . ASP A 1 253 ? 7.976   8.348   6.231   1.00 162.72 ? 93  ASP A CG  1 
ATOM 692  O OD1 . ASP A 1 253 ? 7.984   9.191   5.310   1.00 162.72 ? 93  ASP A OD1 1 
ATOM 693  O OD2 . ASP A 1 253 ? 8.700   8.447   7.242   1.00 162.72 ? 93  ASP A OD2 1 
ATOM 694  N N   . LEU A 1 254 ? 5.270   9.488   4.526   1.00 165.21 ? 94  LEU A N   1 
ATOM 695  C CA  . LEU A 1 254 ? 4.291   10.558  4.502   1.00 165.21 ? 94  LEU A CA  1 
ATOM 696  C C   . LEU A 1 254 ? 3.772   10.862  3.105   1.00 165.21 ? 94  LEU A C   1 
ATOM 697  O O   . LEU A 1 254 ? 2.996   11.806  2.944   1.00 165.21 ? 94  LEU A O   1 
ATOM 698  C CB  . LEU A 1 254 ? 4.883   11.815  5.157   1.00 165.21 ? 94  LEU A CB  1 
ATOM 699  C CG  . LEU A 1 254 ? 6.288   12.287  4.760   1.00 165.21 ? 94  LEU A CG  1 
ATOM 700  C CD1 . LEU A 1 254 ? 6.295   13.249  3.601   1.00 165.21 ? 94  LEU A CD1 1 
ATOM 701  C CD2 . LEU A 1 254 ? 7.008   12.889  5.959   1.00 165.21 ? 94  LEU A CD2 1 
ATOM 702  N N   . ALA A 1 255 ? 4.184   10.097  2.095   1.00 163.17 ? 95  ALA A N   1 
ATOM 703  C CA  . ALA A 1 255 ? 3.571   10.249  0.781   1.00 163.17 ? 95  ALA A CA  1 
ATOM 704  C C   . ALA A 1 255 ? 2.295   9.432   0.678   1.00 163.17 ? 95  ALA A C   1 
ATOM 705  O O   . ALA A 1 255 ? 1.337   9.851   0.018   1.00 163.17 ? 95  ALA A O   1 
ATOM 706  C CB  . ALA A 1 255 ? 4.542   9.839   -0.321  1.00 163.17 ? 95  ALA A CB  1 
ATOM 707  N N   . LEU A 1 256 ? 2.258   8.265   1.323   1.00 165.92 ? 96  LEU A N   1 
ATOM 708  C CA  . LEU A 1 256 ? 1.141   7.353   1.104   1.00 165.92 ? 96  LEU A CA  1 
ATOM 709  C C   . LEU A 1 256 ? -0.082  7.780   1.902   1.00 165.92 ? 96  LEU A C   1 
ATOM 710  O O   . LEU A 1 256 ? -1.214  7.457   1.529   1.00 165.92 ? 96  LEU A O   1 
ATOM 711  C CB  . LEU A 1 256 ? 1.531   5.916   1.458   1.00 165.92 ? 96  LEU A CB  1 
ATOM 712  C CG  . LEU A 1 256 ? 1.442   5.374   2.891   1.00 165.92 ? 96  LEU A CG  1 
ATOM 713  C CD1 . LEU A 1 256 ? 1.734   3.883   2.888   1.00 165.92 ? 96  LEU A CD1 1 
ATOM 714  C CD2 . LEU A 1 256 ? 2.337   6.080   3.886   1.00 165.92 ? 96  LEU A CD2 1 
ATOM 715  N N   . GLU A 1 257 ? 0.120   8.504   3.000   1.00 170.23 ? 97  GLU A N   1 
ATOM 716  C CA  . GLU A 1 257 ? -1.018  8.975   3.777   1.00 170.23 ? 97  GLU A CA  1 
ATOM 717  C C   . GLU A 1 257 ? -1.708  10.135  3.078   1.00 170.23 ? 97  GLU A C   1 
ATOM 718  O O   . GLU A 1 257 ? -2.908  10.361  3.267   1.00 170.23 ? 97  GLU A O   1 
ATOM 719  C CB  . GLU A 1 257 ? -0.566  9.383   5.177   1.00 170.23 ? 97  GLU A CB  1 
ATOM 720  C CG  . GLU A 1 257 ? 0.636   10.313  5.193   1.00 170.23 ? 97  GLU A CG  1 
ATOM 721  C CD  . GLU A 1 257 ? 0.250   11.780  5.220   1.00 170.23 ? 97  GLU A CD  1 
ATOM 722  O OE1 . GLU A 1 257 ? -0.939  12.077  5.452   1.00 170.23 ? 97  GLU A OE1 1 
ATOM 723  O OE2 . GLU A 1 257 ? 1.131   12.636  5.007   1.00 170.23 ? 97  GLU A OE2 1 
ATOM 724  N N   . LYS A 1 258 ? -0.956  10.886  2.270   1.00 165.43 ? 98  LYS A N   1 
ATOM 725  C CA  . LYS A 1 258 ? -1.513  12.047  1.591   1.00 165.43 ? 98  LYS A CA  1 
ATOM 726  C C   . LYS A 1 258 ? -2.503  11.630  0.515   1.00 165.43 ? 98  LYS A C   1 
ATOM 727  O O   . LYS A 1 258 ? -3.572  12.231  0.376   1.00 165.43 ? 98  LYS A O   1 
ATOM 728  C CB  . LYS A 1 258 ? -0.386  12.881  0.991   1.00 165.43 ? 98  LYS A CB  1 
ATOM 729  C CG  . LYS A 1 258 ? -0.833  14.173  0.350   1.00 165.43 ? 98  LYS A CG  1 
ATOM 730  C CD  . LYS A 1 258 ? -1.374  15.127  1.397   1.00 165.43 ? 98  LYS A CD  1 
ATOM 731  C CE  . LYS A 1 258 ? -1.754  16.464  0.789   1.00 165.43 ? 98  LYS A CE  1 
ATOM 732  N NZ  . LYS A 1 258 ? -0.550  17.210  0.339   1.00 165.43 ? 98  LYS A NZ  1 
ATOM 733  N N   . MET A 1 259 ? -2.168  10.592  -0.248  1.00 159.72 ? 99  MET A N   1 
ATOM 734  C CA  . MET A 1 259 ? -3.088  10.102  -1.264  1.00 159.72 ? 99  MET A CA  1 
ATOM 735  C C   . MET A 1 259 ? -4.252  9.344   -0.639  1.00 159.72 ? 99  MET A C   1 
ATOM 736  O O   . MET A 1 259 ? -5.342  9.279   -1.219  1.00 159.72 ? 99  MET A O   1 
ATOM 737  C CB  . MET A 1 259 ? -2.334  9.224   -2.264  1.00 159.72 ? 99  MET A CB  1 
ATOM 738  C CG  . MET A 1 259 ? -1.546  8.046   -1.682  1.00 159.72 ? 99  MET A CG  1 
ATOM 739  S SD  . MET A 1 259 ? -2.495  6.556   -1.313  1.00 159.72 ? 99  MET A SD  1 
ATOM 740  C CE  . MET A 1 259 ? -3.084  6.162   -2.944  1.00 159.72 ? 99  MET A CE  1 
ATOM 741  N N   . GLU A 1 260 ? -4.031  8.748   0.532   1.00 172.28 ? 100 GLU A N   1 
ATOM 742  C CA  . GLU A 1 260 ? -5.045  7.888   1.129   1.00 172.28 ? 100 GLU A CA  1 
ATOM 743  C C   . GLU A 1 260 ? -6.184  8.714   1.716   1.00 172.28 ? 100 GLU A C   1 
ATOM 744  O O   . GLU A 1 260 ? -7.350  8.313   1.654   1.00 172.28 ? 100 GLU A O   1 
ATOM 745  C CB  . GLU A 1 260 ? -4.385  6.977   2.175   1.00 172.28 ? 100 GLU A CB  1 
ATOM 746  C CG  . GLU A 1 260 ? -5.295  6.109   3.053   1.00 172.28 ? 100 GLU A CG  1 
ATOM 747  C CD  . GLU A 1 260 ? -5.758  6.803   4.320   1.00 172.28 ? 100 GLU A CD  1 
ATOM 748  O OE1 . GLU A 1 260 ? -5.218  7.884   4.633   1.00 172.28 ? 100 GLU A OE1 1 
ATOM 749  O OE2 . GLU A 1 260 ? -6.657  6.267   4.999   1.00 172.28 ? 100 GLU A OE2 1 
ATOM 750  N N   . GLU A 1 261 ? -5.870  9.884   2.268   1.00 178.29 ? 101 GLU A N   1 
ATOM 751  C CA  . GLU A 1 261 ? -6.859  10.688  2.972   1.00 178.29 ? 101 GLU A CA  1 
ATOM 752  C C   . GLU A 1 261 ? -7.661  11.604  2.051   1.00 178.29 ? 101 GLU A C   1 
ATOM 753  O O   . GLU A 1 261 ? -8.524  12.340  2.544   1.00 178.29 ? 101 GLU A O   1 
ATOM 754  C CB  . GLU A 1 261 ? -6.180  11.523  4.060   1.00 178.29 ? 101 GLU A CB  1 
ATOM 755  C CG  . GLU A 1 261 ? -5.370  12.697  3.529   1.00 178.29 ? 101 GLU A CG  1 
ATOM 756  C CD  . GLU A 1 261 ? -5.057  13.724  4.600   1.00 178.29 ? 101 GLU A CD  1 
ATOM 757  O OE1 . GLU A 1 261 ? -5.851  13.857  5.552   1.00 178.29 ? 101 GLU A OE1 1 
ATOM 758  O OE2 . GLU A 1 261 ? -4.022  14.409  4.482   1.00 178.29 ? 101 GLU A OE2 1 
ATOM 759  N N   . GLU A 1 262 ? -7.411  11.581  0.740   1.00 181.71 ? 102 GLU A N   1 
ATOM 760  C CA  . GLU A 1 262 ? -8.136  12.477  -0.158  1.00 181.71 ? 102 GLU A CA  1 
ATOM 761  C C   . GLU A 1 262 ? -9.574  12.020  -0.360  1.00 181.71 ? 102 GLU A C   1 
ATOM 762  O O   . GLU A 1 262 ? -10.515 12.770  -0.077  1.00 181.71 ? 102 GLU A O   1 
ATOM 763  C CB  . GLU A 1 262 ? -7.414  12.579  -1.501  1.00 181.71 ? 102 GLU A CB  1 
ATOM 764  C CG  . GLU A 1 262 ? -6.100  13.352  -1.459  1.00 181.71 ? 102 GLU A CG  1 
ATOM 765  C CD  . GLU A 1 262 ? -6.125  14.509  -0.478  1.00 181.71 ? 102 GLU A CD  1 
ATOM 766  O OE1 . GLU A 1 262 ? -5.561  14.377  0.629   1.00 181.71 ? 102 GLU A OE1 1 
ATOM 767  O OE2 . GLU A 1 262 ? -6.715  15.554  -0.814  1.00 181.71 ? 102 GLU A OE2 1 
ATOM 768  N N   . ALA A 1 263 ? -9.766  10.793  -0.839  1.00 183.46 ? 103 ALA A N   1 
ATOM 769  C CA  . ALA A 1 263 ? -11.097 10.230  -1.012  1.00 183.46 ? 103 ALA A CA  1 
ATOM 770  C C   . ALA A 1 263 ? -11.466 9.294   0.131   1.00 183.46 ? 103 ALA A C   1 
ATOM 771  O O   . ALA A 1 263 ? -12.351 8.447   -0.026  1.00 183.46 ? 103 ALA A O   1 
ATOM 772  C CB  . ALA A 1 263 ? -11.199 9.505   -2.353  1.00 183.46 ? 103 ALA A CB  1 
ATOM 773  N N   . ALA A 1 264 ? -10.801 9.431   1.280   1.00 174.12 ? 104 ALA A N   1 
ATOM 774  C CA  . ALA A 1 264 ? -11.131 8.603   2.434   1.00 174.12 ? 104 ALA A CA  1 
ATOM 775  C C   . ALA A 1 264 ? -12.457 9.024   3.047   1.00 174.12 ? 104 ALA A C   1 
ATOM 776  O O   . ALA A 1 264 ? -13.392 8.222   3.151   1.00 174.12 ? 104 ALA A O   1 
ATOM 777  C CB  . ALA A 1 264 ? -10.021 8.683   3.479   1.00 174.12 ? 104 ALA A CB  1 
ATOM 778  N N   . ALA A 1 265 ? -12.559 10.288  3.455   1.00 153.66 ? 105 ALA A N   1 
ATOM 779  C CA  . ALA A 1 265 ? -13.739 10.742  4.174   1.00 153.66 ? 105 ALA A CA  1 
ATOM 780  C C   . ALA A 1 265 ? -14.088 12.183  3.837   1.00 153.66 ? 105 ALA A C   1 
ATOM 781  O O   . ALA A 1 265 ? -13.209 12.994  3.530   1.00 153.66 ? 105 ALA A O   1 
ATOM 782  C CB  . ALA A 1 265 ? -13.531 10.594  5.682   1.00 153.66 ? 105 ALA A CB  1 
ATOM 783  N N   . GLY A 1 266 ? -15.378 12.495  3.875   1.00 116.33 ? 106 GLY A N   1 
ATOM 784  C CA  . GLY A 1 266 ? -15.842 13.856  3.744   1.00 116.33 ? 106 GLY A CA  1 
ATOM 785  C C   . GLY A 1 266 ? -17.347 13.925  3.601   1.00 116.33 ? 106 GLY A C   1 
ATOM 786  O O   . GLY A 1 266 ? -18.000 12.931  3.272   1.00 116.33 ? 106 GLY A O   1 
ATOM 787  N N   . ASP A 1 267 ? -17.904 15.112  3.824   1.00 93.02  ? 107 ASP A N   1 
ATOM 788  C CA  . ASP A 1 267 ? -19.337 15.297  3.649   1.00 93.02  ? 107 ASP A CA  1 
ATOM 789  C C   . ASP A 1 267 ? -19.610 16.192  2.461   1.00 93.02  ? 107 ASP A C   1 
ATOM 790  O O   . ASP A 1 267 ? -20.705 16.168  1.892   1.00 93.02  ? 107 ASP A O   1 
ATOM 791  C CB  . ASP A 1 267 ? -19.936 15.887  4.917   1.00 93.02  ? 107 ASP A CB  1 
ATOM 792  C CG  . ASP A 1 267 ? -19.121 17.037  5.451   1.00 93.02  ? 107 ASP A CG  1 
ATOM 793  O OD1 . ASP A 1 267 ? -18.040 17.314  4.891   1.00 93.02  ? 107 ASP A OD1 1 
ATOM 794  O OD2 . ASP A 1 267 ? -19.551 17.657  6.438   1.00 93.02  ? 107 ASP A OD2 1 
ATOM 795  N N   . LEU A 1 268 ? -18.649 17.060  2.141   1.00 77.48  ? 108 LEU A N   1 
ATOM 796  C CA  . LEU A 1 268 ? -18.528 17.799  0.889   1.00 77.48  ? 108 LEU A CA  1 
ATOM 797  C C   . LEU A 1 268 ? -19.628 18.821  0.645   1.00 77.48  ? 108 LEU A C   1 
ATOM 798  O O   . LEU A 1 268 ? -19.578 19.544  -0.353  1.00 77.48  ? 108 LEU A O   1 
ATOM 799  C CB  . LEU A 1 268 ? -18.471 16.837  -0.299  1.00 77.48  ? 108 LEU A CB  1 
ATOM 800  C CG  . LEU A 1 268 ? -17.495 15.669  -0.273  1.00 77.48  ? 108 LEU A CG  1 
ATOM 801  C CD1 . LEU A 1 268 ? -17.508 14.973  -1.609  1.00 77.48  ? 108 LEU A CD1 1 
ATOM 802  C CD2 . LEU A 1 268 ? -16.101 16.148  0.069   1.00 77.48  ? 108 LEU A CD2 1 
ATOM 803  N N   . LEU A 1 269 ? -20.604 18.909  1.528   1.00 66.15  ? 109 LEU A N   1 
ATOM 804  C CA  . LEU A 1 269 ? -21.701 19.821  1.314   1.00 66.15  ? 109 LEU A CA  1 
ATOM 805  C C   . LEU A 1 269 ? -21.237 21.233  1.609   1.00 66.15  ? 109 LEU A C   1 
ATOM 806  O O   . LEU A 1 269 ? -20.552 21.454  2.611   1.00 66.15  ? 109 LEU A O   1 
ATOM 807  C CB  . LEU A 1 269 ? -22.869 19.480  2.209   1.00 66.15  ? 109 LEU A CB  1 
ATOM 808  C CG  . LEU A 1 269 ? -23.893 18.549  1.598   1.00 66.15  ? 109 LEU A CG  1 
ATOM 809  C CD1 . LEU A 1 269 ? -25.036 18.393  2.560   1.00 66.15  ? 109 LEU A CD1 1 
ATOM 810  C CD2 . LEU A 1 269 ? -24.374 19.117  0.291   1.00 66.15  ? 109 LEU A CD2 1 
ATOM 811  N N   . PRO A 1 270 ? -21.565 22.195  0.767   1.00 63.22  ? 110 PRO A N   1 
ATOM 812  C CA  . PRO A 1 270 ? -21.228 23.578  1.073   1.00 63.22  ? 110 PRO A CA  1 
ATOM 813  C C   . PRO A 1 270 ? -22.051 24.082  2.235   1.00 63.22  ? 110 PRO A C   1 
ATOM 814  O O   . PRO A 1 270 ? -23.101 23.530  2.561   1.00 63.22  ? 110 PRO A O   1 
ATOM 815  C CB  . PRO A 1 270 ? -21.581 24.312  -0.216  1.00 63.22  ? 110 PRO A CB  1 
ATOM 816  C CG  . PRO A 1 270 ? -22.613 23.465  -0.822  1.00 63.22  ? 110 PRO A CG  1 
ATOM 817  C CD  . PRO A 1 270 ? -22.229 22.070  -0.532  1.00 63.22  ? 110 PRO A CD  1 
ATOM 818  N N   . ASP A 1 271 ? -21.560 25.144  2.856   1.00 68.90  ? 111 ASP A N   1 
ATOM 819  C CA  . ASP A 1 271 ? -22.142 25.673  4.076   1.00 68.90  ? 111 ASP A CA  1 
ATOM 820  C C   . ASP A 1 271 ? -23.556 26.202  3.901   1.00 68.90  ? 111 ASP A C   1 
ATOM 821  O O   . ASP A 1 271 ? -24.331 26.209  4.859   1.00 68.90  ? 111 ASP A O   1 
ATOM 822  C CB  . ASP A 1 271 ? -21.246 26.770  4.630   1.00 68.90  ? 111 ASP A CB  1 
ATOM 823  C CG  . ASP A 1 271 ? -20.808 27.736  3.569   1.00 68.90  ? 111 ASP A CG  1 
ATOM 824  O OD1 . ASP A 1 271 ? -21.402 28.829  3.466   1.00 68.90  ? 111 ASP A OD1 1 
ATOM 825  O OD2 . ASP A 1 271 ? -19.870 27.390  2.825   1.00 68.90  ? 111 ASP A OD2 1 
ATOM 826  N N   . TYR A 1 272 ? -23.922 26.632  2.697   1.00 65.31  ? 112 TYR A N   1 
ATOM 827  C CA  . TYR A 1 272 ? -25.233 27.246  2.558   1.00 65.31  ? 112 TYR A CA  1 
ATOM 828  C C   . TYR A 1 272 ? -26.334 26.208  2.489   1.00 65.31  ? 112 TYR A C   1 
ATOM 829  O O   . TYR A 1 272 ? -27.509 26.538  2.667   1.00 65.31  ? 112 TYR A O   1 
ATOM 830  C CB  . TYR A 1 272 ? -25.278 28.163  1.337   1.00 65.31  ? 112 TYR A CB  1 
ATOM 831  C CG  . TYR A 1 272 ? -24.778 27.571  0.056   1.00 65.31  ? 112 TYR A CG  1 
ATOM 832  C CD1 . TYR A 1 272 ? -23.494 27.801  -0.370  1.00 65.31  ? 112 TYR A CD1 1 
ATOM 833  C CD2 . TYR A 1 272 ? -25.611 26.826  -0.756  1.00 65.31  ? 112 TYR A CD2 1 
ATOM 834  C CE1 . TYR A 1 272 ? -23.035 27.274  -1.551  1.00 65.31  ? 112 TYR A CE1 1 
ATOM 835  C CE2 . TYR A 1 272 ? -25.167 26.296  -1.940  1.00 65.31  ? 112 TYR A CE2 1 
ATOM 836  C CZ  . TYR A 1 272 ? -23.876 26.525  -2.332  1.00 65.31  ? 112 TYR A CZ  1 
ATOM 837  O OH  . TYR A 1 272 ? -23.417 26.002  -3.513  1.00 65.31  ? 112 TYR A OH  1 
ATOM 838  N N   . LEU A 1 273 ? -25.986 24.951  2.247   1.00 68.49  ? 113 LEU A N   1 
ATOM 839  C CA  . LEU A 1 273 ? -26.999 23.913  2.175   1.00 68.49  ? 113 LEU A CA  1 
ATOM 840  C C   . LEU A 1 273 ? -27.279 23.256  3.514   1.00 68.49  ? 113 LEU A C   1 
ATOM 841  O O   . LEU A 1 273 ? -28.367 22.702  3.690   1.00 68.49  ? 113 LEU A O   1 
ATOM 842  C CB  . LEU A 1 273 ? -26.578 22.847  1.178   1.00 68.49  ? 113 LEU A CB  1 
ATOM 843  C CG  . LEU A 1 273 ? -26.473 23.314  -0.260  1.00 68.49  ? 113 LEU A CG  1 
ATOM 844  C CD1 . LEU A 1 273 ? -26.101 22.156  -1.125  1.00 68.49  ? 113 LEU A CD1 1 
ATOM 845  C CD2 . LEU A 1 273 ? -27.772 23.918  -0.711  1.00 68.49  ? 113 LEU A CD2 1 
ATOM 846  N N   . LYS A 1 274 ? -26.357 23.294  4.438   1.00 73.50  ? 114 LYS A N   1 
ATOM 847  C CA  . LYS A 1 274 ? -26.639 22.572  5.670   1.00 73.50  ? 114 LYS A CA  1 
ATOM 848  C C   . LYS A 1 274 ? -27.473 23.439  6.603   1.00 73.50  ? 114 LYS A C   1 
ATOM 849  O O   . LYS A 1 274 ? -27.205 24.635  6.725   1.00 73.50  ? 114 LYS A O   1 
ATOM 850  C CB  . LYS A 1 274 ? -25.350 22.132  6.341   1.00 73.50  ? 114 LYS A CB  1 
ATOM 851  C CG  . LYS A 1 274 ? -24.283 23.183  6.436   1.00 73.50  ? 114 LYS A CG  1 
ATOM 852  C CD  . LYS A 1 274 ? -23.036 22.580  7.043   1.00 73.50  ? 114 LYS A CD  1 
ATOM 853  C CE  . LYS A 1 274 ? -22.411 21.551  6.112   1.00 73.50  ? 114 LYS A CE  1 
ATOM 854  N NZ  . LYS A 1 274 ? -21.834 22.166  4.888   1.00 73.50  ? 114 LYS A NZ  1 
ATOM 855  N N   . PRO A 1 275 ? -28.492 22.873  7.257   1.00 79.32  ? 115 PRO A N   1 
ATOM 856  C CA  . PRO A 1 275 ? -29.516 23.698  7.908   1.00 79.32  ? 115 PRO A CA  1 
ATOM 857  C C   . PRO A 1 275 ? -29.053 24.441  9.142   1.00 79.32  ? 115 PRO A C   1 
ATOM 858  O O   . PRO A 1 275 ? -28.007 24.143  9.720   1.00 79.32  ? 115 PRO A O   1 
ATOM 859  C CB  . PRO A 1 275 ? -30.593 22.674  8.274   1.00 79.32  ? 115 PRO A CB  1 
ATOM 860  C CG  . PRO A 1 275 ? -29.853 21.425  8.447   1.00 79.32  ? 115 PRO A CG  1 
ATOM 861  C CD  . PRO A 1 275 ? -28.793 21.442  7.394   1.00 79.32  ? 115 PRO A CD  1 
ATOM 862  N N   . LEU A 1 276 ? -29.856 25.407  9.551   1.00 89.18  ? 116 LEU A N   1 
ATOM 863  C CA  . LEU A 1 276 ? -29.588 26.334  10.632  1.00 89.18  ? 116 LEU A CA  1 
ATOM 864  C C   . LEU A 1 276 ? -30.618 26.141  11.733  1.00 89.18  ? 116 LEU A C   1 
ATOM 865  O O   . LEU A 1 276 ? -31.704 25.608  11.486  1.00 89.18  ? 116 LEU A O   1 
ATOM 866  C CB  . LEU A 1 276 ? -29.646 27.775  10.108  1.00 89.18  ? 116 LEU A CB  1 
ATOM 867  C CG  . LEU A 1 276 ? -28.584 28.097  9.068   1.00 89.18  ? 116 LEU A CG  1 
ATOM 868  C CD1 . LEU A 1 276 ? -29.074 29.171  8.130   1.00 89.18  ? 116 LEU A CD1 1 
ATOM 869  C CD2 . LEU A 1 276 ? -27.317 28.540  9.752   1.00 89.18  ? 116 LEU A CD2 1 
ATOM 870  N N   . PRO A 1 277 ? -30.314 26.559  12.962  1.00 96.22  ? 117 PRO A N   1 
ATOM 871  C CA  . PRO A 1 277 ? -31.345 26.510  14.006  1.00 96.22  ? 117 PRO A CA  1 
ATOM 872  C C   . PRO A 1 277 ? -32.459 27.513  13.800  1.00 96.22  ? 117 PRO A C   1 
ATOM 873  O O   . PRO A 1 277 ? -33.525 27.381  14.409  1.00 96.22  ? 117 PRO A O   1 
ATOM 874  C CB  . PRO A 1 277 ? -30.553 26.807  15.283  1.00 96.22  ? 117 PRO A CB  1 
ATOM 875  C CG  . PRO A 1 277 ? -29.342 27.515  14.812  1.00 96.22  ? 117 PRO A CG  1 
ATOM 876  C CD  . PRO A 1 277 ? -28.993 26.861  13.532  1.00 96.22  ? 117 PRO A CD  1 
ATOM 877  N N   . GLU A 1 278 ? -32.243 28.521  12.958  1.00 100.78 ? 118 GLU A N   1 
ATOM 878  C CA  . GLU A 1 278 ? -33.289 29.502  12.707  1.00 100.78 ? 118 GLU A CA  1 
ATOM 879  C C   . GLU A 1 278 ? -34.232 29.044  11.604  1.00 100.78 ? 118 GLU A C   1 
ATOM 880  O O   . GLU A 1 278 ? -35.203 29.737  11.286  1.00 100.78 ? 118 GLU A O   1 
ATOM 881  C CB  . GLU A 1 278 ? -32.666 30.847  12.351  1.00 100.78 ? 118 GLU A CB  1 
ATOM 882  C CG  . GLU A 1 278 ? -31.799 31.420  13.450  1.00 100.78 ? 118 GLU A CG  1 
ATOM 883  C CD  . GLU A 1 278 ? -31.292 32.806  13.128  1.00 100.78 ? 118 GLU A CD  1 
ATOM 884  O OE1 . GLU A 1 278 ? -31.653 33.335  12.059  1.00 100.78 ? 118 GLU A OE1 1 
ATOM 885  O OE2 . GLU A 1 278 ? -30.516 33.360  13.933  1.00 100.78 ? 118 GLU A OE2 1 
ATOM 886  N N   . ASP A 1 279 ? -33.954 27.890  10.995  1.00 100.21 ? 119 ASP A N   1 
ATOM 887  C CA  . ASP A 1 279 ? -34.832 27.391  9.944   1.00 100.21 ? 119 ASP A CA  1 
ATOM 888  C C   . ASP A 1 279 ? -36.166 26.923  10.492  1.00 100.21 ? 119 ASP A C   1 
ATOM 889  O O   . ASP A 1 279 ? -37.207 27.152  9.864   1.00 100.21 ? 119 ASP A O   1 
ATOM 890  C CB  . ASP A 1 279 ? -34.166 26.252  9.180   1.00 100.21 ? 119 ASP A CB  1 
ATOM 891  C CG  . ASP A 1 279 ? -33.316 26.745  8.042   1.00 100.21 ? 119 ASP A CG  1 
ATOM 892  O OD1 . ASP A 1 279 ? -33.597 27.847  7.530   1.00 100.21 ? 119 ASP A OD1 1 
ATOM 893  O OD2 . ASP A 1 279 ? -32.388 26.018  7.640   1.00 100.21 ? 119 ASP A OD2 1 
ATOM 894  N N   . THR A 1 280 ? -36.159 26.257  11.638  1.00 93.68  ? 120 THR A N   1 
ATOM 895  C CA  . THR A 1 280 ? -37.510 25.995  12.098  1.00 93.68  ? 120 THR A CA  1 
ATOM 896  C C   . THR A 1 280 ? -38.017 27.154  12.942  1.00 93.68  ? 120 THR A C   1 
ATOM 897  O O   . THR A 1 280 ? -37.247 27.769  13.684  1.00 93.68  ? 120 THR A O   1 
ATOM 898  C CB  . THR A 1 280 ? -37.587 24.691  12.892  1.00 93.68  ? 120 THR A CB  1 
ATOM 899  O OG1 . THR A 1 280 ? -38.917 24.520  13.392  1.00 93.68  ? 120 THR A OG1 1 
ATOM 900  C CG2 . THR A 1 280 ? -36.568 24.646  14.030  1.00 93.68  ? 120 THR A CG2 1 
ATOM 901  N N   . PRO A 1 281 ? -39.284 27.521  12.785  1.00 88.93  ? 121 PRO A N   1 
ATOM 902  C CA  . PRO A 1 281 ? -39.840 28.590  13.617  1.00 88.93  ? 121 PRO A CA  1 
ATOM 903  C C   . PRO A 1 281 ? -39.982 28.133  15.055  1.00 88.93  ? 121 PRO A C   1 
ATOM 904  O O   . PRO A 1 281 ? -40.064 26.941  15.345  1.00 88.93  ? 121 PRO A O   1 
ATOM 905  C CB  . PRO A 1 281 ? -41.198 28.874  12.971  1.00 88.93  ? 121 PRO A CB  1 
ATOM 906  C CG  . PRO A 1 281 ? -41.505 27.670  12.181  1.00 88.93  ? 121 PRO A CG  1 
ATOM 907  C CD  . PRO A 1 281 ? -40.203 27.130  11.711  1.00 88.93  ? 121 PRO A CD  1 
ATOM 908  N N   . ARG A 1 282 ? -40.010 29.101  15.960  1.00 82.46  ? 122 ARG A N   1 
ATOM 909  C CA  . ARG A 1 282 ? -39.946 28.788  17.372  1.00 82.46  ? 122 ARG A CA  1 
ATOM 910  C C   . ARG A 1 282 ? -41.306 28.357  17.896  1.00 82.46  ? 122 ARG A C   1 
ATOM 911  O O   . ARG A 1 282 ? -42.233 28.065  17.143  1.00 82.46  ? 122 ARG A O   1 
ATOM 912  C CB  . ARG A 1 282 ? -39.433 29.986  18.157  1.00 82.46  ? 122 ARG A CB  1 
ATOM 913  C CG  . ARG A 1 282 ? -37.937 30.153  18.082  1.00 82.46  ? 122 ARG A CG  1 
ATOM 914  C CD  . ARG A 1 282 ? -37.430 31.044  19.200  1.00 82.46  ? 122 ARG A CD  1 
ATOM 915  N NE  . ARG A 1 282 ? -37.618 32.461  18.903  1.00 82.46  ? 122 ARG A NE  1 
ATOM 916  C CZ  . ARG A 1 282 ? -36.833 33.178  18.105  1.00 82.46  ? 122 ARG A CZ  1 
ATOM 917  N NH1 . ARG A 1 282 ? -37.095 34.460  17.902  1.00 82.46  ? 122 ARG A NH1 1 
ATOM 918  N NH2 . ARG A 1 282 ? -35.785 32.625  17.515  1.00 82.46  ? 122 ARG A NH2 1 
ATOM 919  N N   . LYS A 1 283 ? -41.412 28.302  19.219  1.00 87.46  ? 123 LYS A N   1 
ATOM 920  C CA  . LYS A 1 283 ? -42.589 27.703  19.826  1.00 87.46  ? 123 LYS A CA  1 
ATOM 921  C C   . LYS A 1 283 ? -43.775 28.648  19.794  1.00 87.46  ? 123 LYS A C   1 
ATOM 922  O O   . LYS A 1 283 ? -44.873 28.270  19.376  1.00 87.46  ? 123 LYS A O   1 
ATOM 923  C CB  . LYS A 1 283 ? -42.284 27.288  21.259  1.00 87.46  ? 123 LYS A CB  1 
ATOM 924  C CG  . LYS A 1 283 ? -43.424 26.549  21.933  1.00 87.46  ? 123 LYS A CG  1 
ATOM 925  C CD  . LYS A 1 283 ? -43.849 25.316  21.151  1.00 87.46  ? 123 LYS A CD  1 
ATOM 926  C CE  . LYS A 1 283 ? -42.749 24.261  21.101  1.00 87.46  ? 123 LYS A CE  1 
ATOM 927  N NZ  . LYS A 1 283 ? -42.406 23.752  22.452  1.00 87.46  ? 123 LYS A NZ  1 
ATOM 928  N N   . GLY A 1 284 ? -43.580 29.880  20.236  1.00 82.13  ? 124 GLY A N   1 
ATOM 929  C CA  . GLY A 1 284 ? -44.703 30.784  20.333  1.00 82.13  ? 124 GLY A CA  1 
ATOM 930  C C   . GLY A 1 284 ? -44.507 32.095  19.614  1.00 82.13  ? 124 GLY A C   1 
ATOM 931  O O   . GLY A 1 284 ? -45.141 33.092  19.959  1.00 82.13  ? 124 GLY A O   1 
ATOM 932  N N   . MET A 1 285 ? -43.635 32.115  18.609  1.00 70.64  ? 125 MET A N   1 
ATOM 933  C CA  . MET A 1 285 ? -43.266 33.390  18.016  1.00 70.64  ? 125 MET A CA  1 
ATOM 934  C C   . MET A 1 285 ? -44.017 33.649  16.721  1.00 70.64  ? 125 MET A C   1 
ATOM 935  O O   . MET A 1 285 ? -44.466 34.774  16.478  1.00 70.64  ? 125 MET A O   1 
ATOM 936  C CB  . MET A 1 285 ? -41.769 33.434  17.781  1.00 70.64  ? 125 MET A CB  1 
ATOM 937  C CG  . MET A 1 285 ? -40.975 33.214  19.039  1.00 70.64  ? 125 MET A CG  1 
ATOM 938  S SD  . MET A 1 285 ? -41.188 34.514  20.254  1.00 70.64  ? 125 MET A SD  1 
ATOM 939  C CE  . MET A 1 285 ? -40.530 35.903  19.351  1.00 70.64  ? 125 MET A CE  1 
ATOM 940  N N   . THR A 1 286 ? -44.162 32.631  15.881  1.00 59.42  ? 126 THR A N   1 
ATOM 941  C CA  . THR A 1 286 ? -44.694 32.838  14.547  1.00 59.42  ? 126 THR A CA  1 
ATOM 942  C C   . THR A 1 286 ? -46.177 33.165  14.573  1.00 59.42  ? 126 THR A C   1 
ATOM 943  O O   . THR A 1 286 ? -46.926 32.709  15.435  1.00 59.42  ? 126 THR A O   1 
ATOM 944  C CB  . THR A 1 286 ? -44.459 31.605  13.686  1.00 59.42  ? 126 THR A CB  1 
ATOM 945  O OG1 . THR A 1 286 ? -45.111 31.777  12.427  1.00 59.42  ? 126 THR A OG1 1 
ATOM 946  C CG2 . THR A 1 286 ? -44.968 30.351  14.365  1.00 59.42  ? 126 THR A CG2 1 
ATOM 947  N N   . TRP A 1 287 ? -46.589 34.002  13.636  1.00 47.93  ? 127 TRP A N   1 
ATOM 948  C CA  . TRP A 1 287 ? -47.990 34.321  13.468  1.00 47.93  ? 127 TRP A CA  1 
ATOM 949  C C   . TRP A 1 287 ? -48.674 33.392  12.495  1.00 47.93  ? 127 TRP A C   1 
ATOM 950  O O   . TRP A 1 287 ? -49.891 33.483  12.332  1.00 47.93  ? 127 TRP A O   1 
ATOM 951  C CB  . TRP A 1 287 ? -48.162 35.760  12.972  1.00 47.93  ? 127 TRP A CB  1 
ATOM 952  C CG  . TRP A 1 287 ? -47.303 36.064  11.813  1.00 47.93  ? 127 TRP A CG  1 
ATOM 953  C CD1 . TRP A 1 287 ? -46.061 36.590  11.847  1.00 47.93  ? 127 TRP A CD1 1 
ATOM 954  C CD2 . TRP A 1 287 ? -47.610 35.851  10.443  1.00 47.93  ? 127 TRP A CD2 1 
ATOM 955  N NE1 . TRP A 1 287 ? -45.564 36.714  10.584  1.00 47.93  ? 127 TRP A NE1 1 
ATOM 956  C CE2 . TRP A 1 287 ? -46.507 36.271  9.701   1.00 47.93  ? 127 TRP A CE2 1 
ATOM 957  C CE3 . TRP A 1 287 ? -48.713 35.350  9.771   1.00 47.93  ? 127 TRP A CE3 1 
ATOM 958  C CZ2 . TRP A 1 287 ? -46.476 36.202  8.327   1.00 47.93  ? 127 TRP A CZ2 1 
ATOM 959  C CZ3 . TRP A 1 287 ? -48.676 35.279  8.427   1.00 47.93  ? 127 TRP A CZ3 1 
ATOM 960  C CH2 . TRP A 1 287 ? -47.571 35.698  7.709   1.00 47.93  ? 127 TRP A CH2 1 
ATOM 961  N N   . LYS A 1 288 ? -47.925 32.534  11.818  1.00 51.17  ? 128 LYS A N   1 
ATOM 962  C CA  . LYS A 1 288 ? -48.500 31.747  10.746  1.00 51.17  ? 128 LYS A CA  1 
ATOM 963  C C   . LYS A 1 288 ? -49.344 30.624  11.303  1.00 51.17  ? 128 LYS A C   1 
ATOM 964  O O   . LYS A 1 288 ? -49.292 30.308  12.492  1.00 51.17  ? 128 LYS A O   1 
ATOM 965  C CB  . LYS A 1 288 ? -47.417 31.169  9.847   1.00 51.17  ? 128 LYS A CB  1 
ATOM 966  C CG  . LYS A 1 288 ? -46.732 32.211  9.002   1.00 51.17  ? 128 LYS A CG  1 
ATOM 967  C CD  . LYS A 1 288 ? -46.242 31.631  7.708   1.00 51.17  ? 128 LYS A CD  1 
ATOM 968  C CE  . LYS A 1 288 ? -45.129 30.670  7.940   1.00 51.17  ? 128 LYS A CE  1 
ATOM 969  N NZ  . LYS A 1 288 ? -44.657 30.129  6.654   1.00 51.17  ? 128 LYS A NZ  1 
ATOM 970  N N   . ASN A 1 289 ? -50.154 30.049  10.443  1.00 55.63  ? 129 ASN A N   1 
ATOM 971  C CA  . ASN A 1 289 ? -50.902 28.869  10.794  1.00 55.63  ? 129 ASN A CA  1 
ATOM 972  C C   . ASN A 1 289 ? -51.044 27.918  9.624   1.00 55.63  ? 129 ASN A C   1 
ATOM 973  O O   . ASN A 1 289 ? -51.727 26.902  9.756   1.00 55.63  ? 129 ASN A O   1 
ATOM 974  C CB  . ASN A 1 289 ? -52.283 29.264  11.312  1.00 55.63  ? 129 ASN A CB  1 
ATOM 975  C CG  . ASN A 1 289 ? -52.664 28.495  12.510  1.00 55.63  ? 129 ASN A CG  1 
ATOM 976  O OD1 . ASN A 1 289 ? -51.870 27.721  13.024  1.00 55.63  ? 129 ASN A OD1 1 
ATOM 977  N ND2 . ASN A 1 289 ? -53.878 28.701  12.989  1.00 55.63  ? 129 ASN A ND2 1 
ATOM 978  N N   . TYR A 1 290 ? -50.415 28.208  8.490   1.00 59.18  ? 130 TYR A N   1 
ATOM 979  C CA  . TYR A 1 290 ? -50.802 27.580  7.239   1.00 59.18  ? 130 TYR A CA  1 
ATOM 980  C C   . TYR A 1 290 ? -49.630 27.029  6.449   1.00 59.18  ? 130 TYR A C   1 
ATOM 981  O O   . TYR A 1 290 ? -49.610 27.204  5.231   1.00 59.18  ? 130 TYR A O   1 
ATOM 982  C CB  . TYR A 1 290 ? -51.581 28.566  6.372   1.00 59.18  ? 130 TYR A CB  1 
ATOM 983  C CG  . TYR A 1 290 ? -51.032 29.971  6.253   1.00 59.18  ? 130 TYR A CG  1 
ATOM 984  C CD1 . TYR A 1 290 ? -49.835 30.235  5.606   1.00 59.18  ? 130 TYR A CD1 1 
ATOM 985  C CD2 . TYR A 1 290 ? -51.761 31.046  6.717   1.00 59.18  ? 130 TYR A CD2 1 
ATOM 986  C CE1 . TYR A 1 290 ? -49.360 31.496  5.467   1.00 59.18  ? 130 TYR A CE1 1 
ATOM 987  C CE2 . TYR A 1 290 ? -51.290 32.328  6.579   1.00 59.18  ? 130 TYR A CE2 1 
ATOM 988  C CZ  . TYR A 1 290 ? -50.087 32.543  5.953   1.00 59.18  ? 130 TYR A CZ  1 
ATOM 989  O OH  . TYR A 1 290 ? -49.602 33.811  5.801   1.00 59.18  ? 130 TYR A OH  1 
ATOM 990  N N   . VAL A 1 291 ? -48.764 26.245  7.091   1.00 66.19  ? 131 VAL A N   1 
ATOM 991  C CA  . VAL A 1 291 ? -47.344 26.075  6.783   1.00 66.19  ? 131 VAL A CA  1 
ATOM 992  C C   . VAL A 1 291 ? -46.970 26.051  5.305   1.00 66.19  ? 131 VAL A C   1 
ATOM 993  O O   . VAL A 1 291 ? -47.550 25.324  4.493   1.00 66.19  ? 131 VAL A O   1 
ATOM 994  C CB  . VAL A 1 291 ? -46.834 24.822  7.510   1.00 66.19  ? 131 VAL A CB  1 
ATOM 995  C CG1 . VAL A 1 291 ? -46.948 25.044  8.997   1.00 66.19  ? 131 VAL A CG1 1 
ATOM 996  C CG2 . VAL A 1 291 ? -47.678 23.604  7.161   1.00 66.19  ? 131 VAL A CG2 1 
ATOM 997  N N   . GLY A 1 292 ? -46.037 26.925  4.947   1.00 70.70  ? 132 GLY A N   1 
ATOM 998  C CA  . GLY A 1 292 ? -45.820 27.293  3.568   1.00 70.70  ? 132 GLY A CA  1 
ATOM 999  C C   . GLY A 1 292 ? -45.503 28.772  3.498   1.00 70.70  ? 132 GLY A C   1 
ATOM 1000 O O   . GLY A 1 292 ? -45.537 29.477  4.504   1.00 70.70  ? 132 GLY A O   1 
ATOM 1001 N N   . ARG A 1 293 ? -45.218 29.235  2.290   1.00 76.36  ? 133 ARG A N   1 
ATOM 1002 C CA  . ARG A 1 293 ? -44.796 30.616  2.096   1.00 76.36  ? 133 ARG A CA  1 
ATOM 1003 C C   . ARG A 1 293 ? -45.955 31.593  2.256   1.00 76.36  ? 133 ARG A C   1 
ATOM 1004 O O   . ARG A 1 293 ? -47.107 31.191  2.409   1.00 76.36  ? 133 ARG A O   1 
ATOM 1005 C CB  . ARG A 1 293 ? -44.161 30.783  0.719   1.00 76.36  ? 133 ARG A CB  1 
ATOM 1006 C CG  . ARG A 1 293 ? -43.673 32.182  0.432   1.00 76.36  ? 133 ARG A CG  1 
ATOM 1007 C CD  . ARG A 1 293 ? -43.590 32.428  -1.055  1.00 76.36  ? 133 ARG A CD  1 
ATOM 1008 N NE  . ARG A 1 293 ? -42.256 32.184  -1.582  1.00 76.36  ? 133 ARG A NE  1 
ATOM 1009 C CZ  . ARG A 1 293 ? -41.982 31.282  -2.513  1.00 76.36  ? 133 ARG A CZ  1 
ATOM 1010 N NH1 . ARG A 1 293 ? -40.740 31.124  -2.941  1.00 76.36  ? 133 ARG A NH1 1 
ATOM 1011 N NH2 . ARG A 1 293 ? -42.955 30.548  -3.025  1.00 76.36  ? 133 ARG A NH2 1 
# 
